data_8TCW
#
_entry.id   8TCW
#
_cell.length_a   110.013
_cell.length_b   178.781
_cell.length_c   87.724
_cell.angle_alpha   90.00
_cell.angle_beta   106.70
_cell.angle_gamma   90.00
#
_symmetry.space_group_name_H-M   'C 1 2 1'
#
loop_
_entity.id
_entity.type
_entity.pdbx_description
1 polymer 'Pyrroline-5-carboxylate reductase 1, mitochondrial'
2 non-polymer '2-methyl-3-(2-oxoimidazolidin-1-yl)benzoic acid'
3 non-polymer 'SULFATE ION'
4 water water
#
_entity_poly.entity_id   1
_entity_poly.type   'polypeptide(L)'
_entity_poly.pdbx_seq_one_letter_code
;MHHHHHHSSGVDLGTENLYFQSMSVGFIGAGQLAFALAKGFTAAGVLAAHKIMASSPDMDLATVSALRKMGVKLTPHNKE
TVQHSDVLFLAVKPHIIPFILDEIGADIEDRHIVVSCAAGVTISSIEKKLSAFRPAPRVIRCMTNTPVVVREGATVYATG
THAQVEDGRLMEQLLSSVGFCTEVEEDLIDAVTGLSGSGPAYAFTALDALADGGVKMGLPRRLAVRLGAQALLGAAKMLL
HSEQHPGQLKDNVSSPGGATIHALHVLESGGFRSLLINAVEASCIRTRELQSMADQEQVSPAAIKKTILDKVKLDS
;
_entity_poly.pdbx_strand_id   A,B,C,D,E
#
# COMPACT_ATOMS: atom_id res chain seq x y z
N GLU A 16 22.71 -26.03 -8.44
CA GLU A 16 23.97 -26.75 -8.61
C GLU A 16 23.70 -28.24 -8.86
N ASN A 17 23.35 -28.97 -7.79
CA ASN A 17 22.84 -30.33 -7.99
C ASN A 17 21.52 -30.32 -8.72
N LEU A 18 20.70 -29.28 -8.52
CA LEU A 18 19.47 -29.15 -9.29
C LEU A 18 19.78 -28.85 -10.75
N TYR A 19 20.78 -28.00 -11.01
CA TYR A 19 21.18 -27.71 -12.39
C TYR A 19 21.50 -28.99 -13.16
N PHE A 20 22.33 -29.86 -12.59
CA PHE A 20 22.73 -31.08 -13.29
C PHE A 20 21.62 -32.12 -13.35
N GLN A 21 20.51 -31.91 -12.65
CA GLN A 21 19.32 -32.70 -12.93
C GLN A 21 18.73 -32.35 -14.29
N SER A 22 19.04 -31.16 -14.82
CA SER A 22 18.60 -30.69 -16.13
C SER A 22 17.09 -30.90 -16.28
N MET A 23 16.37 -30.28 -15.37
CA MET A 23 14.92 -30.35 -15.36
C MET A 23 14.32 -29.51 -16.46
N SER A 24 13.27 -30.03 -17.07
CA SER A 24 12.41 -29.25 -17.95
C SER A 24 11.23 -28.74 -17.14
N VAL A 25 11.00 -27.44 -17.20
CA VAL A 25 9.94 -26.79 -16.43
C VAL A 25 8.94 -26.19 -17.39
N GLY A 26 7.66 -26.32 -17.05
CA GLY A 26 6.60 -25.69 -17.81
C GLY A 26 5.79 -24.78 -16.91
N PHE A 27 5.30 -23.69 -17.50
CA PHE A 27 4.33 -22.78 -16.90
C PHE A 27 3.11 -22.73 -17.81
N ILE A 28 1.96 -23.14 -17.29
CA ILE A 28 0.70 -22.83 -17.94
C ILE A 28 0.23 -21.50 -17.34
N GLY A 29 0.18 -20.46 -18.17
CA GLY A 29 0.06 -19.11 -17.68
C GLY A 29 1.41 -18.45 -17.86
N ALA A 30 1.45 -17.31 -18.54
CA ALA A 30 2.69 -16.58 -18.76
C ALA A 30 2.57 -15.17 -18.22
N GLY A 31 1.97 -15.02 -17.05
CA GLY A 31 1.77 -13.72 -16.43
C GLY A 31 2.93 -13.28 -15.56
N GLN A 32 2.60 -12.40 -14.59
CA GLN A 32 3.64 -11.80 -13.75
C GLN A 32 4.35 -12.85 -12.91
N LEU A 33 3.61 -13.82 -12.38
CA LEU A 33 4.24 -14.80 -11.49
C LEU A 33 5.12 -15.76 -12.25
N ALA A 34 4.65 -16.24 -13.42
CA ALA A 34 5.48 -17.09 -14.26
C ALA A 34 6.78 -16.40 -14.65
N PHE A 35 6.69 -15.11 -15.02
CA PHE A 35 7.89 -14.38 -15.38
C PHE A 35 8.81 -14.20 -14.18
N ALA A 36 8.25 -13.86 -13.02
CA ALA A 36 9.07 -13.72 -11.82
C ALA A 36 9.77 -15.02 -11.47
N LEU A 37 9.03 -16.15 -11.50
CA LEU A 37 9.66 -17.44 -11.22
C LEU A 37 10.71 -17.80 -12.28
N ALA A 38 10.40 -17.61 -13.56
CA ALA A 38 11.37 -17.92 -14.61
C ALA A 38 12.63 -17.09 -14.45
N LYS A 39 12.48 -15.77 -14.20
CA LYS A 39 13.62 -14.91 -13.98
C LYS A 39 14.42 -15.35 -12.77
N GLY A 40 13.74 -15.64 -11.66
CA GLY A 40 14.45 -16.05 -10.47
C GLY A 40 15.20 -17.35 -10.66
N PHE A 41 14.52 -18.36 -11.24
CA PHE A 41 15.15 -19.66 -11.44
C PHE A 41 16.40 -19.53 -12.30
N THR A 42 16.32 -18.74 -13.38
CA THR A 42 17.47 -18.61 -14.27
C THR A 42 18.58 -17.78 -13.62
N ALA A 43 18.22 -16.74 -12.87
CA ALA A 43 19.24 -15.96 -12.16
C ALA A 43 19.93 -16.82 -11.13
N ALA A 44 19.19 -17.72 -10.48
CA ALA A 44 19.78 -18.63 -9.52
C ALA A 44 20.71 -19.64 -10.16
N GLY A 45 20.62 -19.83 -11.48
CA GLY A 45 21.38 -20.87 -12.13
C GLY A 45 20.84 -22.27 -11.97
N VAL A 46 19.60 -22.44 -11.50
CA VAL A 46 19.08 -23.79 -11.35
C VAL A 46 18.46 -24.31 -12.65
N LEU A 47 18.02 -23.41 -13.52
CA LEU A 47 17.37 -23.79 -14.77
C LEU A 47 17.97 -22.97 -15.90
N ALA A 48 18.11 -23.60 -17.05
CA ALA A 48 18.40 -22.88 -18.28
C ALA A 48 17.12 -22.26 -18.81
N ALA A 49 17.17 -20.98 -19.19
CA ALA A 49 15.98 -20.31 -19.71
C ALA A 49 15.30 -21.12 -20.80
N HIS A 50 16.07 -21.70 -21.72
CA HIS A 50 15.52 -22.47 -22.82
C HIS A 50 15.05 -23.87 -22.41
N LYS A 51 15.25 -24.26 -21.14
CA LYS A 51 14.67 -25.46 -20.59
C LYS A 51 13.30 -25.19 -19.95
N ILE A 52 12.85 -23.94 -20.00
CA ILE A 52 11.53 -23.52 -19.54
C ILE A 52 10.63 -23.30 -20.75
N MET A 53 9.39 -23.74 -20.65
CA MET A 53 8.40 -23.48 -21.69
C MET A 53 7.14 -22.93 -21.03
N ALA A 54 6.53 -21.93 -21.66
CA ALA A 54 5.36 -21.30 -21.08
C ALA A 54 4.31 -21.15 -22.17
N SER A 55 3.05 -21.25 -21.75
CA SER A 55 1.93 -21.10 -22.68
C SER A 55 0.93 -20.11 -22.12
N SER A 56 0.22 -19.45 -23.03
CA SER A 56 -0.78 -18.44 -22.69
C SER A 56 -1.78 -18.34 -23.82
N PRO A 57 -3.08 -18.21 -23.51
CA PRO A 57 -4.04 -17.86 -24.56
C PRO A 57 -3.82 -16.47 -25.14
N ASP A 58 -3.22 -15.57 -24.37
CA ASP A 58 -2.92 -14.21 -24.82
C ASP A 58 -1.41 -14.10 -25.01
N MET A 59 -0.97 -14.25 -26.25
CA MET A 59 0.46 -14.13 -26.54
C MET A 59 0.91 -12.68 -26.70
N ASP A 60 0.01 -11.72 -26.50
CA ASP A 60 0.35 -10.30 -26.61
C ASP A 60 0.59 -9.64 -25.27
N LEU A 61 0.72 -10.42 -24.20
CA LEU A 61 1.05 -9.86 -22.90
C LEU A 61 2.50 -9.39 -22.88
N ALA A 62 2.77 -8.34 -22.11
CA ALA A 62 4.13 -7.84 -21.97
C ALA A 62 5.03 -8.88 -21.30
N THR A 63 4.48 -9.60 -20.32
CA THR A 63 5.25 -10.66 -19.66
C THR A 63 5.64 -11.76 -20.65
N VAL A 64 4.82 -12.00 -21.67
CA VAL A 64 5.21 -12.94 -22.72
C VAL A 64 6.44 -12.43 -23.47
N SER A 65 6.45 -11.14 -23.82
CA SER A 65 7.60 -10.56 -24.53
C SER A 65 8.86 -10.59 -23.68
N ALA A 66 8.73 -10.37 -22.37
CA ALA A 66 9.88 -10.48 -21.49
C ALA A 66 10.39 -11.91 -21.45
N LEU A 67 9.47 -12.87 -21.38
CA LEU A 67 9.88 -14.27 -21.39
C LEU A 67 10.61 -14.62 -22.68
N ARG A 68 10.11 -14.14 -23.84
CA ARG A 68 10.80 -14.35 -25.11
C ARG A 68 12.24 -13.86 -25.05
N LYS A 69 12.43 -12.63 -24.57
CA LYS A 69 13.76 -12.04 -24.55
C LYS A 69 14.70 -12.86 -23.67
N MET A 70 14.18 -13.42 -22.59
CA MET A 70 14.95 -14.28 -21.69
C MET A 70 15.44 -15.56 -22.34
N GLY A 71 14.81 -16.01 -23.42
CA GLY A 71 15.10 -17.31 -23.97
C GLY A 71 14.12 -18.41 -23.60
N VAL A 72 13.09 -18.10 -22.81
CA VAL A 72 12.06 -19.09 -22.49
C VAL A 72 11.29 -19.45 -23.75
N LYS A 73 10.98 -20.74 -23.92
CA LYS A 73 10.17 -21.18 -25.05
C LYS A 73 8.70 -20.84 -24.78
N LEU A 74 8.03 -20.30 -25.80
CA LEU A 74 6.64 -19.91 -25.70
C LEU A 74 5.82 -20.61 -26.77
N THR A 75 4.58 -20.97 -26.41
CA THR A 75 3.67 -21.67 -27.30
C THR A 75 2.26 -21.33 -26.88
N PRO A 76 1.33 -21.22 -27.82
CA PRO A 76 -0.08 -21.05 -27.44
C PRO A 76 -0.77 -22.34 -27.06
N HIS A 77 -0.07 -23.48 -27.14
CA HIS A 77 -0.66 -24.79 -26.91
C HIS A 77 -0.24 -25.32 -25.54
N ASN A 78 -1.21 -25.44 -24.64
CA ASN A 78 -0.94 -25.95 -23.29
C ASN A 78 -0.43 -27.39 -23.31
N LYS A 79 -0.90 -28.18 -24.27
CA LYS A 79 -0.43 -29.56 -24.38
C LYS A 79 1.08 -29.61 -24.64
N GLU A 80 1.59 -28.70 -25.47
CA GLU A 80 3.03 -28.66 -25.71
C GLU A 80 3.79 -28.37 -24.42
N THR A 81 3.31 -27.42 -23.61
CA THR A 81 3.93 -27.17 -22.31
C THR A 81 3.90 -28.42 -21.44
N VAL A 82 2.76 -29.10 -21.38
CA VAL A 82 2.69 -30.33 -20.58
C VAL A 82 3.70 -31.36 -21.06
N GLN A 83 3.75 -31.58 -22.39
CA GLN A 83 4.63 -32.62 -22.93
C GLN A 83 6.09 -32.29 -22.71
N HIS A 84 6.43 -31.00 -22.75
CA HIS A 84 7.79 -30.55 -22.51
C HIS A 84 8.22 -30.80 -21.05
N SER A 85 7.29 -30.61 -20.12
CA SER A 85 7.62 -30.42 -18.72
C SER A 85 7.90 -31.71 -17.98
N ASP A 86 8.76 -31.60 -16.96
CA ASP A 86 8.85 -32.56 -15.87
C ASP A 86 8.14 -32.02 -14.64
N VAL A 87 8.40 -30.76 -14.28
CA VAL A 87 7.70 -30.01 -13.25
C VAL A 87 6.80 -29.02 -13.97
N LEU A 88 5.50 -29.07 -13.70
CA LEU A 88 4.53 -28.25 -14.42
C LEU A 88 3.89 -27.27 -13.43
N PHE A 89 4.19 -25.99 -13.59
CA PHE A 89 3.61 -24.95 -12.74
C PHE A 89 2.30 -24.49 -13.35
N LEU A 90 1.24 -24.47 -12.53
CA LEU A 90 -0.03 -23.90 -12.95
C LEU A 90 -0.06 -22.48 -12.41
N ALA A 91 0.15 -21.51 -13.31
CA ALA A 91 0.29 -20.11 -12.95
C ALA A 91 -0.75 -19.25 -13.66
N VAL A 92 -1.94 -19.79 -13.85
CA VAL A 92 -3.05 -19.04 -14.37
C VAL A 92 -3.85 -18.54 -13.19
N LYS A 93 -4.82 -17.67 -13.48
CA LYS A 93 -5.66 -17.14 -12.42
C LYS A 93 -6.60 -18.24 -11.92
N PRO A 94 -7.07 -18.13 -10.67
CA PRO A 94 -7.79 -19.27 -10.05
C PRO A 94 -8.99 -19.76 -10.84
N HIS A 95 -9.78 -18.85 -11.41
CA HIS A 95 -10.95 -19.33 -12.15
C HIS A 95 -10.60 -20.02 -13.46
N ILE A 96 -9.35 -19.92 -13.92
CA ILE A 96 -8.94 -20.61 -15.14
C ILE A 96 -8.54 -22.05 -14.85
N ILE A 97 -8.21 -22.39 -13.59
CA ILE A 97 -7.61 -23.69 -13.29
C ILE A 97 -8.49 -24.86 -13.72
N PRO A 98 -9.78 -24.92 -13.39
CA PRO A 98 -10.59 -26.08 -13.81
C PRO A 98 -10.70 -26.23 -15.33
N PHE A 99 -10.65 -25.14 -16.08
CA PHE A 99 -10.65 -25.30 -17.53
C PHE A 99 -9.32 -25.87 -18.03
N ILE A 100 -8.21 -25.43 -17.42
CA ILE A 100 -6.90 -25.99 -17.76
C ILE A 100 -6.88 -27.49 -17.48
N LEU A 101 -7.35 -27.90 -16.30
CA LEU A 101 -7.30 -29.31 -15.94
C LEU A 101 -8.18 -30.15 -16.86
N ASP A 102 -9.32 -29.61 -17.29
CA ASP A 102 -10.13 -30.30 -18.30
C ASP A 102 -9.35 -30.48 -19.59
N GLU A 103 -8.64 -29.43 -20.01
CA GLU A 103 -8.02 -29.45 -21.33
C GLU A 103 -6.83 -30.40 -21.38
N ILE A 104 -5.92 -30.33 -20.41
CA ILE A 104 -4.71 -31.13 -20.50
C ILE A 104 -4.66 -32.26 -19.48
N GLY A 105 -5.77 -32.53 -18.79
CA GLY A 105 -5.77 -33.61 -17.82
C GLY A 105 -5.35 -34.94 -18.42
N ALA A 106 -5.77 -35.20 -19.66
CA ALA A 106 -5.40 -36.45 -20.31
C ALA A 106 -3.91 -36.50 -20.62
N ASP A 107 -3.22 -35.37 -20.60
CA ASP A 107 -1.80 -35.34 -20.96
C ASP A 107 -0.87 -35.40 -19.77
N ILE A 108 -1.39 -35.30 -18.54
CA ILE A 108 -0.53 -35.47 -17.37
C ILE A 108 -0.05 -36.90 -17.30
N GLU A 109 1.25 -37.10 -17.13
CA GLU A 109 1.83 -38.42 -17.07
C GLU A 109 2.28 -38.74 -15.66
N ASP A 110 2.56 -40.02 -15.43
CA ASP A 110 3.01 -40.43 -14.11
C ASP A 110 4.30 -39.73 -13.72
N ARG A 111 5.14 -39.37 -14.69
CA ARG A 111 6.40 -38.69 -14.42
C ARG A 111 6.22 -37.23 -14.01
N HIS A 112 5.03 -36.65 -14.12
CA HIS A 112 4.87 -35.21 -13.85
C HIS A 112 4.73 -34.91 -12.37
N ILE A 113 5.30 -33.78 -11.96
CA ILE A 113 4.91 -33.09 -10.73
C ILE A 113 4.15 -31.85 -11.15
N VAL A 114 2.89 -31.75 -10.71
CA VAL A 114 2.04 -30.60 -11.02
C VAL A 114 2.05 -29.68 -9.81
N VAL A 115 2.50 -28.45 -9.98
CA VAL A 115 2.60 -27.48 -8.90
C VAL A 115 1.60 -26.37 -9.17
N SER A 116 0.54 -26.31 -8.38
CA SER A 116 -0.43 -25.23 -8.53
C SER A 116 0.03 -24.03 -7.71
N CYS A 117 0.12 -22.86 -8.36
CA CYS A 117 0.41 -21.60 -7.69
C CYS A 117 -0.83 -20.75 -7.50
N ALA A 118 -1.98 -21.21 -7.98
CA ALA A 118 -3.17 -20.40 -7.98
C ALA A 118 -3.68 -20.18 -6.55
N ALA A 119 -4.01 -18.93 -6.25
CA ALA A 119 -4.58 -18.58 -4.96
C ALA A 119 -5.88 -19.33 -4.72
N GLY A 120 -5.99 -19.96 -3.55
CA GLY A 120 -7.22 -20.54 -3.10
C GLY A 120 -7.52 -21.95 -3.59
N VAL A 121 -6.94 -22.38 -4.70
CA VAL A 121 -7.33 -23.63 -5.35
C VAL A 121 -6.77 -24.80 -4.56
N THR A 122 -7.65 -25.69 -4.12
CA THR A 122 -7.24 -26.76 -3.23
C THR A 122 -6.62 -27.93 -3.98
N ILE A 123 -5.70 -28.62 -3.31
CA ILE A 123 -5.18 -29.88 -3.83
C ILE A 123 -6.32 -30.82 -4.19
N SER A 124 -7.35 -30.87 -3.35
CA SER A 124 -8.46 -31.79 -3.58
C SER A 124 -9.16 -31.52 -4.90
N SER A 125 -9.42 -30.25 -5.20
CA SER A 125 -10.08 -29.92 -6.46
C SER A 125 -9.22 -30.32 -7.65
N ILE A 126 -7.90 -30.16 -7.53
CA ILE A 126 -7.01 -30.51 -8.64
C ILE A 126 -6.95 -32.02 -8.82
N GLU A 127 -6.74 -32.76 -7.72
CA GLU A 127 -6.65 -34.21 -7.80
C GLU A 127 -7.97 -34.81 -8.28
N LYS A 128 -9.10 -34.21 -7.89
CA LYS A 128 -10.39 -34.72 -8.36
C LYS A 128 -10.45 -34.71 -9.88
N LYS A 129 -10.07 -33.59 -10.50
CA LYS A 129 -10.04 -33.52 -11.96
C LYS A 129 -9.03 -34.49 -12.55
N LEU A 130 -7.78 -34.43 -12.08
CA LEU A 130 -6.70 -35.21 -12.71
C LEU A 130 -6.86 -36.72 -12.47
N SER A 131 -7.49 -37.11 -11.36
CA SER A 131 -7.62 -38.53 -11.05
C SER A 131 -8.53 -39.27 -12.03
N ALA A 132 -9.40 -38.56 -12.73
CA ALA A 132 -10.21 -39.21 -13.76
C ALA A 132 -9.39 -39.67 -14.95
N PHE A 133 -8.13 -39.26 -15.06
CA PHE A 133 -7.25 -39.68 -16.14
C PHE A 133 -6.24 -40.66 -15.57
N ARG A 134 -5.07 -40.22 -15.14
CA ARG A 134 -4.22 -41.21 -14.50
C ARG A 134 -4.54 -41.28 -13.00
N PRO A 135 -4.40 -42.44 -12.35
CA PRO A 135 -4.95 -42.59 -10.99
C PRO A 135 -4.17 -41.89 -9.88
N ALA A 136 -2.89 -41.57 -10.05
CA ALA A 136 -2.07 -41.09 -8.93
C ALA A 136 -1.34 -39.80 -9.31
N PRO A 137 -2.06 -38.76 -9.74
CA PRO A 137 -1.38 -37.50 -10.10
C PRO A 137 -0.59 -36.95 -8.92
N ARG A 138 0.64 -36.53 -9.19
CA ARG A 138 1.53 -35.97 -8.17
C ARG A 138 1.35 -34.45 -8.12
N VAL A 139 0.75 -33.96 -7.04
CA VAL A 139 0.28 -32.59 -6.99
C VAL A 139 0.90 -31.93 -5.77
N ILE A 140 1.38 -30.71 -5.96
CA ILE A 140 1.88 -29.88 -4.88
C ILE A 140 1.20 -28.52 -5.01
N ARG A 141 0.77 -27.97 -3.90
CA ARG A 141 0.20 -26.63 -3.91
C ARG A 141 1.18 -25.67 -3.27
N CYS A 142 1.38 -24.51 -3.89
CA CYS A 142 2.26 -23.53 -3.29
C CYS A 142 1.64 -22.15 -3.37
N MET A 143 2.15 -21.28 -2.52
CA MET A 143 1.87 -19.86 -2.56
C MET A 143 3.22 -19.19 -2.47
N THR A 144 3.60 -18.49 -3.53
CA THR A 144 4.86 -17.77 -3.58
C THR A 144 4.52 -16.30 -3.82
N ASN A 145 5.51 -15.48 -4.18
CA ASN A 145 5.22 -14.08 -4.45
C ASN A 145 6.26 -13.53 -5.42
N THR A 146 5.98 -12.33 -5.93
CA THR A 146 6.79 -11.82 -7.03
C THR A 146 8.25 -11.53 -6.66
N PRO A 147 8.61 -11.26 -5.38
CA PRO A 147 10.05 -11.08 -5.08
C PRO A 147 10.93 -12.30 -5.36
N VAL A 148 10.37 -13.42 -5.83
CA VAL A 148 11.27 -14.46 -6.33
C VAL A 148 12.13 -13.89 -7.46
N VAL A 149 11.63 -12.84 -8.14
CA VAL A 149 12.36 -12.28 -9.28
C VAL A 149 13.72 -11.75 -8.84
N VAL A 150 13.86 -11.30 -7.59
CA VAL A 150 15.17 -10.93 -7.03
C VAL A 150 15.65 -11.97 -6.02
N ARG A 151 15.16 -13.21 -6.14
CA ARG A 151 15.55 -14.34 -5.30
C ARG A 151 15.35 -14.05 -3.81
N GLU A 152 14.30 -13.31 -3.47
CA GLU A 152 13.93 -13.06 -2.08
C GLU A 152 12.46 -13.36 -1.85
N GLY A 153 11.96 -14.38 -2.54
CA GLY A 153 10.56 -14.76 -2.38
C GLY A 153 10.27 -15.33 -1.02
N ALA A 154 8.98 -15.41 -0.74
CA ALA A 154 8.44 -16.13 0.40
C ALA A 154 7.50 -17.19 -0.14
N THR A 155 7.83 -18.46 0.09
CA THR A 155 7.10 -19.56 -0.53
C THR A 155 6.71 -20.56 0.54
N VAL A 156 5.47 -21.02 0.50
CA VAL A 156 5.10 -22.21 1.25
C VAL A 156 4.51 -23.21 0.27
N TYR A 157 4.57 -24.49 0.64
CA TYR A 157 3.99 -25.52 -0.21
C TYR A 157 3.40 -26.62 0.66
N ALA A 158 2.45 -27.35 0.08
CA ALA A 158 1.85 -28.53 0.70
C ALA A 158 1.79 -29.64 -0.33
N THR A 159 2.14 -30.85 0.09
CA THR A 159 2.20 -31.99 -0.81
C THR A 159 0.87 -32.70 -0.85
N GLY A 160 0.49 -33.16 -2.04
CA GLY A 160 -0.79 -33.82 -2.23
C GLY A 160 -0.73 -35.29 -1.86
N THR A 161 -1.85 -35.96 -2.12
CA THR A 161 -2.03 -37.36 -1.76
C THR A 161 -0.95 -38.28 -2.34
N HIS A 162 -0.61 -38.07 -3.61
CA HIS A 162 0.31 -38.97 -4.30
C HIS A 162 1.69 -38.37 -4.52
N ALA A 163 1.94 -37.16 -4.01
CA ALA A 163 3.28 -36.59 -4.09
C ALA A 163 4.26 -37.47 -3.33
N GLN A 164 5.37 -37.83 -3.96
CA GLN A 164 6.39 -38.60 -3.26
C GLN A 164 7.13 -37.70 -2.26
N VAL A 165 7.74 -38.35 -1.28
CA VAL A 165 8.57 -37.60 -0.33
C VAL A 165 9.67 -36.88 -1.07
N GLU A 166 10.25 -37.54 -2.09
CA GLU A 166 11.24 -36.87 -2.92
C GLU A 166 10.64 -35.69 -3.68
N ASP A 167 9.32 -35.68 -3.93
CA ASP A 167 8.71 -34.59 -4.67
C ASP A 167 8.70 -33.32 -3.82
N GLY A 168 8.32 -33.46 -2.54
CA GLY A 168 8.37 -32.32 -1.65
C GLY A 168 9.77 -31.77 -1.46
N ARG A 169 10.76 -32.66 -1.36
CA ARG A 169 12.15 -32.22 -1.20
C ARG A 169 12.65 -31.50 -2.44
N LEU A 170 12.34 -32.03 -3.62
CA LEU A 170 12.71 -31.37 -4.86
C LEU A 170 12.08 -29.98 -4.94
N MET A 171 10.81 -29.88 -4.62
CA MET A 171 10.10 -28.61 -4.65
CA MET A 171 10.16 -28.58 -4.70
C MET A 171 10.74 -27.61 -3.69
N GLU A 172 11.06 -28.08 -2.48
CA GLU A 172 11.70 -27.18 -1.54
C GLU A 172 13.08 -26.74 -2.03
N GLN A 173 13.85 -27.64 -2.63
CA GLN A 173 15.15 -27.27 -3.17
C GLN A 173 15.00 -26.21 -4.25
N LEU A 174 14.05 -26.41 -5.16
CA LEU A 174 13.86 -25.49 -6.27
C LEU A 174 13.41 -24.12 -5.78
N LEU A 175 12.39 -24.08 -4.92
CA LEU A 175 11.85 -22.80 -4.50
C LEU A 175 12.78 -22.12 -3.50
N SER A 176 13.59 -22.89 -2.78
CA SER A 176 14.58 -22.26 -1.89
C SER A 176 15.65 -21.51 -2.68
N SER A 177 15.82 -21.83 -3.95
CA SER A 177 16.82 -21.11 -4.73
C SER A 177 16.40 -19.68 -5.02
N VAL A 178 15.13 -19.32 -4.76
CA VAL A 178 14.64 -17.98 -5.08
C VAL A 178 14.03 -17.29 -3.86
N GLY A 179 14.32 -17.80 -2.67
CA GLY A 179 13.86 -17.14 -1.46
C GLY A 179 13.61 -18.17 -0.36
N PHE A 180 12.89 -17.71 0.66
CA PHE A 180 12.47 -18.59 1.74
C PHE A 180 11.42 -19.58 1.24
N CYS A 181 11.53 -20.84 1.67
CA CYS A 181 10.56 -21.86 1.28
C CYS A 181 10.38 -22.85 2.41
N THR A 182 9.14 -23.20 2.72
CA THR A 182 8.92 -24.16 3.79
C THR A 182 7.61 -24.90 3.54
N GLU A 183 7.56 -26.15 3.99
CA GLU A 183 6.34 -26.94 3.90
C GLU A 183 5.37 -26.52 4.99
N VAL A 184 4.08 -26.44 4.64
CA VAL A 184 3.00 -26.22 5.60
C VAL A 184 1.88 -27.21 5.32
N GLU A 185 1.02 -27.40 6.30
CA GLU A 185 -0.27 -28.05 6.07
C GLU A 185 -1.09 -27.17 5.13
N GLU A 186 -1.86 -27.80 4.25
CA GLU A 186 -2.55 -27.01 3.23
C GLU A 186 -3.53 -26.00 3.84
N ASP A 187 -4.09 -26.28 5.03
CA ASP A 187 -5.09 -25.37 5.58
C ASP A 187 -4.52 -24.01 5.99
N LEU A 188 -3.21 -23.84 5.99
CA LEU A 188 -2.60 -22.54 6.27
C LEU A 188 -2.43 -21.67 5.02
N ILE A 189 -2.64 -22.22 3.81
CA ILE A 189 -2.14 -21.52 2.62
C ILE A 189 -3.00 -20.29 2.29
N ASP A 190 -4.31 -20.33 2.55
CA ASP A 190 -5.12 -19.14 2.30
C ASP A 190 -4.64 -17.96 3.17
N ALA A 191 -4.29 -18.24 4.43
CA ALA A 191 -3.76 -17.21 5.31
C ALA A 191 -2.40 -16.70 4.82
N VAL A 192 -1.51 -17.61 4.44
CA VAL A 192 -0.23 -17.21 3.84
C VAL A 192 -0.46 -16.29 2.66
N THR A 193 -1.46 -16.60 1.83
CA THR A 193 -1.79 -15.74 0.70
C THR A 193 -2.06 -14.32 1.16
N GLY A 194 -2.88 -14.16 2.20
CA GLY A 194 -3.18 -12.83 2.68
C GLY A 194 -1.99 -12.11 3.27
N LEU A 195 -0.96 -12.85 3.72
CA LEU A 195 0.19 -12.25 4.36
C LEU A 195 1.36 -12.04 3.42
N SER A 196 2.00 -13.11 2.94
CA SER A 196 3.15 -12.94 2.07
C SER A 196 2.84 -12.99 0.58
N GLY A 197 1.72 -13.61 0.18
CA GLY A 197 1.34 -13.56 -1.23
C GLY A 197 0.93 -12.16 -1.66
N SER A 198 0.05 -11.53 -0.89
CA SER A 198 -0.35 -10.15 -1.11
C SER A 198 0.61 -9.14 -0.47
N GLY A 199 1.46 -9.58 0.46
CA GLY A 199 2.33 -8.69 1.19
C GLY A 199 3.18 -7.69 0.41
N PRO A 200 3.82 -8.11 -0.68
CA PRO A 200 4.60 -7.12 -1.44
C PRO A 200 3.78 -5.91 -1.89
N ALA A 201 2.50 -6.11 -2.23
CA ALA A 201 1.65 -4.98 -2.62
C ALA A 201 1.45 -3.99 -1.46
N TYR A 202 1.26 -4.50 -0.23
CA TYR A 202 1.16 -3.60 0.92
C TYR A 202 2.43 -2.80 1.06
N ALA A 203 3.59 -3.44 0.81
CA ALA A 203 4.87 -2.77 0.94
C ALA A 203 5.06 -1.75 -0.18
N PHE A 204 4.66 -2.08 -1.40
CA PHE A 204 4.76 -1.09 -2.46
C PHE A 204 3.91 0.13 -2.15
N THR A 205 2.70 -0.09 -1.63
CA THR A 205 1.85 1.03 -1.22
C THR A 205 2.52 1.86 -0.14
N ALA A 206 3.10 1.18 0.86
CA ALA A 206 3.78 1.85 1.96
C ALA A 206 4.98 2.64 1.47
N LEU A 207 5.74 2.07 0.52
CA LEU A 207 6.94 2.75 0.02
C LEU A 207 6.56 3.99 -0.77
N ASP A 208 5.50 3.90 -1.57
CA ASP A 208 5.00 5.06 -2.28
C ASP A 208 4.59 6.17 -1.30
N ALA A 209 3.92 5.80 -0.20
CA ALA A 209 3.44 6.80 0.75
C ALA A 209 4.57 7.40 1.57
N LEU A 210 5.51 6.57 2.05
CA LEU A 210 6.69 7.07 2.74
C LEU A 210 7.47 8.02 1.86
N ALA A 211 7.62 7.69 0.58
CA ALA A 211 8.27 8.60 -0.36
C ALA A 211 7.52 9.93 -0.44
N ASP A 212 6.17 9.89 -0.53
CA ASP A 212 5.40 11.14 -0.53
C ASP A 212 5.69 11.95 0.73
N GLY A 213 5.77 11.29 1.88
CA GLY A 213 6.09 11.98 3.11
C GLY A 213 7.47 12.58 3.08
N GLY A 214 8.44 11.84 2.52
CA GLY A 214 9.77 12.40 2.32
C GLY A 214 9.72 13.64 1.45
N VAL A 215 9.00 13.54 0.33
CA VAL A 215 8.87 14.68 -0.58
C VAL A 215 8.16 15.84 0.10
N LYS A 216 7.13 15.56 0.91
CA LYS A 216 6.42 16.66 1.57
C LYS A 216 7.36 17.45 2.48
N MET A 217 8.27 16.75 3.15
CA MET A 217 9.22 17.36 4.06
C MET A 217 10.47 17.88 3.37
N GLY A 218 10.52 17.88 2.03
CA GLY A 218 11.55 18.59 1.30
C GLY A 218 12.54 17.71 0.52
N LEU A 219 12.44 16.35 0.55
CA LEU A 219 13.41 15.48 -0.14
C LEU A 219 13.05 15.34 -1.62
N PRO A 220 14.06 15.31 -2.49
CA PRO A 220 13.83 14.88 -3.87
C PRO A 220 13.23 13.49 -3.90
N ARG A 221 12.30 13.29 -4.86
CA ARG A 221 11.61 12.01 -4.97
C ARG A 221 12.59 10.84 -5.10
N ARG A 222 13.59 10.96 -5.98
CA ARG A 222 14.50 9.85 -6.20
C ARG A 222 15.14 9.39 -4.90
N LEU A 223 15.60 10.35 -4.09
CA LEU A 223 16.24 10.05 -2.81
C LEU A 223 15.25 9.48 -1.81
N ALA A 224 14.04 10.04 -1.75
CA ALA A 224 13.05 9.55 -0.79
C ALA A 224 12.66 8.10 -1.08
N VAL A 225 12.49 7.76 -2.36
CA VAL A 225 12.20 6.37 -2.75
C VAL A 225 13.32 5.44 -2.30
N ARG A 226 14.56 5.76 -2.69
CA ARG A 226 15.73 4.96 -2.31
C ARG A 226 15.83 4.77 -0.78
N LEU A 227 15.69 5.87 -0.02
CA LEU A 227 15.88 5.80 1.43
C LEU A 227 14.78 5.02 2.11
N GLY A 228 13.53 5.24 1.68
CA GLY A 228 12.42 4.49 2.25
C GLY A 228 12.55 3.00 1.98
N ALA A 229 12.92 2.64 0.75
CA ALA A 229 13.09 1.23 0.41
C ALA A 229 14.23 0.59 1.19
N GLN A 230 15.35 1.31 1.31
CA GLN A 230 16.49 0.80 2.07
C GLN A 230 16.14 0.64 3.55
N ALA A 231 15.33 1.56 4.09
CA ALA A 231 14.91 1.46 5.49
C ALA A 231 14.06 0.21 5.72
N LEU A 232 13.10 -0.04 4.84
CA LEU A 232 12.27 -1.24 4.97
C LEU A 232 13.07 -2.51 4.78
N LEU A 233 13.97 -2.52 3.79
CA LEU A 233 14.81 -3.69 3.58
C LEU A 233 15.68 -3.96 4.81
N GLY A 234 16.36 -2.92 5.31
CA GLY A 234 17.21 -3.12 6.48
C GLY A 234 16.43 -3.56 7.70
N ALA A 235 15.24 -2.97 7.92
CA ALA A 235 14.43 -3.36 9.06
C ALA A 235 14.00 -4.83 8.97
N ALA A 236 13.49 -5.24 7.81
CA ALA A 236 13.12 -6.64 7.62
C ALA A 236 14.31 -7.55 7.87
N LYS A 237 15.47 -7.20 7.31
CA LYS A 237 16.64 -8.04 7.51
C LYS A 237 17.04 -8.10 8.98
N MET A 238 17.05 -6.95 9.66
CA MET A 238 17.31 -6.93 11.10
C MET A 238 16.43 -7.91 11.85
N LEU A 239 15.11 -7.82 11.61
CA LEU A 239 14.16 -8.73 12.25
C LEU A 239 14.48 -10.20 11.94
N LEU A 240 14.69 -10.51 10.66
CA LEU A 240 14.96 -11.89 10.27
C LEU A 240 16.22 -12.43 10.93
N HIS A 241 17.21 -11.57 11.17
CA HIS A 241 18.47 -12.00 11.78
C HIS A 241 18.48 -11.85 13.30
N SER A 242 17.43 -11.30 13.88
CA SER A 242 17.31 -11.13 15.32
C SER A 242 16.45 -12.24 15.91
N GLU A 243 16.80 -12.68 17.11
CA GLU A 243 15.92 -13.55 17.87
C GLU A 243 14.94 -12.77 18.71
N GLN A 244 14.62 -11.55 18.31
CA GLN A 244 13.92 -10.60 19.15
C GLN A 244 12.56 -10.26 18.57
N HIS A 245 11.65 -9.97 19.49
CA HIS A 245 10.31 -9.57 19.11
C HIS A 245 10.37 -8.26 18.34
N PRO A 246 9.55 -8.08 17.30
CA PRO A 246 9.54 -6.80 16.59
C PRO A 246 9.21 -5.62 17.50
N GLY A 247 8.39 -5.82 18.53
CA GLY A 247 8.15 -4.76 19.49
C GLY A 247 9.40 -4.42 20.27
N GLN A 248 10.26 -5.41 20.53
CA GLN A 248 11.53 -5.10 21.19
C GLN A 248 12.44 -4.29 20.28
N LEU A 249 12.50 -4.63 18.99
CA LEU A 249 13.29 -3.82 18.08
C LEU A 249 12.73 -2.40 17.99
N LYS A 250 11.39 -2.27 17.98
CA LYS A 250 10.76 -0.96 18.04
C LYS A 250 11.18 -0.20 19.29
N ASP A 251 11.13 -0.86 20.45
CA ASP A 251 11.57 -0.22 21.69
C ASP A 251 13.01 0.23 21.58
N ASN A 252 13.87 -0.59 20.95
CA ASN A 252 15.29 -0.29 20.88
C ASN A 252 15.59 0.94 20.04
N VAL A 253 14.72 1.29 19.10
CA VAL A 253 14.99 2.44 18.25
C VAL A 253 14.18 3.67 18.63
N SER A 254 13.32 3.58 19.65
CA SER A 254 12.42 4.67 20.04
C SER A 254 13.01 5.44 21.22
N SER A 255 13.80 6.46 20.92
CA SER A 255 14.45 7.25 21.96
C SER A 255 13.44 8.08 22.75
N PRO A 256 13.58 8.17 24.08
CA PRO A 256 12.61 8.92 24.88
C PRO A 256 12.45 10.37 24.40
N GLY A 257 11.19 10.78 24.22
CA GLY A 257 10.87 12.13 23.78
C GLY A 257 11.24 12.46 22.35
N GLY A 258 11.78 11.50 21.59
CA GLY A 258 12.41 11.79 20.32
C GLY A 258 11.45 11.74 19.12
N ALA A 259 12.05 11.90 17.95
CA ALA A 259 11.28 12.00 16.71
C ALA A 259 10.56 10.70 16.40
N THR A 260 11.22 9.57 16.63
CA THR A 260 10.64 8.30 16.23
C THR A 260 9.39 7.97 17.05
N ILE A 261 9.43 8.19 18.38
CA ILE A 261 8.25 7.88 19.18
C ILE A 261 7.12 8.84 18.86
N HIS A 262 7.42 10.09 18.49
CA HIS A 262 6.35 11.00 18.06
C HIS A 262 5.68 10.49 16.78
N ALA A 263 6.47 10.02 15.81
CA ALA A 263 5.91 9.43 14.60
C ALA A 263 5.13 8.14 14.89
N LEU A 264 5.62 7.31 15.81
CA LEU A 264 4.87 6.10 16.11
C LEU A 264 3.50 6.44 16.70
N HIS A 265 3.42 7.53 17.47
CA HIS A 265 2.13 7.91 18.03
C HIS A 265 1.13 8.24 16.93
N VAL A 266 1.56 8.98 15.89
CA VAL A 266 0.56 9.33 14.88
C VAL A 266 0.16 8.09 14.06
N LEU A 267 1.05 7.10 13.92
CA LEU A 267 0.61 5.84 13.32
C LEU A 267 -0.44 5.17 14.19
N GLU A 268 -0.21 5.12 15.50
CA GLU A 268 -1.19 4.53 16.39
C GLU A 268 -2.54 5.25 16.32
N SER A 269 -2.52 6.59 16.25
CA SER A 269 -3.78 7.32 16.29
C SER A 269 -4.63 7.06 15.07
N GLY A 270 -4.03 6.67 13.95
CA GLY A 270 -4.86 6.27 12.82
C GLY A 270 -5.18 4.79 12.78
N GLY A 271 -4.81 4.02 13.80
CA GLY A 271 -5.07 2.59 13.73
C GLY A 271 -4.26 1.89 12.66
N PHE A 272 -3.03 2.34 12.43
CA PHE A 272 -2.10 1.72 11.49
C PHE A 272 -2.08 0.20 11.61
N ARG A 273 -1.84 -0.30 12.83
CA ARG A 273 -1.80 -1.76 13.03
C ARG A 273 -3.08 -2.42 12.53
N SER A 274 -4.24 -1.87 12.87
CA SER A 274 -5.49 -2.52 12.50
C SER A 274 -5.66 -2.58 10.98
N LEU A 275 -5.13 -1.60 10.24
CA LEU A 275 -5.29 -1.63 8.78
C LEU A 275 -4.52 -2.79 8.16
N LEU A 276 -3.32 -3.08 8.69
CA LEU A 276 -2.56 -4.22 8.16
C LEU A 276 -3.22 -5.54 8.55
N ILE A 277 -3.78 -5.64 9.76
CA ILE A 277 -4.58 -6.81 10.09
C ILE A 277 -5.78 -6.92 9.15
N ASN A 278 -6.47 -5.79 8.91
CA ASN A 278 -7.62 -5.80 8.02
C ASN A 278 -7.23 -6.32 6.66
N ALA A 279 -6.06 -5.89 6.18
CA ALA A 279 -5.57 -6.28 4.85
C ALA A 279 -5.32 -7.77 4.76
N VAL A 280 -4.55 -8.33 5.69
CA VAL A 280 -4.29 -9.77 5.69
C VAL A 280 -5.61 -10.53 5.74
N GLU A 281 -6.53 -10.10 6.60
CA GLU A 281 -7.82 -10.76 6.70
C GLU A 281 -8.60 -10.66 5.39
N ALA A 282 -8.64 -9.45 4.78
CA ALA A 282 -9.44 -9.28 3.58
C ALA A 282 -8.92 -10.11 2.43
N SER A 283 -7.59 -10.19 2.28
CA SER A 283 -7.01 -11.00 1.22
C SER A 283 -7.26 -12.48 1.47
N CYS A 284 -7.07 -12.93 2.71
CA CYS A 284 -7.37 -14.32 3.06
C CYS A 284 -8.83 -14.66 2.80
N ILE A 285 -9.74 -13.79 3.21
CA ILE A 285 -11.16 -14.09 3.06
C ILE A 285 -11.54 -14.14 1.57
N ARG A 286 -11.02 -13.20 0.78
CA ARG A 286 -11.30 -13.20 -0.65
C ARG A 286 -10.77 -14.48 -1.30
N THR A 287 -9.58 -14.91 -0.89
CA THR A 287 -8.99 -16.14 -1.42
C THR A 287 -9.92 -17.32 -1.17
N ARG A 288 -10.45 -17.43 0.06
CA ARG A 288 -11.37 -18.51 0.39
C ARG A 288 -12.68 -18.38 -0.38
N GLU A 289 -13.16 -17.14 -0.50
CA GLU A 289 -14.45 -16.88 -1.14
C GLU A 289 -14.42 -17.25 -2.62
N LEU A 290 -13.31 -16.97 -3.30
CA LEU A 290 -13.20 -17.35 -4.70
C LEU A 290 -13.21 -18.87 -4.86
N GLN A 291 -12.56 -19.60 -3.93
CA GLN A 291 -12.58 -21.05 -4.03
C GLN A 291 -13.96 -21.63 -3.72
N SER A 292 -14.63 -21.10 -2.70
CA SER A 292 -15.98 -21.58 -2.39
C SER A 292 -16.94 -21.34 -3.54
N MET A 293 -16.73 -20.26 -4.30
CA MET A 293 -17.54 -20.03 -5.50
C MET A 293 -17.23 -21.06 -6.57
N ALA A 294 -15.94 -21.37 -6.78
CA ALA A 294 -15.55 -22.37 -7.77
C ALA A 294 -16.00 -23.77 -7.36
N ASP A 295 -15.88 -24.12 -6.07
CA ASP A 295 -16.23 -25.46 -5.61
C ASP A 295 -17.74 -25.68 -5.57
N GLN A 296 -18.55 -24.62 -5.46
CA GLN A 296 -19.99 -24.78 -5.62
C GLN A 296 -20.34 -25.08 -7.08
N GLU A 297 -19.63 -24.45 -8.02
CA GLU A 297 -19.82 -24.74 -9.44
C GLU A 297 -18.85 -25.83 -9.91
N ASN B 17 37.16 -5.46 -0.58
CA ASN B 17 38.50 -5.55 -0.03
C ASN B 17 38.95 -4.23 0.61
N LEU B 18 38.05 -3.62 1.36
CA LEU B 18 38.31 -2.36 2.01
C LEU B 18 38.84 -2.60 3.42
N TYR B 19 39.78 -1.75 3.85
CA TYR B 19 40.29 -1.84 5.21
C TYR B 19 41.07 -0.57 5.55
N PHE B 20 40.66 0.10 6.62
CA PHE B 20 41.28 1.36 7.04
C PHE B 20 42.36 1.04 8.08
N GLN B 21 43.55 0.70 7.56
CA GLN B 21 44.65 0.29 8.43
C GLN B 21 45.12 1.43 9.35
N SER B 22 45.04 2.68 8.90
CA SER B 22 45.60 3.78 9.67
C SER B 22 44.54 4.56 10.43
N MET B 23 43.37 3.95 10.67
CA MET B 23 42.23 4.65 11.23
C MET B 23 41.82 4.05 12.57
N SER B 24 41.74 4.89 13.59
CA SER B 24 41.16 4.54 14.89
C SER B 24 39.81 5.21 15.01
N VAL B 25 38.80 4.45 15.42
CA VAL B 25 37.44 4.97 15.53
C VAL B 25 37.02 4.98 16.98
N GLY B 26 36.43 6.09 17.43
CA GLY B 26 35.86 6.18 18.76
C GLY B 26 34.37 6.52 18.72
N PHE B 27 33.63 5.95 19.66
CA PHE B 27 32.22 6.28 19.86
C PHE B 27 32.06 6.93 21.23
N ILE B 28 31.60 8.17 21.24
CA ILE B 28 31.11 8.77 22.48
C ILE B 28 29.62 8.45 22.57
N GLY B 29 29.25 7.68 23.60
CA GLY B 29 27.96 7.03 23.66
C GLY B 29 28.13 5.58 23.28
N ALA B 30 27.54 4.67 24.05
CA ALA B 30 27.65 3.25 23.77
C ALA B 30 26.27 2.60 23.78
N GLY B 31 25.32 3.24 23.13
CA GLY B 31 23.95 2.78 23.04
C GLY B 31 23.69 1.95 21.79
N GLN B 32 22.41 1.95 21.37
CA GLN B 32 21.98 1.13 20.24
C GLN B 32 22.74 1.48 18.97
N LEU B 33 22.83 2.78 18.66
CA LEU B 33 23.43 3.18 17.39
C LEU B 33 24.94 2.89 17.38
N ALA B 34 25.64 3.14 18.49
CA ALA B 34 27.07 2.84 18.53
C ALA B 34 27.32 1.34 18.35
N PHE B 35 26.55 0.50 19.04
CA PHE B 35 26.70 -0.94 18.87
C PHE B 35 26.44 -1.36 17.42
N ALA B 36 25.37 -0.84 16.82
CA ALA B 36 25.02 -1.22 15.46
C ALA B 36 26.15 -0.89 14.48
N LEU B 37 26.70 0.33 14.59
CA LEU B 37 27.79 0.75 13.71
C LEU B 37 29.05 -0.08 13.97
N ALA B 38 29.41 -0.31 15.23
CA ALA B 38 30.59 -1.12 15.52
C ALA B 38 30.42 -2.53 14.99
N LYS B 39 29.26 -3.12 15.21
CA LYS B 39 29.02 -4.47 14.69
C LYS B 39 29.03 -4.47 13.18
N GLY B 40 28.38 -3.48 12.56
CA GLY B 40 28.44 -3.36 11.10
C GLY B 40 29.87 -3.25 10.58
N PHE B 41 30.66 -2.33 11.16
CA PHE B 41 32.03 -2.11 10.68
C PHE B 41 32.89 -3.35 10.83
N THR B 42 32.76 -4.05 11.96
CA THR B 42 33.53 -5.27 12.16
C THR B 42 33.08 -6.37 11.22
N ALA B 43 31.77 -6.59 11.12
CA ALA B 43 31.27 -7.62 10.22
C ALA B 43 31.68 -7.34 8.78
N ALA B 44 31.77 -6.07 8.39
CA ALA B 44 32.23 -5.73 7.05
C ALA B 44 33.72 -6.01 6.86
N GLY B 45 34.48 -6.15 7.95
CA GLY B 45 35.91 -6.33 7.89
C GLY B 45 36.72 -5.07 7.69
N VAL B 46 36.07 -3.90 7.63
CA VAL B 46 36.79 -2.67 7.34
C VAL B 46 37.51 -2.13 8.56
N LEU B 47 37.16 -2.59 9.75
CA LEU B 47 37.83 -2.23 10.99
C LEU B 47 37.88 -3.45 11.88
N ALA B 48 39.00 -3.62 12.57
CA ALA B 48 39.10 -4.62 13.64
C ALA B 48 38.55 -4.04 14.93
N ALA B 49 37.82 -4.86 15.69
CA ALA B 49 37.13 -4.36 16.87
C ALA B 49 38.10 -3.74 17.88
N HIS B 50 39.34 -4.24 17.95
CA HIS B 50 40.33 -3.70 18.88
C HIS B 50 40.80 -2.31 18.50
N LYS B 51 40.53 -1.84 17.29
CA LYS B 51 40.81 -0.47 16.90
C LYS B 51 39.63 0.45 17.13
N ILE B 52 38.62 -0.02 17.85
CA ILE B 52 37.43 0.77 18.15
C ILE B 52 37.35 0.92 19.67
N MET B 53 37.10 2.14 20.12
CA MET B 53 36.89 2.44 21.54
C MET B 53 35.54 3.13 21.70
N ALA B 54 34.82 2.78 22.76
CA ALA B 54 33.56 3.45 23.07
C ALA B 54 33.54 3.86 24.54
N SER B 55 32.95 5.02 24.81
CA SER B 55 32.76 5.48 26.18
C SER B 55 31.27 5.67 26.43
N SER B 56 30.89 5.55 27.71
CA SER B 56 29.50 5.67 28.09
C SER B 56 29.42 6.06 29.56
N PRO B 57 28.54 6.98 29.93
CA PRO B 57 28.33 7.26 31.37
C PRO B 57 27.79 6.06 32.14
N ASP B 58 27.27 5.05 31.45
CA ASP B 58 26.73 3.85 32.07
C ASP B 58 27.39 2.63 31.43
N MET B 59 28.32 2.00 32.16
CA MET B 59 29.03 0.83 31.69
C MET B 59 28.30 -0.47 32.01
N ASP B 60 27.02 -0.39 32.40
CA ASP B 60 26.19 -1.56 32.64
C ASP B 60 25.10 -1.72 31.59
N LEU B 61 25.10 -0.88 30.55
CA LEU B 61 24.18 -1.07 29.45
C LEU B 61 24.40 -2.42 28.80
N ALA B 62 23.31 -3.02 28.31
CA ALA B 62 23.44 -4.28 27.58
C ALA B 62 24.25 -4.10 26.30
N THR B 63 24.14 -2.92 25.67
CA THR B 63 24.97 -2.62 24.51
C THR B 63 26.45 -2.60 24.89
N VAL B 64 26.77 -2.10 26.08
CA VAL B 64 28.18 -2.07 26.51
C VAL B 64 28.71 -3.49 26.68
N SER B 65 27.92 -4.35 27.34
CA SER B 65 28.34 -5.74 27.53
C SER B 65 28.58 -6.44 26.20
N ALA B 66 27.76 -6.13 25.19
CA ALA B 66 27.92 -6.74 23.88
C ALA B 66 29.16 -6.24 23.16
N LEU B 67 29.41 -4.92 23.22
CA LEU B 67 30.63 -4.37 22.62
C LEU B 67 31.87 -5.01 23.21
N ARG B 68 31.87 -5.24 24.53
CA ARG B 68 32.99 -5.94 25.16
C ARG B 68 33.21 -7.30 24.53
N LYS B 69 32.11 -8.02 24.26
CA LYS B 69 32.21 -9.35 23.66
C LYS B 69 32.89 -9.30 22.30
N MET B 70 32.55 -8.30 21.48
CA MET B 70 33.15 -8.18 20.16
C MET B 70 34.63 -7.82 20.20
N GLY B 71 35.14 -7.41 21.35
CA GLY B 71 36.52 -6.96 21.45
C GLY B 71 36.71 -5.46 21.44
N VAL B 72 35.62 -4.68 21.45
CA VAL B 72 35.72 -3.23 21.43
C VAL B 72 36.26 -2.72 22.77
N LYS B 73 37.20 -1.77 22.71
CA LYS B 73 37.77 -1.19 23.92
C LYS B 73 36.77 -0.24 24.57
N LEU B 74 36.56 -0.40 25.87
CA LEU B 74 35.55 0.36 26.60
C LEU B 74 36.20 1.19 27.69
N THR B 75 35.69 2.40 27.89
CA THR B 75 36.22 3.26 28.93
C THR B 75 35.10 4.14 29.45
N PRO B 76 35.07 4.44 30.75
CA PRO B 76 34.10 5.42 31.22
C PRO B 76 34.42 6.85 30.80
N HIS B 77 35.63 7.12 30.31
CA HIS B 77 36.11 8.49 30.14
C HIS B 77 36.12 8.89 28.68
N ASN B 78 35.28 9.89 28.34
CA ASN B 78 35.20 10.40 26.97
C ASN B 78 36.54 10.94 26.50
N LYS B 79 37.35 11.50 27.42
CA LYS B 79 38.66 12.01 27.02
C LYS B 79 39.54 10.89 26.45
N GLU B 80 39.45 9.69 27.02
CA GLU B 80 40.25 8.59 26.49
C GLU B 80 39.78 8.18 25.09
N THR B 81 38.47 8.16 24.86
CA THR B 81 37.97 7.94 23.51
C THR B 81 38.58 8.96 22.54
N VAL B 82 38.57 10.24 22.91
CA VAL B 82 39.07 11.28 22.01
C VAL B 82 40.56 11.08 21.76
N GLN B 83 41.33 10.83 22.80
CA GLN B 83 42.78 10.63 22.63
C GLN B 83 43.09 9.41 21.77
N HIS B 84 42.29 8.35 21.89
CA HIS B 84 42.53 7.14 21.11
C HIS B 84 42.14 7.29 19.65
N SER B 85 41.19 8.16 19.32
CA SER B 85 40.50 8.08 18.05
C SER B 85 41.01 9.12 17.05
N ASP B 86 40.88 8.76 15.77
CA ASP B 86 40.99 9.65 14.63
C ASP B 86 39.60 10.11 14.19
N VAL B 87 38.71 9.16 13.92
CA VAL B 87 37.32 9.42 13.58
C VAL B 87 36.51 9.24 14.85
N LEU B 88 35.76 10.27 15.24
CA LEU B 88 35.05 10.29 16.51
C LEU B 88 33.55 10.41 16.23
N PHE B 89 32.80 9.35 16.48
CA PHE B 89 31.35 9.34 16.36
C PHE B 89 30.70 9.84 17.64
N LEU B 90 29.84 10.86 17.51
CA LEU B 90 29.02 11.33 18.62
C LEU B 90 27.67 10.61 18.52
N ALA B 91 27.50 9.56 19.31
CA ALA B 91 26.32 8.72 19.30
C ALA B 91 25.59 8.83 20.63
N VAL B 92 25.44 10.05 21.13
CA VAL B 92 24.66 10.32 22.33
C VAL B 92 23.37 11.00 21.89
N LYS B 93 22.43 11.07 22.84
CA LYS B 93 21.19 11.81 22.63
C LYS B 93 21.48 13.25 22.25
N PRO B 94 20.60 13.88 21.46
CA PRO B 94 20.85 15.27 21.01
C PRO B 94 21.06 16.24 22.15
N HIS B 95 20.27 16.13 23.21
CA HIS B 95 20.44 17.07 24.31
C HIS B 95 21.74 16.84 25.08
N ILE B 96 22.42 15.71 24.84
CA ILE B 96 23.69 15.42 25.51
C ILE B 96 24.86 16.06 24.77
N ILE B 97 24.67 16.38 23.48
CA ILE B 97 25.79 16.82 22.64
C ILE B 97 26.48 18.06 23.20
N PRO B 98 25.79 19.15 23.54
CA PRO B 98 26.52 20.32 24.05
C PRO B 98 27.34 20.01 25.28
N PHE B 99 26.89 19.09 26.14
CA PHE B 99 27.69 18.76 27.32
C PHE B 99 28.93 17.96 26.93
N ILE B 100 28.78 17.02 26.01
CA ILE B 100 29.94 16.32 25.45
C ILE B 100 30.95 17.31 24.90
N LEU B 101 30.48 18.24 24.04
CA LEU B 101 31.41 19.14 23.38
C LEU B 101 32.12 20.04 24.38
N ASP B 102 31.42 20.46 25.44
CA ASP B 102 32.06 21.20 26.52
C ASP B 102 33.16 20.38 27.18
N GLU B 103 32.90 19.07 27.36
CA GLU B 103 33.81 18.23 28.13
C GLU B 103 35.10 17.95 27.35
N ILE B 104 35.00 17.64 26.07
CA ILE B 104 36.14 17.18 25.28
C ILE B 104 36.63 18.21 24.29
N GLY B 105 36.01 19.40 24.26
CA GLY B 105 36.39 20.40 23.26
C GLY B 105 37.87 20.72 23.26
N ALA B 106 38.47 20.86 24.45
CA ALA B 106 39.90 21.15 24.55
C ALA B 106 40.77 19.99 24.09
N ASP B 107 40.20 18.79 23.91
CA ASP B 107 40.98 17.64 23.46
C ASP B 107 40.89 17.39 21.97
N ILE B 108 40.02 18.10 21.24
CA ILE B 108 39.97 17.93 19.80
C ILE B 108 41.26 18.45 19.17
N GLU B 109 41.88 17.63 18.34
CA GLU B 109 43.12 17.94 17.64
C GLU B 109 42.85 18.17 16.16
N ASP B 110 43.92 18.50 15.43
CA ASP B 110 43.80 18.67 13.99
C ASP B 110 43.42 17.37 13.29
N ARG B 111 43.89 16.23 13.81
CA ARG B 111 43.67 14.96 13.16
C ARG B 111 42.23 14.49 13.25
N HIS B 112 41.43 15.05 14.17
CA HIS B 112 40.11 14.50 14.45
C HIS B 112 39.12 14.88 13.37
N ILE B 113 38.30 13.90 12.96
CA ILE B 113 37.07 14.14 12.25
C ILE B 113 35.95 13.82 13.23
N VAL B 114 35.10 14.80 13.50
CA VAL B 114 33.98 14.63 14.41
C VAL B 114 32.73 14.34 13.59
N VAL B 115 32.14 13.17 13.78
CA VAL B 115 30.95 12.74 13.04
C VAL B 115 29.79 12.72 14.03
N SER B 116 28.89 13.69 13.93
CA SER B 116 27.73 13.74 14.80
C SER B 116 26.61 12.91 14.19
N CYS B 117 26.11 11.95 14.96
CA CYS B 117 24.97 11.14 14.54
C CYS B 117 23.68 11.59 15.19
N ALA B 118 23.73 12.63 16.01
CA ALA B 118 22.57 13.02 16.79
C ALA B 118 21.49 13.61 15.88
N ALA B 119 20.24 13.22 16.13
CA ALA B 119 19.12 13.77 15.38
C ALA B 119 18.98 15.26 15.63
N GLY B 120 18.87 16.03 14.55
CA GLY B 120 18.57 17.44 14.62
C GLY B 120 19.73 18.38 14.90
N VAL B 121 20.83 17.89 15.47
CA VAL B 121 21.89 18.78 15.94
C VAL B 121 22.67 19.31 14.73
N THR B 122 22.71 20.63 14.57
CA THR B 122 23.26 21.21 13.35
C THR B 122 24.79 21.24 13.37
N ILE B 123 25.38 21.25 12.17
CA ILE B 123 26.82 21.44 12.06
C ILE B 123 27.22 22.79 12.67
N SER B 124 26.39 23.81 12.45
CA SER B 124 26.69 25.15 12.99
C SER B 124 26.85 25.13 14.50
N SER B 125 25.93 24.46 15.20
CA SER B 125 26.00 24.44 16.66
C SER B 125 27.24 23.69 17.15
N ILE B 126 27.62 22.62 16.44
CA ILE B 126 28.80 21.84 16.84
C ILE B 126 30.08 22.63 16.60
N GLU B 127 30.18 23.22 15.41
CA GLU B 127 31.37 24.00 15.09
C GLU B 127 31.51 25.18 16.03
N LYS B 128 30.39 25.81 16.41
CA LYS B 128 30.45 26.97 17.30
C LYS B 128 31.04 26.58 18.65
N LYS B 129 30.58 25.45 19.21
CA LYS B 129 31.11 24.94 20.47
C LYS B 129 32.59 24.61 20.36
N LEU B 130 32.96 23.83 19.34
CA LEU B 130 34.34 23.36 19.26
C LEU B 130 35.29 24.48 18.84
N SER B 131 34.82 25.45 18.05
CA SER B 131 35.71 26.53 17.63
C SER B 131 36.20 27.38 18.80
N ALA B 132 35.49 27.35 19.94
CA ALA B 132 35.97 28.13 21.09
C ALA B 132 37.29 27.61 21.64
N PHE B 133 37.59 26.34 21.40
CA PHE B 133 38.79 25.69 21.90
C PHE B 133 39.93 25.69 20.89
N ARG B 134 39.61 25.53 19.63
CA ARG B 134 40.58 25.39 18.55
C ARG B 134 39.84 25.70 17.26
N PRO B 135 40.37 26.55 16.40
CA PRO B 135 39.67 26.87 15.16
C PRO B 135 39.65 25.68 14.21
N ALA B 136 38.78 25.79 13.22
CA ALA B 136 38.66 24.82 12.13
C ALA B 136 38.46 23.36 12.56
N PRO B 137 37.51 23.07 13.45
CA PRO B 137 37.17 21.65 13.70
C PRO B 137 36.56 21.02 12.45
N ARG B 138 36.98 19.79 12.16
CA ARG B 138 36.47 19.04 11.01
C ARG B 138 35.23 18.28 11.45
N VAL B 139 34.05 18.72 11.00
CA VAL B 139 32.77 18.20 11.47
C VAL B 139 31.99 17.64 10.29
N ILE B 140 31.45 16.44 10.46
CA ILE B 140 30.50 15.85 9.53
C ILE B 140 29.24 15.50 10.30
N ARG B 141 28.08 15.85 9.73
CA ARG B 141 26.81 15.47 10.34
C ARG B 141 26.25 14.29 9.55
N CYS B 142 25.81 13.26 10.26
CA CYS B 142 25.23 12.13 9.56
C CYS B 142 23.91 11.74 10.22
N MET B 143 23.04 11.09 9.44
CA MET B 143 21.84 10.45 9.95
C MET B 143 21.88 9.03 9.40
N THR B 144 22.05 8.05 10.27
CA THR B 144 22.03 6.66 9.87
C THR B 144 20.90 5.97 10.63
N ASN B 145 20.86 4.64 10.56
CA ASN B 145 19.82 3.89 11.27
C ASN B 145 20.37 2.54 11.71
N THR B 146 19.61 1.87 12.56
CA THR B 146 20.16 0.67 13.20
C THR B 146 20.40 -0.49 12.24
N PRO B 147 19.74 -0.61 11.06
CA PRO B 147 20.07 -1.74 10.17
C PRO B 147 21.52 -1.75 9.65
N VAL B 148 22.33 -0.74 9.98
CA VAL B 148 23.77 -0.88 9.75
C VAL B 148 24.29 -2.12 10.47
N VAL B 149 23.57 -2.59 11.49
CA VAL B 149 24.02 -3.76 12.22
C VAL B 149 24.01 -5.01 11.32
N VAL B 150 23.15 -5.04 10.28
CA VAL B 150 23.15 -6.13 9.30
C VAL B 150 23.66 -5.64 7.94
N ARG B 151 24.41 -4.54 7.94
CA ARG B 151 25.02 -3.95 6.75
C ARG B 151 24.00 -3.56 5.69
N GLU B 152 22.80 -3.19 6.12
CA GLU B 152 21.77 -2.67 5.22
C GLU B 152 21.25 -1.35 5.74
N GLY B 153 22.13 -0.56 6.32
CA GLY B 153 21.74 0.76 6.78
C GLY B 153 21.39 1.68 5.63
N ALA B 154 20.86 2.84 6.01
CA ALA B 154 20.60 3.93 5.09
C ALA B 154 21.18 5.17 5.75
N THR B 155 22.20 5.76 5.15
CA THR B 155 22.96 6.84 5.75
C THR B 155 23.06 8.01 4.78
N VAL B 156 22.87 9.21 5.30
CA VAL B 156 23.22 10.43 4.59
C VAL B 156 24.16 11.22 5.50
N TYR B 157 24.99 12.07 4.87
CA TYR B 157 25.89 12.89 5.63
C TYR B 157 26.04 14.25 4.96
N ALA B 158 26.39 15.26 5.76
CA ALA B 158 26.73 16.59 5.26
C ALA B 158 28.05 17.02 5.87
N THR B 159 28.93 17.58 5.04
CA THR B 159 30.26 17.99 5.48
C THR B 159 30.22 19.41 6.02
N GLY B 160 30.97 19.65 7.09
CA GLY B 160 31.04 20.96 7.72
C GLY B 160 31.96 21.92 6.98
N THR B 161 32.16 23.09 7.60
CA THR B 161 32.91 24.20 6.99
C THR B 161 34.37 23.86 6.75
N HIS B 162 34.98 23.15 7.70
CA HIS B 162 36.41 22.86 7.66
C HIS B 162 36.71 21.41 7.31
N ALA B 163 35.69 20.63 6.95
CA ALA B 163 35.91 19.27 6.51
C ALA B 163 36.62 19.30 5.16
N GLN B 164 37.67 18.49 5.01
CA GLN B 164 38.32 18.43 3.72
C GLN B 164 37.56 17.50 2.77
N VAL B 165 37.83 17.65 1.48
CA VAL B 165 37.19 16.79 0.48
C VAL B 165 37.49 15.33 0.78
N GLU B 166 38.71 15.03 1.21
CA GLU B 166 39.07 13.67 1.57
C GLU B 166 38.31 13.18 2.79
N ASP B 167 37.86 14.08 3.67
CA ASP B 167 37.12 13.70 4.87
C ASP B 167 35.77 13.07 4.53
N GLY B 168 35.02 13.72 3.63
CA GLY B 168 33.72 13.19 3.25
C GLY B 168 33.84 11.93 2.41
N ARG B 169 34.79 11.91 1.48
CA ARG B 169 35.01 10.69 0.70
C ARG B 169 35.35 9.52 1.61
N LEU B 170 36.12 9.79 2.67
CA LEU B 170 36.48 8.74 3.62
C LEU B 170 35.26 8.27 4.41
N MET B 171 34.46 9.21 4.91
CA MET B 171 33.27 8.81 5.65
C MET B 171 32.26 8.09 4.76
N GLU B 172 32.15 8.49 3.50
CA GLU B 172 31.29 7.74 2.58
C GLU B 172 31.82 6.32 2.37
N GLN B 173 33.14 6.16 2.24
CA GLN B 173 33.70 4.82 2.11
C GLN B 173 33.37 3.97 3.32
N LEU B 174 33.53 4.54 4.52
CA LEU B 174 33.27 3.80 5.75
C LEU B 174 31.79 3.46 5.88
N LEU B 175 30.91 4.44 5.73
CA LEU B 175 29.49 4.20 5.94
C LEU B 175 28.87 3.41 4.81
N SER B 176 29.49 3.41 3.61
CA SER B 176 29.00 2.54 2.54
C SER B 176 29.25 1.07 2.85
N SER B 177 30.19 0.75 3.73
CA SER B 177 30.43 -0.64 4.05
C SER B 177 29.31 -1.27 4.89
N VAL B 178 28.39 -0.45 5.42
CA VAL B 178 27.29 -0.94 6.25
C VAL B 178 25.93 -0.59 5.69
N GLY B 179 25.86 -0.07 4.48
CA GLY B 179 24.57 0.15 3.85
C GLY B 179 24.68 1.20 2.77
N PHE B 180 23.53 1.73 2.39
CA PHE B 180 23.51 2.83 1.43
C PHE B 180 24.03 4.10 2.11
N CYS B 181 24.85 4.87 1.39
CA CYS B 181 25.36 6.12 1.92
C CYS B 181 25.47 7.15 0.80
N THR B 182 25.08 8.39 1.09
CA THR B 182 25.22 9.43 0.09
C THR B 182 25.32 10.77 0.80
N GLU B 183 26.01 11.71 0.16
CA GLU B 183 26.10 13.07 0.69
C GLU B 183 24.84 13.84 0.36
N VAL B 184 24.39 14.67 1.31
CA VAL B 184 23.26 15.56 1.07
C VAL B 184 23.61 16.94 1.60
N GLU B 185 22.84 17.94 1.15
CA GLU B 185 22.85 19.24 1.82
C GLU B 185 22.29 19.08 3.23
N GLU B 186 22.87 19.83 4.19
CA GLU B 186 22.47 19.63 5.58
C GLU B 186 20.98 19.90 5.80
N ASP B 187 20.37 20.76 4.99
CA ASP B 187 18.97 21.08 5.26
C ASP B 187 18.00 19.99 4.82
N LEU B 188 18.49 18.89 4.24
CA LEU B 188 17.66 17.72 4.01
C LEU B 188 17.67 16.73 5.18
N ILE B 189 18.57 16.88 6.15
CA ILE B 189 18.81 15.78 7.09
C ILE B 189 17.64 15.59 8.06
N ASP B 190 16.96 16.66 8.48
CA ASP B 190 15.83 16.47 9.38
C ASP B 190 14.72 15.66 8.68
N ALA B 191 14.51 15.89 7.38
CA ALA B 191 13.55 15.11 6.63
C ALA B 191 14.00 13.66 6.48
N VAL B 192 15.32 13.44 6.25
CA VAL B 192 15.82 12.08 6.17
C VAL B 192 15.58 11.36 7.48
N THR B 193 15.75 12.07 8.60
CA THR B 193 15.47 11.50 9.91
C THR B 193 14.04 10.96 9.99
N GLY B 194 13.09 11.71 9.45
CA GLY B 194 11.71 11.27 9.51
C GLY B 194 11.42 10.08 8.64
N LEU B 195 12.23 9.88 7.58
CA LEU B 195 11.98 8.83 6.62
C LEU B 195 12.82 7.61 6.94
N SER B 196 14.13 7.67 6.78
CA SER B 196 14.93 6.47 7.02
C SER B 196 15.51 6.39 8.42
N GLY B 197 15.64 7.51 9.14
CA GLY B 197 16.08 7.42 10.53
C GLY B 197 15.03 6.75 11.42
N SER B 198 13.78 7.20 11.33
CA SER B 198 12.66 6.60 12.04
C SER B 198 12.06 5.42 11.29
N GLY B 199 12.34 5.30 9.99
CA GLY B 199 11.76 4.28 9.14
C GLY B 199 11.72 2.85 9.65
N PRO B 200 12.84 2.34 10.19
CA PRO B 200 12.81 0.96 10.70
C PRO B 200 11.78 0.75 11.80
N ALA B 201 11.51 1.76 12.64
CA ALA B 201 10.47 1.60 13.66
C ALA B 201 9.10 1.47 13.02
N TYR B 202 8.84 2.21 11.93
CA TYR B 202 7.58 2.05 11.22
C TYR B 202 7.44 0.63 10.72
N ALA B 203 8.53 0.08 10.19
CA ALA B 203 8.53 -1.28 9.66
C ALA B 203 8.31 -2.32 10.76
N PHE B 204 8.96 -2.13 11.91
CA PHE B 204 8.79 -3.09 13.00
C PHE B 204 7.33 -3.11 13.48
N THR B 205 6.71 -1.93 13.57
CA THR B 205 5.29 -1.82 13.90
C THR B 205 4.45 -2.54 12.86
N ALA B 206 4.73 -2.28 11.57
CA ALA B 206 3.99 -2.93 10.50
C ALA B 206 4.16 -4.44 10.53
N LEU B 207 5.37 -4.92 10.86
CA LEU B 207 5.61 -6.37 10.85
C LEU B 207 4.90 -7.04 12.02
N ASP B 208 4.87 -6.38 13.18
CA ASP B 208 4.09 -6.88 14.32
C ASP B 208 2.61 -7.00 13.97
N ALA B 209 2.07 -6.00 13.28
CA ALA B 209 0.66 -6.00 12.90
C ALA B 209 0.36 -7.01 11.81
N LEU B 210 1.21 -7.08 10.78
CA LEU B 210 1.04 -8.11 9.76
C LEU B 210 1.07 -9.50 10.38
N ALA B 211 1.98 -9.73 11.32
CA ALA B 211 2.02 -11.03 11.99
C ALA B 211 0.72 -11.29 12.76
N ASP B 212 0.22 -10.28 13.48
CA ASP B 212 -1.07 -10.39 14.15
C ASP B 212 -2.17 -10.75 13.16
N GLY B 213 -2.11 -10.14 11.97
CA GLY B 213 -3.08 -10.49 10.94
C GLY B 213 -2.94 -11.93 10.49
N GLY B 214 -1.70 -12.41 10.32
CA GLY B 214 -1.51 -13.81 9.98
C GLY B 214 -2.01 -14.75 11.07
N VAL B 215 -1.77 -14.39 12.34
CA VAL B 215 -2.24 -15.22 13.45
C VAL B 215 -3.77 -15.24 13.49
N LYS B 216 -4.41 -14.08 13.28
CA LYS B 216 -5.88 -14.07 13.26
C LYS B 216 -6.44 -15.06 12.25
N MET B 217 -5.82 -15.14 11.08
CA MET B 217 -6.28 -16.03 10.01
C MET B 217 -5.78 -17.46 10.17
N GLY B 218 -5.03 -17.76 11.23
CA GLY B 218 -4.73 -19.14 11.61
C GLY B 218 -3.26 -19.54 11.54
N LEU B 219 -2.32 -18.62 11.22
CA LEU B 219 -0.91 -18.99 11.12
C LEU B 219 -0.25 -19.04 12.49
N PRO B 220 0.65 -19.98 12.73
CA PRO B 220 1.51 -19.89 13.91
C PRO B 220 2.31 -18.58 13.89
N ARG B 221 2.54 -18.03 15.07
CA ARG B 221 3.15 -16.71 15.18
C ARG B 221 4.54 -16.68 14.55
N ARG B 222 5.33 -17.71 14.81
CA ARG B 222 6.70 -17.78 14.27
C ARG B 222 6.67 -17.70 12.74
N LEU B 223 5.84 -18.52 12.10
CA LEU B 223 5.76 -18.50 10.64
C LEU B 223 5.26 -17.16 10.15
N ALA B 224 4.27 -16.58 10.82
CA ALA B 224 3.72 -15.30 10.37
C ALA B 224 4.77 -14.19 10.43
N VAL B 225 5.59 -14.17 11.49
CA VAL B 225 6.65 -13.14 11.57
C VAL B 225 7.66 -13.33 10.45
N ARG B 226 8.08 -14.58 10.20
CA ARG B 226 9.07 -14.87 9.16
C ARG B 226 8.54 -14.52 7.76
N LEU B 227 7.31 -14.94 7.45
CA LEU B 227 6.71 -14.64 6.15
C LEU B 227 6.52 -13.13 5.94
N GLY B 228 6.01 -12.44 6.97
CA GLY B 228 5.84 -11.00 6.84
C GLY B 228 7.15 -10.28 6.60
N ALA B 229 8.18 -10.65 7.38
CA ALA B 229 9.46 -9.97 7.22
C ALA B 229 10.05 -10.27 5.85
N GLN B 230 9.95 -11.53 5.41
CA GLN B 230 10.46 -11.90 4.10
C GLN B 230 9.73 -11.15 2.98
N ALA B 231 8.40 -11.00 3.12
CA ALA B 231 7.63 -10.27 2.11
C ALA B 231 8.10 -8.83 2.01
N LEU B 232 8.30 -8.18 3.16
CA LEU B 232 8.77 -6.80 3.17
C LEU B 232 10.18 -6.70 2.63
N LEU B 233 11.07 -7.61 3.03
CA LEU B 233 12.42 -7.59 2.51
C LEU B 233 12.44 -7.73 0.99
N GLY B 234 11.72 -8.74 0.46
CA GLY B 234 11.73 -8.94 -0.97
C GLY B 234 11.11 -7.80 -1.75
N ALA B 235 10.03 -7.22 -1.23
CA ALA B 235 9.41 -6.10 -1.94
C ALA B 235 10.37 -4.90 -2.00
N ALA B 236 11.02 -4.58 -0.88
CA ALA B 236 11.98 -3.47 -0.88
C ALA B 236 13.12 -3.76 -1.84
N LYS B 237 13.65 -4.98 -1.84
CA LYS B 237 14.68 -5.35 -2.80
C LYS B 237 14.18 -5.23 -4.24
N MET B 238 12.96 -5.69 -4.51
CA MET B 238 12.40 -5.54 -5.85
C MET B 238 12.43 -4.08 -6.29
N LEU B 239 11.94 -3.19 -5.42
CA LEU B 239 11.92 -1.76 -5.75
C LEU B 239 13.32 -1.23 -5.99
N LEU B 240 14.26 -1.57 -5.10
CA LEU B 240 15.62 -1.06 -5.24
C LEU B 240 16.26 -1.50 -6.53
N HIS B 241 15.94 -2.71 -7.01
CA HIS B 241 16.57 -3.22 -8.23
C HIS B 241 15.78 -2.90 -9.48
N SER B 242 14.60 -2.33 -9.35
CA SER B 242 13.76 -2.01 -10.50
C SER B 242 13.91 -0.53 -10.86
N GLU B 243 13.78 -0.23 -12.13
CA GLU B 243 13.66 1.14 -12.56
C GLU B 243 12.22 1.64 -12.51
N GLN B 244 11.30 0.85 -11.95
CA GLN B 244 9.87 1.09 -12.07
C GLN B 244 9.31 1.77 -10.83
N HIS B 245 8.22 2.50 -11.04
CA HIS B 245 7.53 3.18 -9.95
C HIS B 245 6.91 2.15 -9.00
N PRO B 246 6.89 2.41 -7.70
CA PRO B 246 6.23 1.46 -6.78
C PRO B 246 4.77 1.20 -7.12
N GLY B 247 4.05 2.19 -7.65
CA GLY B 247 2.71 1.94 -8.12
C GLY B 247 2.66 0.93 -9.24
N GLN B 248 3.68 0.94 -10.11
CA GLN B 248 3.75 -0.04 -11.18
C GLN B 248 3.95 -1.46 -10.64
N LEU B 249 4.85 -1.61 -9.66
CA LEU B 249 5.06 -2.93 -9.05
C LEU B 249 3.80 -3.39 -8.33
N LYS B 250 3.10 -2.46 -7.67
CA LYS B 250 1.81 -2.76 -7.05
C LYS B 250 0.82 -3.30 -8.09
N ASP B 251 0.74 -2.62 -9.25
CA ASP B 251 -0.13 -3.07 -10.34
C ASP B 251 0.23 -4.47 -10.81
N ASN B 252 1.53 -4.81 -10.85
CA ASN B 252 1.92 -6.12 -11.34
C ASN B 252 1.48 -7.24 -10.40
N VAL B 253 1.33 -6.94 -9.12
CA VAL B 253 0.90 -7.93 -8.13
C VAL B 253 -0.60 -7.93 -7.90
N SER B 254 -1.32 -6.93 -8.43
CA SER B 254 -2.75 -6.81 -8.12
C SER B 254 -3.58 -7.43 -9.24
N SER B 255 -3.82 -8.75 -9.13
CA SER B 255 -4.58 -9.48 -10.13
C SER B 255 -6.04 -9.03 -10.13
N PRO B 256 -6.66 -8.86 -11.29
CA PRO B 256 -8.05 -8.36 -11.35
C PRO B 256 -9.02 -9.21 -10.54
N GLY B 257 -9.81 -8.53 -9.70
CA GLY B 257 -10.81 -9.19 -8.89
C GLY B 257 -10.26 -10.02 -7.74
N GLY B 258 -8.95 -10.05 -7.53
CA GLY B 258 -8.32 -11.02 -6.67
C GLY B 258 -8.17 -10.56 -5.23
N ALA B 259 -7.43 -11.38 -4.48
CA ALA B 259 -7.26 -11.19 -3.05
C ALA B 259 -6.46 -9.92 -2.75
N THR B 260 -5.41 -9.68 -3.50
CA THR B 260 -4.53 -8.56 -3.22
C THR B 260 -5.25 -7.22 -3.39
N ILE B 261 -5.97 -7.05 -4.52
CA ILE B 261 -6.66 -5.78 -4.75
C ILE B 261 -7.76 -5.58 -3.72
N HIS B 262 -8.37 -6.67 -3.24
CA HIS B 262 -9.34 -6.52 -2.16
C HIS B 262 -8.68 -6.01 -0.88
N ALA B 263 -7.48 -6.50 -0.57
CA ALA B 263 -6.75 -6.02 0.60
C ALA B 263 -6.29 -4.59 0.42
N LEU B 264 -5.79 -4.25 -0.78
CA LEU B 264 -5.38 -2.87 -1.00
C LEU B 264 -6.53 -1.91 -0.75
N HIS B 265 -7.75 -2.29 -1.15
CA HIS B 265 -8.88 -1.40 -0.94
C HIS B 265 -9.06 -1.10 0.55
N VAL B 266 -9.01 -2.13 1.41
CA VAL B 266 -9.22 -1.85 2.82
C VAL B 266 -8.07 -1.02 3.42
N LEU B 267 -6.84 -1.15 2.91
CA LEU B 267 -5.79 -0.21 3.30
C LEU B 267 -6.16 1.22 2.92
N GLU B 268 -6.61 1.42 1.68
CA GLU B 268 -7.00 2.75 1.23
C GLU B 268 -8.16 3.30 2.04
N SER B 269 -9.12 2.44 2.40
CA SER B 269 -10.29 2.94 3.13
C SER B 269 -9.92 3.48 4.50
N GLY B 270 -8.84 2.97 5.11
CA GLY B 270 -8.35 3.51 6.36
C GLY B 270 -7.35 4.64 6.21
N GLY B 271 -7.04 5.07 4.98
CA GLY B 271 -6.08 6.16 4.83
C GLY B 271 -4.67 5.74 5.17
N PHE B 272 -4.32 4.48 4.92
CA PHE B 272 -2.98 3.92 5.15
C PHE B 272 -1.86 4.82 4.66
N ARG B 273 -1.97 5.29 3.41
CA ARG B 273 -0.93 6.16 2.87
C ARG B 273 -0.76 7.41 3.70
N SER B 274 -1.88 8.05 4.09
CA SER B 274 -1.77 9.31 4.83
C SER B 274 -1.12 9.11 6.21
N LEU B 275 -1.31 7.93 6.81
CA LEU B 275 -0.66 7.68 8.11
C LEU B 275 0.85 7.66 7.99
N LEU B 276 1.37 7.03 6.93
CA LEU B 276 2.80 7.04 6.72
C LEU B 276 3.31 8.44 6.37
N ILE B 277 2.55 9.21 5.59
CA ILE B 277 2.96 10.60 5.38
C ILE B 277 2.96 11.35 6.72
N ASN B 278 1.87 11.19 7.49
CA ASN B 278 1.80 11.77 8.83
C ASN B 278 3.04 11.43 9.64
N ALA B 279 3.52 10.19 9.54
CA ALA B 279 4.62 9.75 10.40
C ALA B 279 5.94 10.42 10.01
N VAL B 280 6.29 10.37 8.72
CA VAL B 280 7.50 11.08 8.27
C VAL B 280 7.43 12.53 8.71
N GLU B 281 6.27 13.17 8.51
CA GLU B 281 6.13 14.57 8.86
C GLU B 281 6.32 14.77 10.36
N ALA B 282 5.71 13.92 11.17
CA ALA B 282 5.79 14.09 12.62
C ALA B 282 7.22 13.94 13.14
N SER B 283 7.94 12.93 12.65
CA SER B 283 9.32 12.73 13.05
C SER B 283 10.21 13.90 12.59
N CYS B 284 10.04 14.34 11.34
CA CYS B 284 10.81 15.48 10.87
C CYS B 284 10.53 16.73 11.71
N ILE B 285 9.26 17.02 11.98
CA ILE B 285 8.94 18.24 12.72
C ILE B 285 9.50 18.19 14.14
N ARG B 286 9.39 17.02 14.79
CA ARG B 286 9.95 16.85 16.12
C ARG B 286 11.46 17.06 16.11
N THR B 287 12.13 16.51 15.09
CA THR B 287 13.58 16.69 14.94
C THR B 287 13.95 18.17 14.88
N ARG B 288 13.24 18.93 14.04
CA ARG B 288 13.51 20.38 13.95
C ARG B 288 13.17 21.08 15.25
N GLU B 289 12.07 20.68 15.87
CA GLU B 289 11.63 21.43 17.04
C GLU B 289 12.52 21.16 18.23
N LEU B 290 13.11 19.96 18.30
CA LEU B 290 14.11 19.69 19.33
C LEU B 290 15.32 20.61 19.15
N GLN B 291 15.84 20.69 17.93
CA GLN B 291 16.99 21.56 17.71
C GLN B 291 16.65 23.02 18.00
N SER B 292 15.46 23.48 17.59
CA SER B 292 15.12 24.89 17.80
C SER B 292 15.01 25.24 19.29
N MET B 293 14.59 24.28 20.12
CA MET B 293 14.62 24.52 21.57
C MET B 293 16.05 24.50 22.09
N ALA B 294 16.91 23.66 21.50
CA ALA B 294 18.33 23.65 21.85
C ALA B 294 18.97 25.00 21.55
N ASP B 295 18.63 25.61 20.42
CA ASP B 295 19.20 26.90 20.02
C ASP B 295 18.45 28.08 20.62
N GLN C 21 -20.57 4.07 -43.31
CA GLN C 21 -20.50 4.58 -44.68
C GLN C 21 -21.88 5.04 -45.14
N SER C 22 -22.33 4.51 -46.28
CA SER C 22 -23.67 4.77 -46.81
C SER C 22 -24.69 3.79 -46.23
N MET C 23 -24.71 3.69 -44.91
CA MET C 23 -25.59 2.79 -44.18
C MET C 23 -26.63 3.58 -43.40
N SER C 24 -27.61 2.85 -42.86
CA SER C 24 -28.73 3.47 -42.15
C SER C 24 -28.72 3.02 -40.69
N VAL C 25 -28.85 3.97 -39.77
CA VAL C 25 -28.75 3.71 -38.34
C VAL C 25 -30.04 4.15 -37.67
N GLY C 26 -30.48 3.38 -36.67
CA GLY C 26 -31.69 3.71 -35.94
C GLY C 26 -31.43 3.67 -34.45
N PHE C 27 -32.16 4.53 -33.73
CA PHE C 27 -32.12 4.57 -32.26
C PHE C 27 -33.53 4.28 -31.74
N ILE C 28 -33.65 3.25 -30.90
CA ILE C 28 -34.85 3.06 -30.09
C ILE C 28 -34.52 3.63 -28.71
N GLY C 29 -35.24 4.69 -28.35
CA GLY C 29 -34.88 5.55 -27.24
C GLY C 29 -34.33 6.84 -27.83
N ALA C 30 -34.69 7.97 -27.22
CA ALA C 30 -34.22 9.26 -27.73
C ALA C 30 -33.85 10.16 -26.58
N GLY C 31 -33.20 9.60 -25.56
CA GLY C 31 -32.70 10.35 -24.43
C GLY C 31 -31.27 10.79 -24.61
N GLN C 32 -30.58 10.94 -23.47
CA GLN C 32 -29.23 11.51 -23.46
C GLN C 32 -28.26 10.72 -24.32
N LEU C 33 -28.31 9.39 -24.23
CA LEU C 33 -27.35 8.56 -24.95
C LEU C 33 -27.56 8.63 -26.45
N ALA C 34 -28.81 8.48 -26.90
CA ALA C 34 -29.13 8.60 -28.32
C ALA C 34 -28.67 9.95 -28.90
N PHE C 35 -28.97 11.05 -28.21
CA PHE C 35 -28.52 12.34 -28.73
C PHE C 35 -27.01 12.39 -28.81
N ALA C 36 -26.32 11.99 -27.73
CA ALA C 36 -24.86 12.03 -27.71
C ALA C 36 -24.27 11.27 -28.89
N LEU C 37 -24.74 10.03 -29.12
CA LEU C 37 -24.22 9.22 -30.22
C LEU C 37 -24.53 9.84 -31.57
N ALA C 38 -25.78 10.23 -31.79
CA ALA C 38 -26.16 10.81 -33.08
C ALA C 38 -25.37 12.10 -33.34
N LYS C 39 -25.25 12.95 -32.33
CA LYS C 39 -24.46 14.18 -32.49
C LYS C 39 -23.01 13.87 -32.80
N GLY C 40 -22.40 12.95 -32.05
CA GLY C 40 -21.02 12.59 -32.30
C GLY C 40 -20.80 11.96 -33.66
N PHE C 41 -21.68 11.03 -34.05
CA PHE C 41 -21.55 10.37 -35.36
C PHE C 41 -21.61 11.38 -36.49
N THR C 42 -22.52 12.34 -36.43
CA THR C 42 -22.61 13.32 -37.51
C THR C 42 -21.47 14.31 -37.44
N ALA C 43 -21.08 14.71 -36.22
CA ALA C 43 -19.88 15.54 -36.09
C ALA C 43 -18.65 14.83 -36.65
N ALA C 44 -18.58 13.50 -36.53
CA ALA C 44 -17.43 12.77 -37.07
C ALA C 44 -17.47 12.66 -38.58
N GLY C 45 -18.63 12.86 -39.20
CA GLY C 45 -18.73 12.67 -40.64
C GLY C 45 -18.93 11.23 -41.07
N VAL C 46 -19.17 10.32 -40.14
CA VAL C 46 -19.39 8.93 -40.51
C VAL C 46 -20.85 8.64 -40.85
N LEU C 47 -21.78 9.38 -40.26
CA LEU C 47 -23.20 9.24 -40.55
C LEU C 47 -23.75 10.59 -40.97
N ALA C 48 -24.63 10.57 -41.98
CA ALA C 48 -25.43 11.75 -42.29
C ALA C 48 -26.66 11.77 -41.39
N ALA C 49 -26.99 12.95 -40.88
CA ALA C 49 -28.11 13.05 -39.96
C ALA C 49 -29.41 12.56 -40.59
N HIS C 50 -29.59 12.78 -41.89
CA HIS C 50 -30.82 12.35 -42.53
C HIS C 50 -30.90 10.83 -42.67
N LYS C 51 -29.81 10.11 -42.43
CA LYS C 51 -29.81 8.65 -42.46
C LYS C 51 -30.06 8.05 -41.08
N ILE C 52 -30.39 8.87 -40.10
CA ILE C 52 -30.62 8.43 -38.72
C ILE C 52 -32.09 8.65 -38.37
N MET C 53 -32.70 7.65 -37.75
CA MET C 53 -34.06 7.74 -37.24
C MET C 53 -34.04 7.37 -35.76
N ALA C 54 -34.85 8.06 -34.98
CA ALA C 54 -35.00 7.74 -33.56
C ALA C 54 -36.47 7.71 -33.18
N SER C 55 -36.80 6.80 -32.27
CA SER C 55 -38.16 6.67 -31.75
C SER C 55 -38.14 6.89 -30.25
N SER C 56 -39.21 7.51 -29.74
CA SER C 56 -39.39 7.73 -28.31
C SER C 56 -40.87 7.71 -27.99
N PRO C 57 -41.27 7.07 -26.88
CA PRO C 57 -42.67 7.17 -26.45
C PRO C 57 -43.03 8.53 -25.90
N ASP C 58 -42.05 9.31 -25.44
CA ASP C 58 -42.26 10.68 -24.97
C ASP C 58 -41.56 11.60 -25.96
N MET C 59 -42.31 12.06 -26.97
CA MET C 59 -41.76 12.98 -27.96
C MET C 59 -41.59 14.39 -27.42
N ASP C 60 -41.84 14.63 -26.14
CA ASP C 60 -41.70 15.94 -25.53
C ASP C 60 -40.45 16.06 -24.66
N LEU C 61 -39.54 15.09 -24.76
CA LEU C 61 -38.26 15.22 -24.09
C LEU C 61 -37.41 16.28 -24.79
N ALA C 62 -36.59 16.99 -24.01
CA ALA C 62 -35.70 17.99 -24.60
C ALA C 62 -34.74 17.35 -25.59
N THR C 63 -34.25 16.15 -25.27
CA THR C 63 -33.37 15.42 -26.18
C THR C 63 -34.03 15.17 -27.53
N VAL C 64 -35.36 15.03 -27.56
CA VAL C 64 -36.03 14.80 -28.85
C VAL C 64 -35.97 16.06 -29.71
N SER C 65 -36.13 17.23 -29.09
CA SER C 65 -36.08 18.47 -29.86
C SER C 65 -34.69 18.71 -30.42
N ALA C 66 -33.66 18.46 -29.61
CA ALA C 66 -32.28 18.58 -30.07
C ALA C 66 -31.99 17.64 -31.25
N LEU C 67 -32.51 16.41 -31.19
CA LEU C 67 -32.39 15.50 -32.33
C LEU C 67 -33.12 16.05 -33.55
N ARG C 68 -34.32 16.62 -33.35
CA ARG C 68 -35.05 17.21 -34.46
C ARG C 68 -34.31 18.39 -35.05
N LYS C 69 -33.84 19.31 -34.21
CA LYS C 69 -33.09 20.47 -34.69
C LYS C 69 -31.85 20.05 -35.48
N MET C 70 -31.34 18.84 -35.21
CA MET C 70 -30.13 18.30 -35.80
C MET C 70 -30.37 17.63 -37.16
N GLY C 71 -31.62 17.41 -37.54
CA GLY C 71 -31.92 16.79 -38.82
C GLY C 71 -32.18 15.30 -38.76
N VAL C 72 -32.17 14.70 -37.56
CA VAL C 72 -32.52 13.30 -37.42
C VAL C 72 -34.02 13.13 -37.66
N LYS C 73 -34.41 12.02 -38.28
CA LYS C 73 -35.82 11.72 -38.45
C LYS C 73 -36.36 11.14 -37.15
N LEU C 74 -37.53 11.60 -36.73
CA LEU C 74 -38.12 11.22 -35.46
C LEU C 74 -39.47 10.56 -35.70
N THR C 75 -39.80 9.57 -34.88
CA THR C 75 -41.07 8.88 -34.99
C THR C 75 -41.48 8.37 -33.63
N PRO C 76 -42.77 8.29 -33.33
CA PRO C 76 -43.21 7.65 -32.09
C PRO C 76 -43.28 6.14 -32.15
N HIS C 77 -43.12 5.53 -33.32
CA HIS C 77 -43.33 4.10 -33.52
C HIS C 77 -41.99 3.38 -33.67
N ASN C 78 -41.70 2.48 -32.73
CA ASN C 78 -40.45 1.71 -32.78
C ASN C 78 -40.36 0.84 -34.03
N LYS C 79 -41.49 0.34 -34.55
CA LYS C 79 -41.44 -0.47 -35.76
C LYS C 79 -40.97 0.36 -36.95
N GLU C 80 -41.25 1.66 -36.96
CA GLU C 80 -40.73 2.51 -38.03
C GLU C 80 -39.21 2.55 -37.99
N THR C 81 -38.63 2.80 -36.81
CA THR C 81 -37.18 2.82 -36.68
C THR C 81 -36.57 1.50 -37.16
N VAL C 82 -37.18 0.38 -36.78
CA VAL C 82 -36.64 -0.92 -37.18
C VAL C 82 -36.66 -1.06 -38.70
N GLN C 83 -37.77 -0.69 -39.33
CA GLN C 83 -37.88 -0.86 -40.78
C GLN C 83 -36.91 0.04 -41.53
N HIS C 84 -36.55 1.18 -40.93
CA HIS C 84 -35.64 2.15 -41.55
C HIS C 84 -34.18 1.75 -41.45
N SER C 85 -33.77 1.08 -40.36
CA SER C 85 -32.35 1.00 -40.08
C SER C 85 -31.77 -0.38 -40.39
N ASP C 86 -30.46 -0.38 -40.63
CA ASP C 86 -29.62 -1.57 -40.71
C ASP C 86 -28.99 -1.86 -39.35
N VAL C 87 -28.36 -0.84 -38.76
CA VAL C 87 -27.79 -0.94 -37.43
C VAL C 87 -28.77 -0.28 -36.46
N LEU C 88 -29.18 -1.03 -35.45
CA LEU C 88 -30.23 -0.60 -34.54
C LEU C 88 -29.64 -0.49 -33.14
N PHE C 89 -29.60 0.73 -32.61
CA PHE C 89 -29.15 0.97 -31.24
C PHE C 89 -30.35 0.92 -30.30
N LEU C 90 -30.24 0.14 -29.22
CA LEU C 90 -31.24 0.13 -28.16
C LEU C 90 -30.68 1.05 -27.07
N ALA C 91 -31.23 2.27 -27.00
CA ALA C 91 -30.78 3.30 -26.07
C ALA C 91 -31.89 3.65 -25.10
N VAL C 92 -32.61 2.63 -24.65
CA VAL C 92 -33.62 2.78 -23.63
C VAL C 92 -33.01 2.34 -22.31
N LYS C 93 -33.72 2.62 -21.22
CA LYS C 93 -33.25 2.21 -19.92
C LYS C 93 -33.39 0.69 -19.80
N PRO C 94 -32.59 0.07 -18.92
CA PRO C 94 -32.50 -1.40 -18.91
C PRO C 94 -33.82 -2.10 -18.68
N HIS C 95 -34.68 -1.57 -17.80
CA HIS C 95 -35.95 -2.25 -17.56
C HIS C 95 -36.88 -2.18 -18.77
N ILE C 96 -36.61 -1.30 -19.72
CA ILE C 96 -37.44 -1.20 -20.91
C ILE C 96 -37.03 -2.18 -22.02
N ILE C 97 -35.77 -2.63 -22.03
CA ILE C 97 -35.30 -3.52 -23.09
C ILE C 97 -36.25 -4.69 -23.35
N PRO C 98 -36.65 -5.51 -22.36
CA PRO C 98 -37.52 -6.66 -22.69
C PRO C 98 -38.78 -6.26 -23.41
N PHE C 99 -39.39 -5.13 -23.02
CA PHE C 99 -40.59 -4.67 -23.71
C PHE C 99 -40.28 -4.27 -25.15
N ILE C 100 -39.18 -3.53 -25.36
CA ILE C 100 -38.78 -3.22 -26.73
C ILE C 100 -38.67 -4.50 -27.55
N LEU C 101 -37.99 -5.51 -26.99
CA LEU C 101 -37.71 -6.73 -27.75
C LEU C 101 -39.00 -7.47 -28.10
N ASP C 102 -39.93 -7.54 -27.14
CA ASP C 102 -41.25 -8.13 -27.44
C ASP C 102 -41.97 -7.36 -28.53
N GLU C 103 -41.81 -6.03 -28.55
CA GLU C 103 -42.58 -5.20 -29.48
C GLU C 103 -42.08 -5.34 -30.91
N ILE C 104 -40.76 -5.32 -31.11
CA ILE C 104 -40.20 -5.30 -32.46
C ILE C 104 -39.48 -6.57 -32.81
N GLY C 105 -39.48 -7.58 -31.95
CA GLY C 105 -38.77 -8.81 -32.24
C GLY C 105 -39.22 -9.44 -33.55
N ALA C 106 -40.53 -9.38 -33.84
CA ALA C 106 -41.04 -9.94 -35.08
C ALA C 106 -40.63 -9.11 -36.30
N ASP C 107 -40.17 -7.89 -36.11
CA ASP C 107 -39.76 -7.06 -37.23
C ASP C 107 -38.27 -7.12 -37.51
N ILE C 108 -37.48 -7.73 -36.62
CA ILE C 108 -36.04 -7.86 -36.84
C ILE C 108 -35.79 -8.81 -38.01
N GLU C 109 -34.84 -8.45 -38.87
CA GLU C 109 -34.54 -9.23 -40.07
C GLU C 109 -33.10 -9.71 -40.05
N ASP C 110 -32.75 -10.46 -41.10
CA ASP C 110 -31.39 -10.92 -41.29
C ASP C 110 -30.42 -9.76 -41.42
N ARG C 111 -30.86 -8.65 -42.01
CA ARG C 111 -29.96 -7.52 -42.25
C ARG C 111 -29.62 -6.76 -40.98
N HIS C 112 -30.43 -6.87 -39.92
CA HIS C 112 -30.27 -6.00 -38.76
C HIS C 112 -29.09 -6.42 -37.90
N ILE C 113 -28.32 -5.42 -37.44
CA ILE C 113 -27.40 -5.59 -36.32
C ILE C 113 -28.02 -4.86 -35.13
N VAL C 114 -28.26 -5.58 -34.04
CA VAL C 114 -28.89 -5.01 -32.86
C VAL C 114 -27.79 -4.71 -31.84
N VAL C 115 -27.66 -3.44 -31.47
CA VAL C 115 -26.63 -2.96 -30.56
C VAL C 115 -27.32 -2.47 -29.29
N SER C 116 -27.21 -3.24 -28.21
CA SER C 116 -27.78 -2.82 -26.95
C SER C 116 -26.77 -1.97 -26.20
N CYS C 117 -27.18 -0.76 -25.82
CA CYS C 117 -26.36 0.13 -25.01
C CYS C 117 -26.75 0.11 -23.55
N ALA C 118 -27.74 -0.69 -23.18
CA ALA C 118 -28.31 -0.65 -21.84
C ALA C 118 -27.37 -1.29 -20.82
N ALA C 119 -27.24 -0.60 -19.68
CA ALA C 119 -26.39 -1.10 -18.59
C ALA C 119 -26.91 -2.44 -18.10
N GLY C 120 -26.00 -3.39 -17.93
CA GLY C 120 -26.33 -4.66 -17.33
C GLY C 120 -26.98 -5.71 -18.23
N VAL C 121 -27.70 -5.29 -19.27
CA VAL C 121 -28.50 -6.25 -20.04
C VAL C 121 -27.59 -7.19 -20.81
N THR C 122 -27.73 -8.48 -20.56
CA THR C 122 -26.82 -9.47 -21.15
C THR C 122 -27.20 -9.78 -22.59
N ILE C 123 -26.17 -10.14 -23.37
CA ILE C 123 -26.38 -10.63 -24.72
C ILE C 123 -27.33 -11.83 -24.69
N SER C 124 -27.12 -12.72 -23.73
CA SER C 124 -27.96 -13.91 -23.59
C SER C 124 -29.43 -13.54 -23.51
N SER C 125 -29.77 -12.59 -22.63
CA SER C 125 -31.18 -12.24 -22.43
C SER C 125 -31.79 -11.63 -23.70
N ILE C 126 -30.97 -10.93 -24.49
CA ILE C 126 -31.47 -10.32 -25.72
C ILE C 126 -31.66 -11.38 -26.79
N GLU C 127 -30.65 -12.22 -26.98
CA GLU C 127 -30.74 -13.28 -27.98
C GLU C 127 -31.89 -14.22 -27.67
N LYS C 128 -32.11 -14.52 -26.38
CA LYS C 128 -33.21 -15.43 -26.01
C LYS C 128 -34.54 -14.86 -26.45
N LYS C 129 -34.78 -13.58 -26.17
CA LYS C 129 -36.04 -12.95 -26.53
C LYS C 129 -36.21 -12.88 -28.05
N LEU C 130 -35.16 -12.41 -28.75
CA LEU C 130 -35.23 -12.28 -30.20
C LEU C 130 -35.29 -13.63 -30.92
N SER C 131 -34.64 -14.67 -30.37
CA SER C 131 -34.62 -15.96 -31.04
C SER C 131 -36.00 -16.60 -31.13
N ALA C 132 -36.95 -16.17 -30.30
CA ALA C 132 -38.30 -16.72 -30.41
C ALA C 132 -38.95 -16.35 -31.74
N PHE C 133 -38.44 -15.34 -32.43
CA PHE C 133 -39.02 -14.80 -33.65
C PHE C 133 -38.27 -15.24 -34.90
N ARG C 134 -36.96 -15.04 -34.94
CA ARG C 134 -36.12 -15.50 -36.03
C ARG C 134 -34.86 -16.05 -35.39
N PRO C 135 -34.40 -17.22 -35.81
CA PRO C 135 -33.11 -17.71 -35.31
C PRO C 135 -31.97 -16.82 -35.79
N ALA C 136 -30.88 -16.91 -35.04
CA ALA C 136 -29.62 -16.20 -35.29
C ALA C 136 -29.70 -14.67 -35.32
N PRO C 137 -30.32 -14.01 -34.34
CA PRO C 137 -30.22 -12.54 -34.28
C PRO C 137 -28.77 -12.12 -34.09
N ARG C 138 -28.36 -11.11 -34.86
CA ARG C 138 -27.02 -10.54 -34.77
C ARG C 138 -27.05 -9.45 -33.71
N VAL C 139 -26.46 -9.71 -32.55
CA VAL C 139 -26.54 -8.84 -31.39
C VAL C 139 -25.14 -8.41 -30.99
N ILE C 140 -25.00 -7.14 -30.63
CA ILE C 140 -23.78 -6.59 -30.06
C ILE C 140 -24.17 -5.86 -28.78
N ARG C 141 -23.43 -6.08 -27.71
CA ARG C 141 -23.62 -5.32 -26.48
C ARG C 141 -22.48 -4.33 -26.34
N CYS C 142 -22.81 -3.09 -26.00
CA CYS C 142 -21.77 -2.11 -25.77
C CYS C 142 -22.09 -1.32 -24.50
N MET C 143 -21.03 -0.75 -23.94
CA MET C 143 -21.16 0.25 -22.89
C MET C 143 -20.37 1.46 -23.35
N THR C 144 -21.07 2.56 -23.56
CA THR C 144 -20.47 3.81 -24.01
C THR C 144 -20.79 4.86 -22.94
N ASN C 145 -20.51 6.12 -23.23
CA ASN C 145 -20.80 7.19 -22.27
C ASN C 145 -21.09 8.48 -23.03
N THR C 146 -21.60 9.49 -22.30
CA THR C 146 -22.08 10.68 -23.00
C THR C 146 -20.97 11.48 -23.72
N PRO C 147 -19.70 11.42 -23.33
CA PRO C 147 -18.70 12.24 -24.05
C PRO C 147 -18.48 11.86 -25.51
N VAL C 148 -19.15 10.82 -26.02
CA VAL C 148 -19.21 10.63 -27.47
C VAL C 148 -19.77 11.88 -28.13
N VAL C 149 -20.52 12.70 -27.38
CA VAL C 149 -21.10 13.91 -27.95
C VAL C 149 -20.02 14.90 -28.38
N VAL C 150 -18.84 14.85 -27.74
CA VAL C 150 -17.71 15.65 -28.20
C VAL C 150 -16.62 14.75 -28.76
N ARG C 151 -17.00 13.56 -29.23
CA ARG C 151 -16.11 12.62 -29.90
C ARG C 151 -14.96 12.19 -29.00
N GLU C 152 -15.19 12.14 -27.69
CA GLU C 152 -14.19 11.66 -26.75
C GLU C 152 -14.78 10.64 -25.80
N GLY C 153 -15.70 9.82 -26.33
CA GLY C 153 -16.29 8.79 -25.51
C GLY C 153 -15.31 7.66 -25.23
N ALA C 154 -15.74 6.78 -24.34
CA ALA C 154 -15.06 5.54 -24.02
C ALA C 154 -16.07 4.43 -24.23
N THR C 155 -15.80 3.53 -25.17
CA THR C 155 -16.73 2.49 -25.54
C THR C 155 -16.04 1.14 -25.52
N VAL C 156 -16.71 0.15 -24.95
CA VAL C 156 -16.34 -1.25 -25.16
C VAL C 156 -17.55 -1.96 -25.73
N TYR C 157 -17.30 -3.06 -26.44
CA TYR C 157 -18.39 -3.88 -26.95
C TYR C 157 -18.02 -5.35 -26.84
N ALA C 158 -19.04 -6.20 -26.77
CA ALA C 158 -18.89 -7.64 -26.94
C ALA C 158 -19.81 -8.11 -28.06
N THR C 159 -19.33 -9.05 -28.86
CA THR C 159 -20.10 -9.60 -29.96
C THR C 159 -20.92 -10.80 -29.51
N GLY C 160 -22.15 -10.90 -30.01
CA GLY C 160 -23.04 -11.98 -29.65
C GLY C 160 -22.72 -13.29 -30.38
N THR C 161 -23.56 -14.30 -30.10
CA THR C 161 -23.38 -15.63 -30.66
C THR C 161 -23.40 -15.62 -32.20
N HIS C 162 -24.31 -14.85 -32.78
CA HIS C 162 -24.54 -14.89 -34.22
C HIS C 162 -24.03 -13.65 -34.93
N ALA C 163 -23.31 -12.78 -34.21
CA ALA C 163 -22.68 -11.64 -34.86
C ALA C 163 -21.56 -12.12 -35.76
N GLN C 164 -21.56 -11.64 -37.01
CA GLN C 164 -20.52 -11.98 -37.95
C GLN C 164 -19.23 -11.25 -37.60
N VAL C 165 -18.12 -11.69 -38.19
CA VAL C 165 -16.84 -11.04 -37.92
C VAL C 165 -16.86 -9.59 -38.40
N GLU C 166 -17.45 -9.36 -39.57
CA GLU C 166 -17.57 -7.99 -40.07
C GLU C 166 -18.50 -7.14 -39.20
N ASP C 167 -19.41 -7.76 -38.42
CA ASP C 167 -20.27 -6.98 -37.53
C ASP C 167 -19.46 -6.28 -36.45
N GLY C 168 -18.54 -7.01 -35.80
CA GLY C 168 -17.69 -6.41 -34.80
C GLY C 168 -16.74 -5.38 -35.38
N ARG C 169 -16.19 -5.67 -36.56
CA ARG C 169 -15.31 -4.71 -37.23
C ARG C 169 -16.06 -3.44 -37.58
N LEU C 170 -17.30 -3.56 -38.08
CA LEU C 170 -18.13 -2.40 -38.38
C LEU C 170 -18.39 -1.59 -37.12
N MET C 171 -18.76 -2.27 -36.04
CA MET C 171 -19.06 -1.62 -34.76
CA MET C 171 -19.08 -1.56 -34.81
C MET C 171 -17.86 -0.81 -34.27
N GLU C 172 -16.67 -1.42 -34.30
CA GLU C 172 -15.49 -0.72 -33.82
C GLU C 172 -15.17 0.48 -34.71
N GLN C 173 -15.36 0.36 -36.02
CA GLN C 173 -15.12 1.50 -36.89
C GLN C 173 -16.10 2.63 -36.59
N LEU C 174 -17.37 2.29 -36.41
CA LEU C 174 -18.38 3.31 -36.10
C LEU C 174 -18.05 4.03 -34.80
N LEU C 175 -17.76 3.28 -33.74
CA LEU C 175 -17.63 3.86 -32.42
C LEU C 175 -16.24 4.44 -32.14
N SER C 176 -15.22 3.96 -32.83
CA SER C 176 -13.91 4.63 -32.77
C SER C 176 -13.97 6.06 -33.29
N SER C 177 -14.95 6.38 -34.14
CA SER C 177 -15.03 7.74 -34.66
C SER C 177 -15.51 8.73 -33.61
N VAL C 178 -15.99 8.27 -32.46
CA VAL C 178 -16.49 9.17 -31.42
C VAL C 178 -15.79 8.93 -30.07
N GLY C 179 -14.67 8.23 -30.09
CA GLY C 179 -13.86 8.08 -28.90
C GLY C 179 -13.05 6.80 -28.96
N PHE C 180 -12.56 6.39 -27.80
CA PHE C 180 -11.89 5.11 -27.68
C PHE C 180 -12.92 3.98 -27.80
N CYS C 181 -12.53 2.92 -28.51
CA CYS C 181 -13.38 1.74 -28.66
C CYS C 181 -12.50 0.49 -28.66
N THR C 182 -12.94 -0.53 -27.94
CA THR C 182 -12.24 -1.81 -27.99
C THR C 182 -13.23 -2.93 -27.72
N GLU C 183 -12.97 -4.09 -28.31
CA GLU C 183 -13.75 -5.28 -28.00
C GLU C 183 -13.32 -5.82 -26.65
N VAL C 184 -14.29 -6.29 -25.87
CA VAL C 184 -13.97 -7.01 -24.63
C VAL C 184 -14.84 -8.26 -24.53
N GLU C 185 -14.43 -9.15 -23.63
CA GLU C 185 -15.30 -10.23 -23.20
C GLU C 185 -16.49 -9.63 -22.46
N GLU C 186 -17.67 -10.21 -22.66
CA GLU C 186 -18.87 -9.62 -22.10
C GLU C 186 -18.82 -9.54 -20.58
N ASP C 187 -18.14 -10.48 -19.92
CA ASP C 187 -18.14 -10.44 -18.46
C ASP C 187 -17.33 -9.27 -17.87
N LEU C 188 -16.70 -8.45 -18.71
CA LEU C 188 -16.04 -7.23 -18.23
C LEU C 188 -16.96 -6.01 -18.25
N ILE C 189 -18.11 -6.09 -18.94
CA ILE C 189 -18.82 -4.86 -19.27
C ILE C 189 -19.46 -4.23 -18.03
N ASP C 190 -19.92 -5.02 -17.05
CA ASP C 190 -20.47 -4.40 -15.84
C ASP C 190 -19.39 -3.62 -15.10
N ALA C 191 -18.15 -4.12 -15.08
CA ALA C 191 -17.06 -3.38 -14.46
C ALA C 191 -16.75 -2.10 -15.24
N VAL C 192 -16.72 -2.21 -16.58
CA VAL C 192 -16.53 -1.03 -17.41
C VAL C 192 -17.61 0.00 -17.12
N THR C 193 -18.85 -0.48 -16.91
CA THR C 193 -19.95 0.43 -16.55
C THR C 193 -19.61 1.24 -15.30
N GLY C 194 -19.10 0.57 -14.27
CA GLY C 194 -18.75 1.33 -13.06
C GLY C 194 -17.61 2.30 -13.25
N LEU C 195 -16.74 2.07 -14.23
CA LEU C 195 -15.56 2.90 -14.42
C LEU C 195 -15.81 4.00 -15.45
N SER C 196 -15.95 3.66 -16.73
CA SER C 196 -16.15 4.68 -17.74
C SER C 196 -17.61 4.96 -18.06
N GLY C 197 -18.53 4.04 -17.76
CA GLY C 197 -19.94 4.35 -17.94
C GLY C 197 -20.39 5.45 -16.99
N SER C 198 -20.12 5.29 -15.69
CA SER C 198 -20.45 6.27 -14.67
C SER C 198 -19.36 7.31 -14.48
N GLY C 199 -18.14 7.05 -14.99
CA GLY C 199 -17.02 7.95 -14.78
C GLY C 199 -17.25 9.42 -15.08
N PRO C 200 -17.95 9.76 -16.16
CA PRO C 200 -18.20 11.18 -16.41
C PRO C 200 -18.93 11.85 -15.26
N ALA C 201 -19.84 11.13 -14.59
CA ALA C 201 -20.53 11.72 -13.45
C ALA C 201 -19.56 12.01 -12.30
N TYR C 202 -18.63 11.08 -12.04
CA TYR C 202 -17.61 11.33 -11.01
C TYR C 202 -16.84 12.59 -11.33
N ALA C 203 -16.50 12.77 -12.61
CA ALA C 203 -15.72 13.93 -13.01
C ALA C 203 -16.52 15.22 -12.90
N PHE C 204 -17.81 15.20 -13.26
CA PHE C 204 -18.62 16.40 -13.12
C PHE C 204 -18.73 16.82 -11.66
N THR C 205 -18.95 15.85 -10.77
CA THR C 205 -18.94 16.11 -9.33
C THR C 205 -17.59 16.69 -8.89
N ALA C 206 -16.50 16.12 -9.39
CA ALA C 206 -15.19 16.60 -8.99
C ALA C 206 -14.93 18.00 -9.50
N LEU C 207 -15.38 18.30 -10.72
CA LEU C 207 -15.19 19.62 -11.29
C LEU C 207 -16.03 20.67 -10.58
N ASP C 208 -17.25 20.32 -10.17
CA ASP C 208 -18.03 21.24 -9.34
C ASP C 208 -17.30 21.55 -8.03
N ALA C 209 -16.74 20.53 -7.39
CA ALA C 209 -16.07 20.73 -6.10
C ALA C 209 -14.79 21.53 -6.25
N LEU C 210 -13.96 21.18 -7.25
CA LEU C 210 -12.76 21.96 -7.50
C LEU C 210 -13.10 23.43 -7.77
N ALA C 211 -14.17 23.68 -8.53
CA ALA C 211 -14.56 25.06 -8.78
C ALA C 211 -14.97 25.76 -7.48
N ASP C 212 -15.71 25.06 -6.61
CA ASP C 212 -16.02 25.64 -5.30
C ASP C 212 -14.76 25.93 -4.51
N GLY C 213 -13.76 25.05 -4.60
CA GLY C 213 -12.47 25.32 -3.97
C GLY C 213 -11.82 26.57 -4.52
N GLY C 214 -11.77 26.70 -5.85
CA GLY C 214 -11.23 27.92 -6.44
C GLY C 214 -11.99 29.16 -5.99
N VAL C 215 -13.33 29.07 -5.93
CA VAL C 215 -14.12 30.21 -5.50
C VAL C 215 -13.83 30.55 -4.03
N LYS C 216 -13.68 29.52 -3.19
CA LYS C 216 -13.39 29.80 -1.78
C LYS C 216 -12.07 30.55 -1.63
N MET C 217 -11.09 30.24 -2.47
CA MET C 217 -9.81 30.92 -2.43
C MET C 217 -9.79 32.22 -3.22
N GLY C 218 -10.92 32.65 -3.79
CA GLY C 218 -10.99 33.99 -4.34
C GLY C 218 -11.22 34.07 -5.82
N LEU C 219 -11.35 32.94 -6.55
CA LEU C 219 -11.49 32.99 -8.00
C LEU C 219 -12.95 33.22 -8.40
N PRO C 220 -13.19 33.98 -9.47
CA PRO C 220 -14.53 34.01 -10.05
C PRO C 220 -14.95 32.63 -10.50
N ARG C 221 -16.24 32.32 -10.33
CA ARG C 221 -16.75 30.98 -10.61
C ARG C 221 -16.44 30.56 -12.05
N ARG C 222 -16.68 31.46 -13.01
CA ARG C 222 -16.50 31.09 -14.41
C ARG C 222 -15.06 30.69 -14.68
N LEU C 223 -14.11 31.49 -14.20
CA LEU C 223 -12.70 31.17 -14.35
C LEU C 223 -12.34 29.87 -13.63
N ALA C 224 -12.89 29.66 -12.42
CA ALA C 224 -12.57 28.45 -11.67
C ALA C 224 -13.06 27.20 -12.41
N VAL C 225 -14.25 27.24 -13.01
CA VAL C 225 -14.75 26.08 -13.76
C VAL C 225 -13.87 25.80 -14.97
N ARG C 226 -13.50 26.84 -15.71
CA ARG C 226 -12.68 26.67 -16.91
C ARG C 226 -11.32 26.07 -16.55
N LEU C 227 -10.68 26.60 -15.51
CA LEU C 227 -9.36 26.12 -15.12
C LEU C 227 -9.40 24.70 -14.58
N GLY C 228 -10.41 24.39 -13.76
CA GLY C 228 -10.50 23.04 -13.23
C GLY C 228 -10.71 22.04 -14.35
N ALA C 229 -11.61 22.35 -15.28
CA ALA C 229 -11.87 21.45 -16.40
C ALA C 229 -10.65 21.32 -17.29
N GLN C 230 -9.95 22.41 -17.54
CA GLN C 230 -8.74 22.34 -18.36
C GLN C 230 -7.66 21.54 -17.66
N ALA C 231 -7.52 21.70 -16.34
CA ALA C 231 -6.56 20.90 -15.59
C ALA C 231 -6.83 19.40 -15.77
N LEU C 232 -8.09 18.99 -15.59
CA LEU C 232 -8.44 17.59 -15.69
C LEU C 232 -8.29 17.08 -17.12
N LEU C 233 -8.67 17.89 -18.10
CA LEU C 233 -8.51 17.47 -19.49
C LEU C 233 -7.04 17.25 -19.80
N GLY C 234 -6.18 18.21 -19.42
CA GLY C 234 -4.78 18.11 -19.78
C GLY C 234 -4.09 16.96 -19.08
N ALA C 235 -4.45 16.71 -17.83
CA ALA C 235 -3.86 15.60 -17.09
C ALA C 235 -4.25 14.27 -17.71
N ALA C 236 -5.53 14.11 -18.05
CA ALA C 236 -5.96 12.88 -18.69
C ALA C 236 -5.22 12.67 -20.00
N LYS C 237 -5.09 13.73 -20.80
CA LYS C 237 -4.38 13.60 -22.06
C LYS C 237 -2.91 13.26 -21.83
N MET C 238 -2.26 13.91 -20.85
CA MET C 238 -0.90 13.56 -20.50
C MET C 238 -0.77 12.06 -20.25
N LEU C 239 -1.67 11.51 -19.43
CA LEU C 239 -1.59 10.10 -19.09
C LEU C 239 -1.81 9.23 -20.32
N LEU C 240 -2.82 9.56 -21.14
CA LEU C 240 -3.10 8.79 -22.33
C LEU C 240 -1.94 8.81 -23.31
N HIS C 241 -1.22 9.93 -23.40
CA HIS C 241 -0.11 10.06 -24.36
C HIS C 241 1.23 9.61 -23.80
N SER C 242 1.29 9.20 -22.55
CA SER C 242 2.55 8.86 -21.90
C SER C 242 2.69 7.36 -21.70
N GLU C 243 3.93 6.90 -21.66
CA GLU C 243 4.16 5.50 -21.32
C GLU C 243 4.15 5.25 -19.82
N GLN C 244 3.99 6.28 -19.00
CA GLN C 244 4.31 6.19 -17.59
C GLN C 244 3.08 5.91 -16.74
N HIS C 245 3.35 5.34 -15.57
CA HIS C 245 2.31 5.09 -14.56
C HIS C 245 1.76 6.42 -14.04
N PRO C 246 0.46 6.51 -13.73
CA PRO C 246 -0.06 7.76 -13.18
C PRO C 246 0.62 8.14 -11.88
N GLY C 247 1.11 7.18 -11.11
CA GLY C 247 1.90 7.52 -9.94
C GLY C 247 3.18 8.23 -10.30
N GLN C 248 3.83 7.81 -11.39
CA GLN C 248 5.05 8.46 -11.85
C GLN C 248 4.78 9.90 -12.27
N LEU C 249 3.68 10.13 -12.99
CA LEU C 249 3.35 11.48 -13.41
C LEU C 249 3.03 12.37 -12.21
N LYS C 250 2.36 11.81 -11.20
CA LYS C 250 2.15 12.54 -9.95
C LYS C 250 3.49 12.89 -9.29
N ASP C 251 4.42 11.93 -9.25
CA ASP C 251 5.76 12.22 -8.76
C ASP C 251 6.39 13.38 -9.52
N ASN C 252 6.29 13.34 -10.85
CA ASN C 252 6.92 14.38 -11.67
C ASN C 252 6.38 15.77 -11.36
N VAL C 253 5.12 15.88 -10.94
CA VAL C 253 4.54 17.21 -10.69
C VAL C 253 4.55 17.60 -9.22
N SER C 254 5.07 16.76 -8.33
CA SER C 254 5.03 17.05 -6.89
C SER C 254 6.40 17.56 -6.42
N SER C 255 6.55 18.87 -6.42
CA SER C 255 7.82 19.48 -6.02
C SER C 255 8.06 19.32 -4.52
N PRO C 256 9.29 19.02 -4.10
CA PRO C 256 9.57 18.78 -2.67
C PRO C 256 9.18 19.98 -1.79
N GLY C 257 8.37 19.70 -0.77
CA GLY C 257 7.95 20.73 0.15
C GLY C 257 6.91 21.71 -0.38
N GLY C 258 6.42 21.51 -1.61
CA GLY C 258 5.62 22.50 -2.29
C GLY C 258 4.11 22.43 -2.01
N ALA C 259 3.38 23.25 -2.75
CA ALA C 259 1.92 23.34 -2.61
C ALA C 259 1.24 22.03 -3.04
N THR C 260 1.69 21.45 -4.13
CA THR C 260 1.00 20.27 -4.66
C THR C 260 1.07 19.09 -3.68
N ILE C 261 2.27 18.82 -3.15
CA ILE C 261 2.40 17.67 -2.24
C ILE C 261 1.63 17.92 -0.95
N HIS C 262 1.52 19.19 -0.52
CA HIS C 262 0.68 19.50 0.63
C HIS C 262 -0.79 19.20 0.35
N ALA C 263 -1.27 19.55 -0.84
CA ALA C 263 -2.65 19.25 -1.17
C ALA C 263 -2.86 17.75 -1.34
N LEU C 264 -1.89 17.04 -1.92
CA LEU C 264 -2.06 15.59 -2.05
C LEU C 264 -2.20 14.95 -0.68
N HIS C 265 -1.49 15.47 0.33
CA HIS C 265 -1.62 14.93 1.68
C HIS C 265 -3.06 15.04 2.17
N VAL C 266 -3.69 16.22 2.00
CA VAL C 266 -5.05 16.34 2.53
C VAL C 266 -6.01 15.41 1.77
N LEU C 267 -5.76 15.15 0.48
CA LEU C 267 -6.57 14.16 -0.23
C LEU C 267 -6.40 12.78 0.39
N GLU C 268 -5.15 12.38 0.67
CA GLU C 268 -4.88 11.09 1.28
C GLU C 268 -5.51 10.96 2.66
N SER C 269 -5.47 12.04 3.45
CA SER C 269 -6.04 11.99 4.80
C SER C 269 -7.54 11.79 4.77
N GLY C 270 -8.20 12.22 3.70
CA GLY C 270 -9.61 11.93 3.52
C GLY C 270 -9.91 10.59 2.87
N GLY C 271 -8.89 9.81 2.52
CA GLY C 271 -9.17 8.56 1.84
C GLY C 271 -9.71 8.74 0.44
N PHE C 272 -9.32 9.82 -0.22
CA PHE C 272 -9.70 10.14 -1.59
C PHE C 272 -9.68 8.92 -2.51
N ARG C 273 -8.56 8.18 -2.50
CA ARG C 273 -8.45 7.02 -3.37
C ARG C 273 -9.54 6.00 -3.08
N SER C 274 -9.79 5.72 -1.80
CA SER C 274 -10.79 4.71 -1.48
C SER C 274 -12.19 5.11 -1.95
N LEU C 275 -12.48 6.40 -1.99
CA LEU C 275 -13.82 6.83 -2.40
C LEU C 275 -14.06 6.54 -3.87
N LEU C 276 -13.06 6.78 -4.72
CA LEU C 276 -13.20 6.46 -6.14
C LEU C 276 -13.25 4.95 -6.37
N ILE C 277 -12.51 4.17 -5.60
CA ILE C 277 -12.66 2.72 -5.65
C ILE C 277 -14.08 2.34 -5.25
N ASN C 278 -14.55 2.89 -4.13
CA ASN C 278 -15.93 2.68 -3.67
C ASN C 278 -16.93 2.93 -4.79
N ALA C 279 -16.72 4.00 -5.54
CA ALA C 279 -17.67 4.41 -6.57
C ALA C 279 -17.72 3.40 -7.70
N VAL C 280 -16.56 3.03 -8.26
CA VAL C 280 -16.54 2.05 -9.33
C VAL C 280 -17.20 0.76 -8.87
N GLU C 281 -16.90 0.37 -7.63
CA GLU C 281 -17.48 -0.83 -7.07
C GLU C 281 -19.00 -0.71 -6.96
N ALA C 282 -19.49 0.41 -6.41
CA ALA C 282 -20.91 0.54 -6.17
C ALA C 282 -21.68 0.54 -7.49
N SER C 283 -21.15 1.20 -8.51
CA SER C 283 -21.81 1.25 -9.80
C SER C 283 -21.81 -0.11 -10.46
N CYS C 284 -20.66 -0.80 -10.45
CA CYS C 284 -20.61 -2.14 -11.01
C CYS C 284 -21.57 -3.08 -10.29
N ILE C 285 -21.61 -3.00 -8.95
CA ILE C 285 -22.46 -3.93 -8.21
C ILE C 285 -23.94 -3.64 -8.48
N ARG C 286 -24.31 -2.36 -8.52
CA ARG C 286 -25.70 -2.03 -8.85
C ARG C 286 -26.07 -2.52 -10.25
N THR C 287 -25.14 -2.43 -11.19
CA THR C 287 -25.41 -2.90 -12.55
C THR C 287 -25.67 -4.40 -12.56
N ARG C 288 -24.82 -5.16 -11.87
CA ARG C 288 -25.05 -6.60 -11.76
C ARG C 288 -26.36 -6.89 -11.07
N GLU C 289 -26.66 -6.10 -10.05
CA GLU C 289 -27.82 -6.32 -9.19
C GLU C 289 -29.10 -6.14 -9.98
N LEU C 290 -29.17 -5.08 -10.77
CA LEU C 290 -30.36 -4.79 -11.54
C LEU C 290 -30.64 -5.89 -12.55
N GLN C 291 -29.60 -6.41 -13.19
CA GLN C 291 -29.83 -7.48 -14.17
C GLN C 291 -30.17 -8.81 -13.49
N SER C 292 -29.68 -9.02 -12.26
CA SER C 292 -30.11 -10.21 -11.51
C SER C 292 -31.60 -10.15 -11.20
N MET C 293 -32.12 -8.97 -10.85
CA MET C 293 -33.56 -8.82 -10.70
C MET C 293 -34.28 -9.00 -12.04
N ALA C 294 -33.66 -8.56 -13.14
CA ALA C 294 -34.24 -8.78 -14.46
C ALA C 294 -34.26 -10.27 -14.81
N ASP C 295 -33.18 -10.99 -14.51
CA ASP C 295 -33.15 -12.43 -14.75
C ASP C 295 -34.27 -13.14 -13.97
N GLN C 296 -34.34 -12.89 -12.67
CA GLN C 296 -35.43 -13.40 -11.83
C GLN C 296 -36.72 -12.61 -12.09
N ASN D 17 1.99 35.67 -35.73
CA ASN D 17 3.19 34.87 -35.58
C ASN D 17 4.46 35.68 -35.78
N LEU D 18 4.32 36.98 -36.03
CA LEU D 18 5.49 37.87 -36.06
C LEU D 18 6.12 38.02 -34.69
N TYR D 19 5.36 37.78 -33.61
CA TYR D 19 5.93 37.73 -32.27
C TYR D 19 7.06 36.70 -32.20
N PHE D 20 6.86 35.55 -32.82
CA PHE D 20 7.76 34.40 -32.68
C PHE D 20 8.85 34.37 -33.74
N GLN D 21 8.76 35.23 -34.76
CA GLN D 21 9.66 35.24 -35.92
C GLN D 21 11.12 35.03 -35.53
N SER D 22 11.71 35.97 -34.80
CA SER D 22 13.09 35.88 -34.37
C SER D 22 13.21 35.84 -32.84
N MET D 23 12.17 35.39 -32.14
CA MET D 23 12.19 35.38 -30.69
C MET D 23 13.07 34.25 -30.18
N SER D 24 13.83 34.54 -29.14
CA SER D 24 14.69 33.58 -28.47
C SER D 24 14.19 33.40 -27.04
N VAL D 25 14.11 32.15 -26.59
CA VAL D 25 13.53 31.82 -25.29
C VAL D 25 14.58 31.11 -24.44
N GLY D 26 14.64 31.47 -23.17
CA GLY D 26 15.52 30.79 -22.24
C GLY D 26 14.79 30.35 -20.99
N PHE D 27 15.31 29.27 -20.38
CA PHE D 27 14.78 28.72 -19.14
C PHE D 27 15.90 28.69 -18.12
N ILE D 28 15.71 29.39 -17.01
CA ILE D 28 16.57 29.23 -15.84
C ILE D 28 15.94 28.11 -15.01
N GLY D 29 16.64 26.99 -14.91
CA GLY D 29 16.06 25.79 -14.35
C GLY D 29 15.62 24.87 -15.46
N ALA D 30 16.01 23.60 -15.42
CA ALA D 30 15.68 22.64 -16.46
C ALA D 30 14.92 21.45 -15.90
N GLY D 31 13.98 21.71 -15.00
CA GLY D 31 13.20 20.66 -14.37
C GLY D 31 12.00 20.26 -15.22
N GLN D 32 10.95 19.78 -14.54
CA GLN D 32 9.81 19.21 -15.25
C GLN D 32 9.04 20.28 -16.03
N LEU D 33 8.89 21.47 -15.45
CA LEU D 33 8.14 22.54 -16.13
C LEU D 33 8.89 23.03 -17.36
N ALA D 34 10.19 23.27 -17.22
CA ALA D 34 11.00 23.69 -18.36
C ALA D 34 10.94 22.71 -19.52
N PHE D 35 11.03 21.40 -19.23
CA PHE D 35 10.89 20.42 -20.31
C PHE D 35 9.51 20.47 -20.92
N ALA D 36 8.47 20.49 -20.06
CA ALA D 36 7.10 20.48 -20.54
C ALA D 36 6.82 21.67 -21.44
N LEU D 37 7.25 22.87 -21.02
CA LEU D 37 7.07 24.08 -21.83
C LEU D 37 7.90 24.00 -23.11
N ALA D 38 9.17 23.64 -23.01
CA ALA D 38 9.98 23.53 -24.22
C ALA D 38 9.41 22.49 -25.17
N LYS D 39 8.91 21.37 -24.63
CA LYS D 39 8.31 20.33 -25.48
C LYS D 39 7.04 20.82 -26.13
N GLY D 40 6.17 21.49 -25.36
CA GLY D 40 4.95 22.06 -25.92
C GLY D 40 5.22 23.14 -26.96
N PHE D 41 6.17 24.05 -26.67
CA PHE D 41 6.45 25.13 -27.62
C PHE D 41 6.93 24.59 -28.95
N THR D 42 7.84 23.62 -28.92
CA THR D 42 8.34 23.05 -30.17
C THR D 42 7.26 22.24 -30.87
N ALA D 43 6.45 21.48 -30.12
CA ALA D 43 5.38 20.70 -30.73
C ALA D 43 4.35 21.60 -31.39
N ALA D 44 4.05 22.74 -30.78
CA ALA D 44 3.23 23.75 -31.42
C ALA D 44 3.92 24.37 -32.63
N GLY D 45 5.25 24.26 -32.73
CA GLY D 45 5.99 24.89 -33.79
C GLY D 45 6.16 26.38 -33.64
N VAL D 46 5.97 26.92 -32.43
CA VAL D 46 6.13 28.36 -32.25
C VAL D 46 7.60 28.72 -32.12
N LEU D 47 8.38 27.88 -31.49
CA LEU D 47 9.83 28.05 -31.39
C LEU D 47 10.51 26.79 -31.90
N ALA D 48 11.69 26.98 -32.50
CA ALA D 48 12.54 25.86 -32.85
C ALA D 48 13.43 25.49 -31.67
N ALA D 49 13.63 24.18 -31.48
CA ALA D 49 14.34 23.69 -30.30
C ALA D 49 15.76 24.24 -30.20
N HIS D 50 16.40 24.53 -31.34
CA HIS D 50 17.74 25.12 -31.29
C HIS D 50 17.70 26.54 -30.75
N LYS D 51 16.59 27.25 -30.94
CA LYS D 51 16.45 28.63 -30.47
C LYS D 51 16.11 28.70 -28.98
N ILE D 52 16.07 27.57 -28.28
CA ILE D 52 15.75 27.53 -26.86
C ILE D 52 17.00 27.10 -26.10
N MET D 53 17.31 27.81 -25.02
CA MET D 53 18.46 27.50 -24.17
C MET D 53 17.97 27.27 -22.74
N ALA D 54 18.61 26.33 -22.05
CA ALA D 54 18.24 25.99 -20.69
C ALA D 54 19.49 25.82 -19.84
N SER D 55 19.41 26.26 -18.59
CA SER D 55 20.52 26.14 -17.67
C SER D 55 20.02 25.53 -16.36
N SER D 56 20.85 24.69 -15.77
CA SER D 56 20.50 23.94 -14.57
C SER D 56 21.76 23.76 -13.74
N PRO D 57 21.68 23.94 -12.42
CA PRO D 57 22.82 23.59 -11.56
C PRO D 57 23.24 22.13 -11.70
N ASP D 58 22.30 21.24 -12.00
CA ASP D 58 22.57 19.81 -12.12
C ASP D 58 22.12 19.33 -13.49
N MET D 59 23.08 19.02 -14.36
CA MET D 59 22.77 18.32 -15.60
C MET D 59 22.60 16.82 -15.40
N ASP D 60 22.78 16.33 -14.17
CA ASP D 60 22.53 14.94 -13.85
C ASP D 60 21.04 14.63 -13.68
N LEU D 61 20.18 15.47 -14.25
CA LEU D 61 18.73 15.30 -14.17
C LEU D 61 18.23 14.58 -15.41
N ALA D 62 17.09 13.89 -15.25
CA ALA D 62 16.45 13.24 -16.39
C ALA D 62 15.94 14.28 -17.38
N THR D 63 15.29 15.33 -16.87
CA THR D 63 14.74 16.36 -17.75
C THR D 63 15.83 17.05 -18.57
N VAL D 64 17.06 17.13 -18.04
CA VAL D 64 18.15 17.71 -18.81
C VAL D 64 18.57 16.78 -19.94
N SER D 65 18.57 15.47 -19.70
CA SER D 65 18.93 14.52 -20.75
C SER D 65 17.92 14.57 -21.91
N ALA D 66 16.63 14.73 -21.59
CA ALA D 66 15.61 14.74 -22.64
C ALA D 66 15.65 16.03 -23.46
N LEU D 67 15.86 17.18 -22.80
CA LEU D 67 15.96 18.44 -23.52
C LEU D 67 17.08 18.40 -24.56
N ARG D 68 18.20 17.76 -24.22
CA ARG D 68 19.26 17.54 -25.20
C ARG D 68 18.73 16.78 -26.40
N LYS D 69 18.09 15.63 -26.16
CA LYS D 69 17.49 14.84 -27.23
C LYS D 69 16.58 15.70 -28.11
N MET D 70 15.84 16.63 -27.48
CA MET D 70 15.00 17.55 -28.24
C MET D 70 15.79 18.50 -29.13
N GLY D 71 17.09 18.63 -28.92
CA GLY D 71 17.88 19.62 -29.60
C GLY D 71 17.96 20.97 -28.90
N VAL D 72 17.58 21.04 -27.63
CA VAL D 72 17.63 22.29 -26.88
C VAL D 72 19.06 22.51 -26.38
N LYS D 73 19.55 23.74 -26.54
CA LYS D 73 20.89 24.06 -26.05
C LYS D 73 20.88 24.14 -24.52
N LEU D 74 21.81 23.42 -23.89
CA LEU D 74 21.98 23.47 -22.45
C LEU D 74 23.32 24.10 -22.09
N THR D 75 23.36 24.73 -20.93
CA THR D 75 24.58 25.27 -20.36
C THR D 75 24.46 25.19 -18.85
N PRO D 76 25.58 25.09 -18.13
CA PRO D 76 25.51 25.21 -16.67
C PRO D 76 25.49 26.66 -16.19
N HIS D 77 25.58 27.63 -17.09
CA HIS D 77 25.80 29.03 -16.72
C HIS D 77 24.52 29.82 -16.97
N ASN D 78 23.87 30.25 -15.88
CA ASN D 78 22.68 31.06 -16.00
C ASN D 78 22.93 32.35 -16.76
N LYS D 79 24.15 32.91 -16.65
CA LYS D 79 24.47 34.13 -17.40
C LYS D 79 24.39 33.87 -18.90
N GLU D 80 24.79 32.68 -19.34
CA GLU D 80 24.69 32.36 -20.77
C GLU D 80 23.24 32.35 -21.22
N THR D 81 22.36 31.73 -20.45
CA THR D 81 20.94 31.72 -20.81
C THR D 81 20.39 33.15 -20.88
N VAL D 82 20.80 34.01 -19.96
CA VAL D 82 20.36 35.41 -20.01
C VAL D 82 20.82 36.07 -21.29
N GLN D 83 22.10 35.91 -21.64
CA GLN D 83 22.63 36.55 -22.83
C GLN D 83 21.92 36.08 -24.08
N HIS D 84 21.52 34.81 -24.13
CA HIS D 84 20.91 34.22 -25.31
C HIS D 84 19.44 34.57 -25.47
N SER D 85 18.75 34.94 -24.40
CA SER D 85 17.29 34.97 -24.39
C SER D 85 16.73 36.37 -24.59
N ASP D 86 15.56 36.42 -25.25
CA ASP D 86 14.70 37.59 -25.23
C ASP D 86 13.63 37.44 -24.16
N VAL D 87 12.98 36.28 -24.14
CA VAL D 87 12.03 35.91 -23.10
C VAL D 87 12.71 34.92 -22.18
N LEU D 88 12.73 35.24 -20.89
CA LEU D 88 13.48 34.46 -19.90
C LEU D 88 12.47 33.90 -18.90
N PHE D 89 12.21 32.60 -19.00
CA PHE D 89 11.36 31.91 -18.02
C PHE D 89 12.18 31.54 -16.80
N LEU D 90 11.69 31.89 -15.63
CA LEU D 90 12.30 31.46 -14.37
C LEU D 90 11.53 30.23 -13.92
N ALA D 91 12.14 29.06 -14.11
CA ALA D 91 11.51 27.78 -13.85
C ALA D 91 12.26 27.02 -12.76
N VAL D 92 12.68 27.74 -11.73
CA VAL D 92 13.32 27.14 -10.57
C VAL D 92 12.32 27.17 -9.42
N LYS D 93 12.66 26.44 -8.36
CA LYS D 93 11.82 26.42 -7.17
C LYS D 93 11.73 27.84 -6.58
N PRO D 94 10.64 28.17 -5.89
CA PRO D 94 10.48 29.54 -5.38
C PRO D 94 11.63 30.03 -4.52
N HIS D 95 12.15 29.18 -3.63
CA HIS D 95 13.23 29.61 -2.76
C HIS D 95 14.55 29.82 -3.49
N ILE D 96 14.63 29.43 -4.76
CA ILE D 96 15.82 29.71 -5.56
C ILE D 96 15.75 31.07 -6.24
N ILE D 97 14.53 31.62 -6.42
CA ILE D 97 14.35 32.83 -7.21
C ILE D 97 15.20 34.00 -6.71
N PRO D 98 15.17 34.38 -5.43
CA PRO D 98 16.03 35.51 -5.01
C PRO D 98 17.52 35.23 -5.16
N PHE D 99 17.93 33.97 -5.06
CA PHE D 99 19.33 33.63 -5.34
C PHE D 99 19.65 33.81 -6.83
N ILE D 100 18.74 33.41 -7.71
CA ILE D 100 18.96 33.58 -9.14
C ILE D 100 18.98 35.07 -9.49
N LEU D 101 18.01 35.82 -8.96
CA LEU D 101 17.96 37.26 -9.24
C LEU D 101 19.24 37.95 -8.77
N ASP D 102 19.80 37.51 -7.64
CA ASP D 102 21.12 37.99 -7.23
C ASP D 102 22.17 37.67 -8.30
N GLU D 103 22.15 36.45 -8.85
CA GLU D 103 23.23 36.00 -9.71
C GLU D 103 23.23 36.72 -11.06
N ILE D 104 22.07 36.82 -11.71
CA ILE D 104 21.97 37.30 -13.09
C ILE D 104 21.40 38.72 -13.18
N GLY D 105 21.05 39.34 -12.06
CA GLY D 105 20.35 40.61 -12.10
C GLY D 105 21.10 41.70 -12.84
N ALA D 106 22.42 41.71 -12.74
CA ALA D 106 23.21 42.70 -13.47
C ALA D 106 23.19 42.44 -14.97
N ASP D 107 22.81 41.22 -15.40
CA ASP D 107 22.74 40.85 -16.81
C ASP D 107 21.37 41.10 -17.43
N ILE D 108 20.35 41.38 -16.64
CA ILE D 108 19.04 41.73 -17.19
C ILE D 108 19.12 43.10 -17.86
N GLU D 109 18.60 43.18 -19.08
CA GLU D 109 18.63 44.40 -19.87
C GLU D 109 17.21 44.81 -20.25
N ASP D 110 17.11 46.01 -20.83
CA ASP D 110 15.81 46.55 -21.24
C ASP D 110 15.10 45.61 -22.22
N ARG D 111 15.86 44.86 -23.02
CA ARG D 111 15.28 43.94 -23.99
C ARG D 111 14.58 42.75 -23.33
N HIS D 112 14.98 42.38 -22.13
CA HIS D 112 14.51 41.13 -21.54
C HIS D 112 13.08 41.25 -21.06
N ILE D 113 12.31 40.19 -21.28
CA ILE D 113 11.06 39.96 -20.56
C ILE D 113 11.29 38.80 -19.62
N VAL D 114 11.16 39.05 -18.33
CA VAL D 114 11.40 38.04 -17.30
C VAL D 114 10.04 37.46 -16.92
N VAL D 115 9.87 36.16 -17.15
CA VAL D 115 8.64 35.45 -16.86
C VAL D 115 8.91 34.52 -15.69
N SER D 116 8.41 34.86 -14.52
CA SER D 116 8.52 33.98 -13.37
C SER D 116 7.37 32.97 -13.39
N CYS D 117 7.73 31.69 -13.34
CA CYS D 117 6.78 30.58 -13.19
C CYS D 117 6.73 30.05 -11.77
N ALA D 118 7.54 30.60 -10.87
CA ALA D 118 7.62 30.06 -9.52
C ALA D 118 6.31 30.29 -8.76
N ALA D 119 5.83 29.26 -8.10
CA ALA D 119 4.62 29.38 -7.27
C ALA D 119 4.86 30.41 -6.17
N GLY D 120 3.87 31.29 -5.97
CA GLY D 120 3.88 32.21 -4.87
C GLY D 120 4.75 33.45 -5.02
N VAL D 121 5.77 33.43 -5.89
CA VAL D 121 6.72 34.54 -5.93
C VAL D 121 6.07 35.75 -6.58
N THR D 122 6.02 36.86 -5.84
CA THR D 122 5.29 38.04 -6.30
C THR D 122 6.09 38.83 -7.33
N ILE D 123 5.35 39.50 -8.22
CA ILE D 123 5.97 40.46 -9.13
C ILE D 123 6.78 41.48 -8.34
N SER D 124 6.23 41.96 -7.23
CA SER D 124 6.89 43.03 -6.48
C SER D 124 8.26 42.59 -5.98
N SER D 125 8.37 41.36 -5.50
CA SER D 125 9.66 40.90 -4.98
C SER D 125 10.69 40.76 -6.10
N ILE D 126 10.25 40.36 -7.29
CA ILE D 126 11.17 40.23 -8.42
C ILE D 126 11.61 41.61 -8.89
N GLU D 127 10.64 42.51 -9.09
CA GLU D 127 10.97 43.87 -9.52
C GLU D 127 11.86 44.56 -8.49
N LYS D 128 11.68 44.26 -7.20
CA LYS D 128 12.51 44.89 -6.19
C LYS D 128 13.97 44.51 -6.37
N LYS D 129 14.23 43.21 -6.58
CA LYS D 129 15.59 42.74 -6.82
C LYS D 129 16.18 43.33 -8.09
N LEU D 130 15.44 43.24 -9.19
CA LEU D 130 15.97 43.68 -10.48
C LEU D 130 16.02 45.21 -10.62
N SER D 131 15.17 45.96 -9.90
CA SER D 131 15.21 47.41 -9.97
C SER D 131 16.47 48.01 -9.38
N ALA D 132 17.16 47.27 -8.51
CA ALA D 132 18.42 47.74 -7.98
C ALA D 132 19.49 47.80 -9.07
N PHE D 133 19.31 47.07 -10.17
CA PHE D 133 20.25 47.11 -11.29
C PHE D 133 19.79 48.07 -12.39
N ARG D 134 18.65 47.80 -13.02
CA ARG D 134 18.09 48.68 -14.03
C ARG D 134 16.68 49.12 -13.64
N PRO D 135 16.27 50.32 -14.02
CA PRO D 135 15.09 50.93 -13.37
C PRO D 135 13.75 50.29 -13.71
N ALA D 136 13.56 49.76 -14.92
CA ALA D 136 12.22 49.34 -15.39
C ALA D 136 12.26 47.92 -15.94
N PRO D 137 12.54 46.92 -15.11
CA PRO D 137 12.54 45.53 -15.61
C PRO D 137 11.14 45.09 -16.00
N ARG D 138 11.04 44.46 -17.16
CA ARG D 138 9.77 43.94 -17.67
C ARG D 138 9.54 42.55 -17.09
N VAL D 139 8.56 42.42 -16.19
CA VAL D 139 8.32 41.20 -15.43
C VAL D 139 6.89 40.75 -15.67
N ILE D 140 6.72 39.46 -15.96
CA ILE D 140 5.42 38.81 -16.03
C ILE D 140 5.45 37.64 -15.06
N ARG D 141 4.40 37.50 -14.26
CA ARG D 141 4.23 36.34 -13.40
C ARG D 141 3.24 35.38 -14.03
N CYS D 142 3.58 34.11 -14.06
CA CYS D 142 2.67 33.15 -14.65
C CYS D 142 2.56 31.94 -13.74
N MET D 143 1.44 31.21 -13.89
CA MET D 143 1.24 29.90 -13.28
C MET D 143 0.68 29.02 -14.37
N THR D 144 1.47 28.06 -14.81
CA THR D 144 1.09 27.11 -15.83
C THR D 144 1.10 25.73 -15.17
N ASN D 145 1.08 24.68 -15.98
CA ASN D 145 1.09 23.34 -15.44
C ASN D 145 1.67 22.40 -16.50
N THR D 146 1.94 21.18 -16.08
CA THR D 146 2.71 20.29 -16.94
C THR D 146 1.97 19.88 -18.22
N PRO D 147 0.61 19.81 -18.26
CA PRO D 147 -0.04 19.41 -19.52
C PRO D 147 0.24 20.31 -20.73
N VAL D 148 0.98 21.41 -20.56
CA VAL D 148 1.48 22.11 -21.74
C VAL D 148 2.32 21.16 -22.60
N VAL D 149 2.81 20.06 -22.02
CA VAL D 149 3.66 19.14 -22.78
C VAL D 149 2.86 18.45 -23.88
N VAL D 150 1.54 18.34 -23.72
CA VAL D 150 0.62 17.86 -24.76
C VAL D 150 -0.29 18.99 -25.24
N ARG D 151 0.15 20.23 -25.07
CA ARG D 151 -0.54 21.41 -25.56
C ARG D 151 -1.95 21.54 -24.99
N GLU D 152 -2.16 21.09 -23.76
CA GLU D 152 -3.45 21.26 -23.11
C GLU D 152 -3.26 21.84 -21.71
N GLY D 153 -2.31 22.75 -21.59
CA GLY D 153 -2.04 23.40 -20.32
C GLY D 153 -3.15 24.37 -19.93
N ALA D 154 -3.04 24.83 -18.69
CA ALA D 154 -3.93 25.85 -18.15
C ALA D 154 -3.04 26.93 -17.58
N THR D 155 -3.06 28.11 -18.17
CA THR D 155 -2.09 29.14 -17.82
C THR D 155 -2.80 30.45 -17.49
N VAL D 156 -2.34 31.12 -16.43
CA VAL D 156 -2.71 32.50 -16.17
C VAL D 156 -1.42 33.29 -16.02
N TYR D 157 -1.51 34.60 -16.31
CA TYR D 157 -0.37 35.48 -16.19
C TYR D 157 -0.85 36.84 -15.74
N ALA D 158 0.02 37.53 -15.00
CA ALA D 158 -0.19 38.92 -14.60
C ALA D 158 1.01 39.75 -15.05
N THR D 159 0.73 40.94 -15.58
CA THR D 159 1.78 41.80 -16.11
C THR D 159 2.30 42.72 -15.01
N GLY D 160 3.61 42.95 -15.02
CA GLY D 160 4.26 43.75 -14.01
C GLY D 160 4.16 45.23 -14.32
N THR D 161 4.85 46.02 -13.48
CA THR D 161 4.76 47.47 -13.55
C THR D 161 5.26 48.02 -14.88
N HIS D 162 6.34 47.46 -15.40
CA HIS D 162 7.02 48.00 -16.58
C HIS D 162 6.80 47.17 -17.83
N ALA D 163 6.01 46.10 -17.73
CA ALA D 163 5.68 45.32 -18.93
C ALA D 163 4.95 46.19 -19.92
N GLN D 164 5.37 46.14 -21.19
CA GLN D 164 4.71 46.90 -22.22
C GLN D 164 3.45 46.16 -22.70
N VAL D 165 2.56 46.90 -23.38
CA VAL D 165 1.31 46.30 -23.84
C VAL D 165 1.58 45.10 -24.71
N GLU D 166 2.60 45.20 -25.58
CA GLU D 166 2.99 44.07 -26.43
C GLU D 166 3.52 42.90 -25.62
N ASP D 167 4.04 43.13 -24.41
CA ASP D 167 4.59 42.04 -23.62
C ASP D 167 3.51 41.08 -23.17
N GLY D 168 2.41 41.61 -22.63
CA GLY D 168 1.28 40.77 -22.30
C GLY D 168 0.70 40.07 -23.53
N ARG D 169 0.68 40.77 -24.67
CA ARG D 169 0.16 40.19 -25.90
C ARG D 169 1.05 39.04 -26.37
N LEU D 170 2.37 39.25 -26.39
CA LEU D 170 3.31 38.19 -26.75
C LEU D 170 3.17 36.99 -25.82
N MET D 171 3.04 37.28 -24.52
CA MET D 171 2.90 36.21 -23.54
C MET D 171 1.64 35.39 -23.76
N GLU D 172 0.52 36.08 -24.01
CA GLU D 172 -0.73 35.40 -24.31
C GLU D 172 -0.60 34.51 -25.54
N GLN D 173 -0.09 35.07 -26.63
CA GLN D 173 0.17 34.29 -27.84
C GLN D 173 1.00 33.07 -27.54
N LEU D 174 2.13 33.26 -26.84
CA LEU D 174 3.04 32.16 -26.60
C LEU D 174 2.37 31.04 -25.80
N LEU D 175 1.80 31.37 -24.64
CA LEU D 175 1.22 30.34 -23.78
C LEU D 175 -0.08 29.78 -24.32
N SER D 176 -0.79 30.53 -25.18
CA SER D 176 -1.98 29.98 -25.83
C SER D 176 -1.65 28.87 -26.81
N SER D 177 -0.41 28.81 -27.31
CA SER D 177 -0.08 27.74 -28.22
C SER D 177 0.02 26.38 -27.52
N VAL D 178 0.05 26.37 -26.19
CA VAL D 178 0.17 25.12 -25.44
C VAL D 178 -0.98 24.91 -24.47
N GLY D 179 -2.06 25.64 -24.63
CA GLY D 179 -3.23 25.37 -23.82
C GLY D 179 -4.05 26.64 -23.62
N PHE D 180 -4.92 26.60 -22.63
CA PHE D 180 -5.71 27.75 -22.29
C PHE D 180 -4.82 28.79 -21.63
N CYS D 181 -5.05 30.06 -21.97
CA CYS D 181 -4.24 31.11 -21.37
C CYS D 181 -5.08 32.37 -21.26
N THR D 182 -5.00 33.04 -20.10
CA THR D 182 -5.74 34.27 -19.90
C THR D 182 -5.01 35.13 -18.87
N GLU D 183 -5.14 36.45 -19.03
CA GLU D 183 -4.56 37.37 -18.07
C GLU D 183 -5.45 37.45 -16.83
N VAL D 184 -4.83 37.53 -15.66
CA VAL D 184 -5.53 37.72 -14.40
C VAL D 184 -4.86 38.84 -13.61
N GLU D 185 -5.58 39.34 -12.61
CA GLU D 185 -4.93 40.15 -11.58
C GLU D 185 -4.04 39.26 -10.74
N GLU D 186 -2.91 39.82 -10.30
CA GLU D 186 -1.91 39.00 -9.62
C GLU D 186 -2.46 38.34 -8.35
N ASP D 187 -3.41 39.00 -7.68
CA ASP D 187 -3.88 38.43 -6.41
C ASP D 187 -4.73 37.17 -6.58
N LEU D 188 -5.06 36.78 -7.81
CA LEU D 188 -5.71 35.49 -8.07
C LEU D 188 -4.73 34.34 -8.22
N ILE D 189 -3.43 34.62 -8.35
CA ILE D 189 -2.54 33.60 -8.89
C ILE D 189 -2.28 32.49 -7.89
N ASP D 190 -2.20 32.80 -6.59
CA ASP D 190 -2.03 31.75 -5.61
C ASP D 190 -3.21 30.77 -5.63
N ALA D 191 -4.43 31.29 -5.80
CA ALA D 191 -5.61 30.45 -5.89
C ALA D 191 -5.59 29.59 -7.15
N VAL D 192 -5.15 30.16 -8.28
CA VAL D 192 -5.00 29.37 -9.49
C VAL D 192 -3.99 28.24 -9.26
N THR D 193 -2.92 28.52 -8.53
CA THR D 193 -1.95 27.48 -8.22
C THR D 193 -2.62 26.30 -7.53
N GLY D 194 -3.50 26.56 -6.58
CA GLY D 194 -4.13 25.45 -5.89
C GLY D 194 -5.10 24.68 -6.74
N LEU D 195 -5.63 25.31 -7.79
CA LEU D 195 -6.64 24.70 -8.65
C LEU D 195 -5.98 24.08 -9.88
N SER D 196 -5.53 24.89 -10.84
CA SER D 196 -4.98 24.28 -12.06
C SER D 196 -3.48 24.05 -11.99
N GLY D 197 -2.76 24.73 -11.10
CA GLY D 197 -1.34 24.44 -10.95
C GLY D 197 -1.11 23.07 -10.33
N SER D 198 -1.74 22.81 -9.19
CA SER D 198 -1.69 21.49 -8.57
C SER D 198 -2.68 20.51 -9.19
N GLY D 199 -3.66 21.00 -9.94
CA GLY D 199 -4.73 20.18 -10.46
C GLY D 199 -4.37 18.86 -11.12
N PRO D 200 -3.36 18.86 -12.01
CA PRO D 200 -3.02 17.60 -12.67
C PRO D 200 -2.64 16.51 -11.68
N ALA D 201 -2.00 16.86 -10.56
CA ALA D 201 -1.67 15.85 -9.55
C ALA D 201 -2.92 15.26 -8.91
N TYR D 202 -3.94 16.08 -8.66
CA TYR D 202 -5.20 15.52 -8.17
C TYR D 202 -5.77 14.53 -9.17
N ALA D 203 -5.68 14.87 -10.47
CA ALA D 203 -6.22 14.01 -11.51
C ALA D 203 -5.43 12.71 -11.62
N PHE D 204 -4.10 12.78 -11.52
CA PHE D 204 -3.30 11.56 -11.60
C PHE D 204 -3.61 10.63 -10.43
N THR D 205 -3.79 11.20 -9.25
CA THR D 205 -4.22 10.42 -8.09
C THR D 205 -5.57 9.77 -8.33
N ALA D 206 -6.52 10.57 -8.82
CA ALA D 206 -7.86 10.05 -9.09
C ALA D 206 -7.81 8.93 -10.12
N LEU D 207 -6.96 9.07 -11.13
CA LEU D 207 -6.91 8.08 -12.20
C LEU D 207 -6.32 6.77 -11.70
N ASP D 208 -5.28 6.85 -10.87
CA ASP D 208 -4.70 5.67 -10.26
C ASP D 208 -5.76 4.92 -9.44
N ALA D 209 -6.55 5.65 -8.67
CA ALA D 209 -7.56 5.06 -7.80
C ALA D 209 -8.72 4.48 -8.61
N LEU D 210 -9.20 5.23 -9.61
CA LEU D 210 -10.26 4.72 -10.48
C LEU D 210 -9.81 3.45 -11.17
N ALA D 211 -8.53 3.40 -11.60
CA ALA D 211 -8.01 2.18 -12.20
C ALA D 211 -7.99 1.03 -11.20
N ASP D 212 -7.59 1.30 -9.95
CA ASP D 212 -7.66 0.26 -8.91
C ASP D 212 -9.09 -0.22 -8.73
N GLY D 213 -10.05 0.70 -8.81
CA GLY D 213 -11.44 0.30 -8.74
C GLY D 213 -11.83 -0.62 -9.88
N GLY D 214 -11.41 -0.28 -11.11
CA GLY D 214 -11.70 -1.17 -12.23
C GLY D 214 -11.06 -2.53 -12.04
N VAL D 215 -9.82 -2.55 -11.56
CA VAL D 215 -9.13 -3.80 -11.32
C VAL D 215 -9.84 -4.62 -10.23
N LYS D 216 -10.30 -3.96 -9.16
CA LYS D 216 -11.02 -4.68 -8.12
C LYS D 216 -12.25 -5.37 -8.69
N MET D 217 -12.91 -4.76 -9.66
CA MET D 217 -14.12 -5.32 -10.25
C MET D 217 -13.85 -6.22 -11.45
N GLY D 218 -12.59 -6.52 -11.77
CA GLY D 218 -12.27 -7.55 -12.74
C GLY D 218 -11.58 -7.09 -14.01
N LEU D 219 -11.34 -5.79 -14.17
CA LEU D 219 -10.71 -5.31 -15.40
C LEU D 219 -9.19 -5.49 -15.37
N PRO D 220 -8.59 -5.87 -16.50
CA PRO D 220 -7.13 -5.74 -16.64
C PRO D 220 -6.68 -4.31 -16.36
N ARG D 221 -5.53 -4.19 -15.70
CA ARG D 221 -5.02 -2.87 -15.30
CA ARG D 221 -5.05 -2.87 -15.30
C ARG D 221 -4.85 -1.96 -16.50
N ARG D 222 -4.30 -2.48 -17.59
CA ARG D 222 -4.07 -1.63 -18.75
C ARG D 222 -5.37 -1.03 -19.26
N LEU D 223 -6.41 -1.85 -19.39
CA LEU D 223 -7.71 -1.36 -19.86
C LEU D 223 -8.32 -0.38 -18.86
N ALA D 224 -8.20 -0.67 -17.57
CA ALA D 224 -8.76 0.21 -16.55
C ALA D 224 -8.14 1.60 -16.60
N VAL D 225 -6.82 1.69 -16.78
CA VAL D 225 -6.15 2.98 -16.86
C VAL D 225 -6.63 3.74 -18.09
N ARG D 226 -6.66 3.07 -19.24
CA ARG D 226 -7.12 3.70 -20.49
C ARG D 226 -8.55 4.20 -20.36
N LEU D 227 -9.47 3.36 -19.85
CA LEU D 227 -10.87 3.75 -19.76
C LEU D 227 -11.08 4.91 -18.77
N GLY D 228 -10.45 4.84 -17.60
CA GLY D 228 -10.58 5.93 -16.63
C GLY D 228 -10.07 7.25 -17.16
N ALA D 229 -8.90 7.23 -17.81
CA ALA D 229 -8.34 8.46 -18.36
C ALA D 229 -9.21 9.00 -19.49
N GLN D 230 -9.75 8.11 -20.32
CA GLN D 230 -10.62 8.56 -21.40
C GLN D 230 -11.91 9.15 -20.84
N ALA D 231 -12.46 8.54 -19.79
CA ALA D 231 -13.67 9.09 -19.18
C ALA D 231 -13.44 10.49 -18.62
N LEU D 232 -12.35 10.68 -17.90
CA LEU D 232 -12.02 11.99 -17.36
C LEU D 232 -11.82 13.02 -18.48
N LEU D 233 -11.04 12.66 -19.50
CA LEU D 233 -10.81 13.57 -20.63
C LEU D 233 -12.13 13.96 -21.29
N GLY D 234 -12.95 12.96 -21.61
CA GLY D 234 -14.21 13.27 -22.29
C GLY D 234 -15.13 14.13 -21.46
N ALA D 235 -15.19 13.86 -20.15
CA ALA D 235 -16.07 14.63 -19.28
C ALA D 235 -15.58 16.09 -19.18
N ALA D 236 -14.28 16.28 -19.05
CA ALA D 236 -13.73 17.64 -19.01
C ALA D 236 -14.00 18.37 -20.30
N LYS D 237 -13.81 17.69 -21.45
CA LYS D 237 -14.12 18.33 -22.72
C LYS D 237 -15.60 18.64 -22.84
N MET D 238 -16.45 17.70 -22.41
CA MET D 238 -17.89 17.93 -22.44
C MET D 238 -18.26 19.20 -21.70
N LEU D 239 -17.73 19.35 -20.49
CA LEU D 239 -18.01 20.55 -19.69
C LEU D 239 -17.50 21.81 -20.40
N LEU D 240 -16.28 21.77 -20.93
CA LEU D 240 -15.73 22.94 -21.59
C LEU D 240 -16.59 23.38 -22.77
N HIS D 241 -17.15 22.43 -23.52
CA HIS D 241 -17.94 22.73 -24.70
C HIS D 241 -19.41 22.90 -24.42
N SER D 242 -19.84 22.68 -23.19
CA SER D 242 -21.22 22.85 -22.80
C SER D 242 -21.46 24.24 -22.21
N GLU D 243 -22.66 24.75 -22.41
CA GLU D 243 -23.08 25.94 -21.68
C GLU D 243 -23.61 25.61 -20.30
N GLN D 244 -23.55 24.36 -19.89
CA GLN D 244 -24.34 23.87 -18.77
C GLN D 244 -23.52 23.77 -17.50
N HIS D 245 -24.22 23.88 -16.39
CA HIS D 245 -23.61 23.73 -15.09
C HIS D 245 -23.15 22.29 -14.88
N PRO D 246 -22.01 22.07 -14.22
CA PRO D 246 -21.57 20.69 -13.94
C PRO D 246 -22.63 19.83 -13.29
N GLY D 247 -23.40 20.39 -12.36
CA GLY D 247 -24.47 19.63 -11.73
C GLY D 247 -25.54 19.21 -12.73
N GLN D 248 -25.83 20.09 -13.69
CA GLN D 248 -26.80 19.72 -14.73
C GLN D 248 -26.31 18.55 -15.56
N LEU D 249 -25.02 18.55 -15.91
CA LEU D 249 -24.51 17.43 -16.71
C LEU D 249 -24.49 16.15 -15.89
N LYS D 250 -24.15 16.26 -14.61
CA LYS D 250 -24.30 15.13 -13.70
C LYS D 250 -25.75 14.64 -13.67
N ASP D 251 -26.70 15.58 -13.57
CA ASP D 251 -28.11 15.21 -13.61
C ASP D 251 -28.45 14.48 -14.89
N ASN D 252 -27.86 14.90 -16.02
CA ASN D 252 -28.21 14.30 -17.31
C ASN D 252 -27.80 12.85 -17.39
N VAL D 253 -26.76 12.44 -16.67
CA VAL D 253 -26.22 11.08 -16.78
C VAL D 253 -26.56 10.22 -15.57
N SER D 254 -27.38 10.73 -14.64
CA SER D 254 -27.75 10.00 -13.42
C SER D 254 -29.16 9.42 -13.57
N SER D 255 -29.24 8.23 -14.15
CA SER D 255 -30.52 7.62 -14.40
C SER D 255 -31.20 7.20 -13.09
N PRO D 256 -32.50 7.38 -12.97
CA PRO D 256 -33.17 7.06 -11.70
C PRO D 256 -32.97 5.60 -11.28
N GLY D 257 -32.54 5.43 -10.03
CA GLY D 257 -32.33 4.12 -9.45
C GLY D 257 -31.12 3.38 -9.95
N GLY D 258 -30.32 4.00 -10.82
CA GLY D 258 -29.31 3.30 -11.59
C GLY D 258 -27.95 3.23 -10.94
N ALA D 259 -27.00 2.68 -11.71
CA ALA D 259 -25.64 2.48 -11.25
C ALA D 259 -24.96 3.78 -10.87
N THR D 260 -25.10 4.79 -11.72
CA THR D 260 -24.35 6.02 -11.53
C THR D 260 -24.78 6.75 -10.26
N ILE D 261 -26.09 6.87 -10.02
CA ILE D 261 -26.52 7.58 -8.82
C ILE D 261 -26.13 6.80 -7.56
N HIS D 262 -26.05 5.47 -7.65
CA HIS D 262 -25.57 4.69 -6.50
C HIS D 262 -24.10 5.00 -6.22
N ALA D 263 -23.30 5.14 -7.27
CA ALA D 263 -21.90 5.47 -7.10
C ALA D 263 -21.73 6.89 -6.58
N LEU D 264 -22.53 7.84 -7.07
CA LEU D 264 -22.42 9.20 -6.56
C LEU D 264 -22.74 9.26 -5.08
N HIS D 265 -23.71 8.46 -4.63
CA HIS D 265 -24.01 8.44 -3.20
C HIS D 265 -22.78 8.07 -2.38
N VAL D 266 -22.03 7.05 -2.80
CA VAL D 266 -20.88 6.68 -1.96
C VAL D 266 -19.79 7.75 -2.03
N LEU D 267 -19.66 8.49 -3.14
CA LEU D 267 -18.74 9.62 -3.14
C LEU D 267 -19.18 10.66 -2.13
N GLU D 268 -20.47 10.99 -2.13
CA GLU D 268 -20.98 11.98 -1.18
C GLU D 268 -20.79 11.52 0.25
N SER D 269 -20.95 10.23 0.50
CA SER D 269 -20.86 9.73 1.88
C SER D 269 -19.45 9.88 2.44
N GLY D 270 -18.42 9.84 1.60
CA GLY D 270 -17.08 10.12 2.05
C GLY D 270 -16.66 11.58 1.98
N GLY D 271 -17.58 12.48 1.67
CA GLY D 271 -17.19 13.88 1.56
C GLY D 271 -16.24 14.14 0.42
N PHE D 272 -16.35 13.37 -0.67
CA PHE D 272 -15.58 13.60 -1.89
C PHE D 272 -15.43 15.06 -2.25
N ARG D 273 -16.54 15.81 -2.28
CA ARG D 273 -16.47 17.22 -2.68
C ARG D 273 -15.57 18.00 -1.74
N SER D 274 -15.72 17.80 -0.43
CA SER D 274 -14.94 18.57 0.53
C SER D 274 -13.45 18.28 0.44
N LEU D 275 -13.07 17.07 0.02
CA LEU D 275 -11.66 16.75 -0.11
C LEU D 275 -11.01 17.56 -1.21
N LEU D 276 -11.69 17.71 -2.34
CA LEU D 276 -11.17 18.53 -3.41
C LEU D 276 -11.13 20.01 -3.03
N ILE D 277 -12.13 20.48 -2.28
CA ILE D 277 -12.04 21.85 -1.76
C ILE D 277 -10.85 21.98 -0.82
N ASN D 278 -10.71 21.01 0.11
CA ASN D 278 -9.55 20.99 1.01
C ASN D 278 -8.26 21.08 0.23
N ALA D 279 -8.19 20.35 -0.89
CA ALA D 279 -6.96 20.28 -1.66
C ALA D 279 -6.63 21.64 -2.29
N VAL D 280 -7.58 22.23 -3.00
CA VAL D 280 -7.34 23.56 -3.58
C VAL D 280 -6.90 24.53 -2.49
N GLU D 281 -7.57 24.50 -1.35
CA GLU D 281 -7.26 25.43 -0.26
C GLU D 281 -5.86 25.18 0.30
N ALA D 282 -5.52 23.91 0.50
CA ALA D 282 -4.23 23.56 1.10
C ALA D 282 -3.09 23.98 0.20
N SER D 283 -3.24 23.78 -1.11
CA SER D 283 -2.19 24.19 -2.04
C SER D 283 -2.08 25.71 -2.10
N CYS D 284 -3.22 26.40 -2.19
CA CYS D 284 -3.21 27.86 -2.19
C CYS D 284 -2.57 28.40 -0.92
N ILE D 285 -2.93 27.84 0.23
CA ILE D 285 -2.38 28.36 1.49
C ILE D 285 -0.88 28.07 1.57
N ARG D 286 -0.44 26.88 1.13
CA ARG D 286 0.99 26.59 1.14
C ARG D 286 1.75 27.56 0.23
N THR D 287 1.17 27.88 -0.92
CA THR D 287 1.80 28.82 -1.85
C THR D 287 1.98 30.19 -1.19
N ARG D 288 0.92 30.73 -0.58
CA ARG D 288 1.02 32.00 0.14
C ARG D 288 2.04 31.90 1.27
N GLU D 289 2.02 30.79 2.00
CA GLU D 289 2.88 30.59 3.15
C GLU D 289 4.36 30.64 2.75
N LEU D 290 4.71 29.92 1.68
CA LEU D 290 6.09 29.88 1.24
C LEU D 290 6.57 31.28 0.86
N GLN D 291 5.71 32.08 0.23
CA GLN D 291 6.11 33.43 -0.14
C GLN D 291 6.19 34.36 1.08
N SER D 292 5.25 34.21 2.03
CA SER D 292 5.30 35.02 3.24
C SER D 292 6.57 34.73 4.04
N MET D 293 7.02 33.47 4.03
CA MET D 293 8.30 33.13 4.64
C MET D 293 9.45 33.86 3.95
N ALA D 294 9.44 33.84 2.61
CA ALA D 294 10.49 34.52 1.83
C ALA D 294 10.63 35.98 2.23
N ASP D 295 9.53 36.73 2.20
CA ASP D 295 9.54 38.14 2.61
C ASP D 295 9.79 38.30 4.11
N PHE E 20 -4.11 -33.10 46.92
CA PHE E 20 -3.61 -34.29 47.59
C PHE E 20 -2.12 -34.49 47.33
N GLN E 21 -1.50 -35.41 48.09
CA GLN E 21 -0.10 -35.74 47.89
C GLN E 21 0.09 -36.88 46.90
N SER E 22 -0.66 -37.98 47.08
CA SER E 22 -0.58 -39.14 46.21
C SER E 22 -1.10 -38.83 44.80
N MET E 23 -1.52 -37.58 44.58
CA MET E 23 -2.18 -37.22 43.34
C MET E 23 -1.18 -37.08 42.19
N SER E 24 -1.52 -37.72 41.08
CA SER E 24 -0.72 -37.73 39.86
C SER E 24 -1.46 -36.91 38.80
N VAL E 25 -0.76 -35.98 38.15
CA VAL E 25 -1.38 -35.06 37.21
C VAL E 25 -0.73 -35.20 35.85
N GLY E 26 -1.54 -35.15 34.80
CA GLY E 26 -1.02 -35.21 33.44
C GLY E 26 -1.56 -34.09 32.58
N PHE E 27 -0.73 -33.68 31.62
CA PHE E 27 -1.09 -32.69 30.62
C PHE E 27 -0.99 -33.32 29.23
N ILE E 28 -2.08 -33.32 28.49
CA ILE E 28 -2.07 -33.58 27.06
C ILE E 28 -2.05 -32.22 26.36
N GLY E 29 -1.01 -31.98 25.57
CA GLY E 29 -0.65 -30.64 25.16
C GLY E 29 0.41 -30.12 26.11
N ALA E 30 1.50 -29.56 25.59
CA ALA E 30 2.59 -29.07 26.40
C ALA E 30 2.98 -27.67 25.98
N GLY E 31 1.99 -26.83 25.68
CA GLY E 31 2.21 -25.48 25.22
C GLY E 31 2.26 -24.49 26.37
N GLN E 32 1.81 -23.26 26.09
CA GLN E 32 1.95 -22.18 27.06
C GLN E 32 1.11 -22.43 28.31
N LEU E 33 -0.11 -22.95 28.14
CA LEU E 33 -1.01 -23.10 29.27
C LEU E 33 -0.56 -24.23 30.19
N ALA E 34 -0.12 -25.35 29.61
CA ALA E 34 0.36 -26.47 30.43
C ALA E 34 1.59 -26.08 31.23
N PHE E 35 2.54 -25.39 30.60
CA PHE E 35 3.69 -24.91 31.33
C PHE E 35 3.27 -23.97 32.46
N ALA E 36 2.43 -22.98 32.13
CA ALA E 36 1.98 -22.03 33.14
C ALA E 36 1.39 -22.74 34.34
N LEU E 37 0.51 -23.73 34.08
CA LEU E 37 -0.16 -24.47 35.15
C LEU E 37 0.83 -25.31 35.95
N ALA E 38 1.70 -26.05 35.26
CA ALA E 38 2.69 -26.86 35.96
C ALA E 38 3.63 -25.98 36.78
N LYS E 39 4.05 -24.85 36.22
CA LYS E 39 4.94 -23.95 36.97
C LYS E 39 4.22 -23.36 38.18
N GLY E 40 2.96 -22.96 38.01
CA GLY E 40 2.22 -22.44 39.16
C GLY E 40 1.98 -23.49 40.22
N PHE E 41 1.61 -24.71 39.79
CA PHE E 41 1.32 -25.80 40.71
C PHE E 41 2.54 -26.15 41.56
N THR E 42 3.71 -26.22 40.93
CA THR E 42 4.90 -26.60 41.68
C THR E 42 5.43 -25.45 42.53
N ALA E 43 5.30 -24.22 42.05
CA ALA E 43 5.62 -23.07 42.89
C ALA E 43 4.72 -23.01 44.11
N ALA E 44 3.42 -23.30 43.91
CA ALA E 44 2.46 -23.27 45.01
C ALA E 44 2.82 -24.29 46.08
N GLY E 45 3.50 -25.36 45.71
CA GLY E 45 3.79 -26.46 46.62
C GLY E 45 2.75 -27.55 46.66
N VAL E 46 1.59 -27.38 46.00
CA VAL E 46 0.55 -28.41 46.06
C VAL E 46 0.91 -29.64 45.25
N LEU E 47 1.95 -29.56 44.44
CA LEU E 47 2.27 -30.62 43.49
C LEU E 47 3.78 -30.61 43.28
N ALA E 48 4.42 -31.76 43.43
CA ALA E 48 5.82 -31.88 43.09
C ALA E 48 5.95 -32.18 41.60
N ALA E 49 6.97 -31.58 40.98
CA ALA E 49 7.12 -31.68 39.53
C ALA E 49 7.17 -33.13 39.06
N HIS E 50 7.66 -34.03 39.90
CA HIS E 50 7.79 -35.43 39.50
C HIS E 50 6.45 -36.14 39.43
N LYS E 51 5.41 -35.60 40.05
CA LYS E 51 4.08 -36.18 39.97
C LYS E 51 3.28 -35.65 38.78
N ILE E 52 3.95 -34.92 37.87
CA ILE E 52 3.32 -34.33 36.70
C ILE E 52 3.97 -34.93 35.45
N MET E 53 3.16 -35.24 34.45
CA MET E 53 3.64 -35.75 33.18
C MET E 53 2.95 -34.99 32.06
N ALA E 54 3.68 -34.73 30.97
CA ALA E 54 3.13 -34.00 29.84
C ALA E 54 3.53 -34.67 28.53
N SER E 55 2.65 -34.54 27.54
CA SER E 55 2.87 -35.07 26.20
C SER E 55 2.58 -34.00 25.16
N SER E 56 3.23 -34.13 24.00
CA SER E 56 3.05 -33.18 22.91
C SER E 56 3.42 -33.87 21.61
N PRO E 57 2.76 -33.54 20.50
CA PRO E 57 3.21 -34.01 19.19
C PRO E 57 4.54 -33.41 18.75
N ASP E 58 5.00 -32.34 19.40
CA ASP E 58 6.25 -31.65 19.06
C ASP E 58 7.09 -31.58 20.33
N MET E 59 8.08 -32.47 20.43
CA MET E 59 8.92 -32.53 21.62
C MET E 59 10.12 -31.58 21.54
N ASP E 60 10.09 -30.62 20.63
CA ASP E 60 11.14 -29.61 20.51
C ASP E 60 10.70 -28.23 20.94
N LEU E 61 9.41 -28.04 21.26
CA LEU E 61 8.91 -26.76 21.73
C LEU E 61 9.72 -26.26 22.91
N ALA E 62 9.83 -24.92 23.02
CA ALA E 62 10.51 -24.35 24.16
C ALA E 62 9.80 -24.71 25.46
N THR E 63 8.45 -24.69 25.45
CA THR E 63 7.68 -25.06 26.63
C THR E 63 8.02 -26.47 27.10
N VAL E 64 8.35 -27.39 26.19
CA VAL E 64 8.69 -28.76 26.61
C VAL E 64 10.06 -28.80 27.27
N SER E 65 11.03 -28.05 26.74
CA SER E 65 12.36 -28.02 27.34
C SER E 65 12.32 -27.41 28.73
N ALA E 66 11.51 -26.37 28.92
CA ALA E 66 11.35 -25.75 30.23
C ALA E 66 10.77 -26.73 31.24
N LEU E 67 9.71 -27.45 30.84
CA LEU E 67 9.11 -28.46 31.72
C LEU E 67 10.11 -29.53 32.11
N ARG E 68 11.07 -29.84 31.24
CA ARG E 68 12.09 -30.82 31.61
C ARG E 68 13.00 -30.28 32.70
N LYS E 69 13.39 -28.99 32.60
CA LYS E 69 14.23 -28.39 33.63
C LYS E 69 13.55 -28.43 35.00
N MET E 70 12.24 -28.18 35.04
CA MET E 70 11.48 -28.20 36.29
C MET E 70 11.40 -29.59 36.91
N GLY E 71 11.62 -30.65 36.13
CA GLY E 71 11.48 -31.99 36.62
C GLY E 71 10.18 -32.67 36.26
N VAL E 72 9.43 -32.13 35.29
CA VAL E 72 8.22 -32.78 34.81
C VAL E 72 8.61 -33.89 33.85
N LYS E 73 7.90 -35.02 33.92
CA LYS E 73 8.13 -36.12 32.99
C LYS E 73 7.50 -35.80 31.64
N LEU E 74 8.25 -36.03 30.57
CA LEU E 74 7.79 -35.76 29.22
C LEU E 74 7.71 -37.06 28.42
N THR E 75 6.78 -37.10 27.47
CA THR E 75 6.59 -38.23 26.56
C THR E 75 5.99 -37.71 25.28
N PRO E 76 6.22 -38.37 24.14
CA PRO E 76 5.44 -38.05 22.94
C PRO E 76 4.11 -38.77 22.87
N HIS E 77 3.88 -39.74 23.75
CA HIS E 77 2.71 -40.61 23.67
C HIS E 77 1.66 -40.18 24.68
N ASN E 78 0.50 -39.75 24.18
CA ASN E 78 -0.60 -39.37 25.05
C ASN E 78 -1.06 -40.53 25.93
N LYS E 79 -0.98 -41.77 25.42
CA LYS E 79 -1.40 -42.92 26.23
C LYS E 79 -0.58 -43.04 27.51
N GLU E 80 0.73 -42.77 27.43
CA GLU E 80 1.56 -42.85 28.61
C GLU E 80 1.16 -41.77 29.62
N THR E 81 0.84 -40.57 29.15
CA THR E 81 0.35 -39.54 30.07
C THR E 81 -0.93 -39.99 30.75
N VAL E 82 -1.86 -40.57 30.00
CA VAL E 82 -3.11 -41.05 30.58
C VAL E 82 -2.86 -42.09 31.66
N GLN E 83 -2.02 -43.09 31.34
CA GLN E 83 -1.76 -44.17 32.28
C GLN E 83 -1.06 -43.67 33.55
N HIS E 84 -0.28 -42.60 33.44
CA HIS E 84 0.38 -42.03 34.62
C HIS E 84 -0.59 -41.26 35.51
N SER E 85 -1.64 -40.69 34.94
CA SER E 85 -2.37 -39.61 35.58
C SER E 85 -3.62 -40.08 36.32
N ASP E 86 -3.96 -39.33 37.37
CA ASP E 86 -5.27 -39.36 37.99
C ASP E 86 -6.13 -38.23 37.46
N VAL E 87 -5.64 -37.00 37.56
CA VAL E 87 -6.24 -35.82 36.97
C VAL E 87 -5.57 -35.56 35.64
N LEU E 88 -6.36 -35.48 34.58
CA LEU E 88 -5.84 -35.32 33.21
C LEU E 88 -6.30 -33.98 32.67
N PHE E 89 -5.36 -33.05 32.48
CA PHE E 89 -5.63 -31.76 31.86
C PHE E 89 -5.51 -31.89 30.34
N LEU E 90 -6.57 -31.51 29.64
CA LEU E 90 -6.53 -31.36 28.18
C LEU E 90 -6.20 -29.89 27.91
N ALA E 91 -4.95 -29.64 27.53
CA ALA E 91 -4.45 -28.30 27.28
C ALA E 91 -4.03 -28.14 25.82
N VAL E 92 -4.77 -28.75 24.91
CA VAL E 92 -4.53 -28.65 23.49
C VAL E 92 -5.51 -27.64 22.91
N LYS E 93 -5.29 -27.27 21.65
CA LYS E 93 -6.17 -26.33 20.98
C LYS E 93 -7.58 -26.94 20.84
N PRO E 94 -8.62 -26.10 20.78
CA PRO E 94 -9.99 -26.65 20.78
C PRO E 94 -10.26 -27.61 19.63
N HIS E 95 -9.71 -27.36 18.45
CA HIS E 95 -9.96 -28.24 17.31
C HIS E 95 -9.24 -29.57 17.44
N ILE E 96 -8.25 -29.68 18.35
CA ILE E 96 -7.56 -30.94 18.56
C ILE E 96 -8.26 -31.84 19.57
N ILE E 97 -9.09 -31.27 20.47
CA ILE E 97 -9.77 -32.06 21.50
C ILE E 97 -10.48 -33.29 20.95
N PRO E 98 -11.31 -33.22 19.90
CA PRO E 98 -11.97 -34.44 19.41
C PRO E 98 -10.99 -35.52 19.00
N PHE E 99 -9.84 -35.14 18.43
CA PHE E 99 -8.84 -36.13 18.03
C PHE E 99 -8.20 -36.79 19.24
N ILE E 100 -7.80 -35.97 20.23
CA ILE E 100 -7.27 -36.51 21.48
C ILE E 100 -8.24 -37.52 22.08
N LEU E 101 -9.51 -37.13 22.18
CA LEU E 101 -10.50 -38.03 22.81
C LEU E 101 -10.62 -39.34 22.05
N ASP E 102 -10.57 -39.30 20.72
CA ASP E 102 -10.62 -40.55 19.96
C ASP E 102 -9.38 -41.41 20.22
N GLU E 103 -8.21 -40.76 20.38
CA GLU E 103 -6.97 -41.51 20.52
C GLU E 103 -6.82 -42.16 21.89
N ILE E 104 -7.30 -41.50 22.95
CA ILE E 104 -7.08 -41.99 24.31
C ILE E 104 -8.37 -42.41 25.00
N GLY E 105 -9.52 -42.32 24.32
CA GLY E 105 -10.79 -42.63 24.98
C GLY E 105 -10.84 -44.02 25.59
N ALA E 106 -10.22 -45.00 24.93
CA ALA E 106 -10.20 -46.36 25.45
C ALA E 106 -9.30 -46.52 26.66
N ASP E 107 -8.43 -45.54 26.95
CA ASP E 107 -7.52 -45.61 28.08
C ASP E 107 -8.04 -44.90 29.33
N ILE E 108 -9.18 -44.24 29.24
CA ILE E 108 -9.78 -43.59 30.41
C ILE E 108 -10.33 -44.64 31.36
N GLU E 109 -9.96 -44.55 32.63
CA GLU E 109 -10.45 -45.44 33.66
C GLU E 109 -11.46 -44.73 34.54
N ASP E 110 -12.02 -45.47 35.49
CA ASP E 110 -12.93 -44.88 36.44
C ASP E 110 -12.22 -43.90 37.38
N ARG E 111 -10.94 -44.14 37.67
CA ARG E 111 -10.18 -43.25 38.55
C ARG E 111 -9.92 -41.88 37.94
N HIS E 112 -10.14 -41.70 36.64
CA HIS E 112 -9.70 -40.50 35.96
C HIS E 112 -10.69 -39.36 36.14
N ILE E 113 -10.15 -38.16 36.32
CA ILE E 113 -10.90 -36.92 36.18
C ILE E 113 -10.31 -36.18 34.99
N VAL E 114 -11.13 -35.93 33.99
CA VAL E 114 -10.68 -35.28 32.77
C VAL E 114 -11.05 -33.81 32.85
N VAL E 115 -10.04 -32.95 32.90
CA VAL E 115 -10.23 -31.51 33.04
C VAL E 115 -9.92 -30.86 31.71
N SER E 116 -10.93 -30.41 30.98
CA SER E 116 -10.69 -29.76 29.70
C SER E 116 -10.46 -28.27 29.91
N CYS E 117 -9.36 -27.75 29.35
CA CYS E 117 -9.06 -26.33 29.38
C CYS E 117 -9.35 -25.64 28.07
N ALA E 118 -9.79 -26.38 27.05
CA ALA E 118 -9.94 -25.80 25.72
C ALA E 118 -11.06 -24.78 25.69
N ALA E 119 -10.78 -23.61 25.10
CA ALA E 119 -11.82 -22.59 24.90
C ALA E 119 -13.00 -23.16 24.11
N GLY E 120 -14.21 -22.93 24.63
CA GLY E 120 -15.44 -23.25 23.91
C GLY E 120 -15.88 -24.70 23.92
N VAL E 121 -14.98 -25.66 24.15
CA VAL E 121 -15.35 -27.06 24.01
C VAL E 121 -16.26 -27.47 25.16
N THR E 122 -17.45 -27.94 24.83
CA THR E 122 -18.46 -28.20 25.84
C THR E 122 -18.26 -29.54 26.55
N ILE E 123 -18.75 -29.60 27.78
CA ILE E 123 -18.76 -30.85 28.53
C ILE E 123 -19.54 -31.91 27.77
N SER E 124 -20.62 -31.52 27.09
CA SER E 124 -21.44 -32.48 26.37
C SER E 124 -20.64 -33.17 25.27
N SER E 125 -19.86 -32.39 24.51
CA SER E 125 -19.09 -32.95 23.42
C SER E 125 -18.00 -33.91 23.95
N ILE E 126 -17.42 -33.59 25.10
CA ILE E 126 -16.37 -34.43 25.66
C ILE E 126 -16.96 -35.70 26.22
N GLU E 127 -18.03 -35.57 27.00
CA GLU E 127 -18.71 -36.75 27.54
C GLU E 127 -19.25 -37.64 26.43
N LYS E 128 -19.73 -37.04 25.34
CA LYS E 128 -20.26 -37.87 24.24
C LYS E 128 -19.16 -38.74 23.65
N LYS E 129 -17.99 -38.16 23.40
CA LYS E 129 -16.88 -38.90 22.82
C LYS E 129 -16.39 -40.00 23.76
N LEU E 130 -16.13 -39.64 25.02
CA LEU E 130 -15.58 -40.59 25.97
C LEU E 130 -16.59 -41.67 26.36
N SER E 131 -17.88 -41.33 26.42
CA SER E 131 -18.87 -42.32 26.87
C SER E 131 -18.99 -43.49 25.92
N ALA E 132 -18.52 -43.35 24.69
CA ALA E 132 -18.53 -44.48 23.77
C ALA E 132 -17.49 -45.53 24.14
N PHE E 133 -16.47 -45.17 24.90
CA PHE E 133 -15.48 -46.15 25.31
C PHE E 133 -15.79 -46.73 26.70
N ARG E 134 -16.26 -45.90 27.62
CA ARG E 134 -16.55 -46.32 28.98
C ARG E 134 -17.59 -45.36 29.50
N PRO E 135 -18.67 -45.84 30.13
CA PRO E 135 -19.71 -44.92 30.61
C PRO E 135 -19.22 -44.14 31.82
N ALA E 136 -19.97 -43.09 32.13
CA ALA E 136 -19.71 -42.23 33.28
C ALA E 136 -18.30 -41.63 33.34
N PRO E 137 -17.83 -41.00 32.26
CA PRO E 137 -16.56 -40.25 32.38
C PRO E 137 -16.73 -39.05 33.30
N ARG E 138 -15.78 -38.88 34.22
CA ARG E 138 -15.77 -37.73 35.13
C ARG E 138 -15.08 -36.58 34.43
N VAL E 139 -15.86 -35.58 34.01
CA VAL E 139 -15.38 -34.49 33.18
C VAL E 139 -15.60 -33.17 33.92
N ILE E 140 -14.58 -32.32 33.89
CA ILE E 140 -14.67 -30.94 34.38
C ILE E 140 -14.18 -30.03 33.28
N ARG E 141 -14.90 -28.94 33.04
CA ARG E 141 -14.47 -27.93 32.10
C ARG E 141 -13.99 -26.71 32.87
N CYS E 142 -12.84 -26.17 32.48
CA CYS E 142 -12.41 -24.93 33.10
C CYS E 142 -11.95 -23.93 32.04
N MET E 143 -11.93 -22.67 32.44
CA MET E 143 -11.29 -21.60 31.69
C MET E 143 -10.34 -20.93 32.68
N THR E 144 -9.04 -21.05 32.41
CA THR E 144 -8.02 -20.45 33.25
C THR E 144 -7.26 -19.44 32.37
N ASN E 145 -6.13 -18.95 32.84
CA ASN E 145 -5.34 -18.03 32.03
C ASN E 145 -3.88 -18.17 32.43
N THR E 146 -3.01 -17.55 31.64
CA THR E 146 -1.59 -17.80 31.81
C THR E 146 -1.01 -17.23 33.11
N PRO E 147 -1.62 -16.18 33.77
CA PRO E 147 -1.03 -15.73 35.05
C PRO E 147 -1.02 -16.75 36.17
N VAL E 148 -1.59 -17.95 35.96
CA VAL E 148 -1.37 -19.03 36.91
C VAL E 148 0.12 -19.30 37.05
N VAL E 149 0.92 -18.91 36.05
CA VAL E 149 2.37 -19.11 36.11
C VAL E 149 3.00 -18.32 37.25
N VAL E 150 2.39 -17.20 37.66
CA VAL E 150 2.85 -16.43 38.82
C VAL E 150 1.83 -16.53 39.97
N ARG E 151 1.00 -17.56 39.94
CA ARG E 151 0.02 -17.84 40.99
C ARG E 151 -1.00 -16.71 41.16
N GLU E 152 -1.33 -16.02 40.07
CA GLU E 152 -2.40 -15.02 40.08
C GLU E 152 -3.35 -15.23 38.90
N GLY E 153 -3.66 -16.48 38.61
CA GLY E 153 -4.62 -16.79 37.57
C GLY E 153 -6.04 -16.45 37.97
N ALA E 154 -6.91 -16.46 36.98
CA ALA E 154 -8.34 -16.37 37.18
C ALA E 154 -8.93 -17.61 36.54
N THR E 155 -9.58 -18.45 37.33
CA THR E 155 -10.08 -19.73 36.85
C THR E 155 -11.55 -19.89 37.24
N VAL E 156 -12.36 -20.36 36.29
CA VAL E 156 -13.68 -20.87 36.61
C VAL E 156 -13.75 -22.30 36.08
N TYR E 157 -14.63 -23.09 36.68
CA TYR E 157 -14.83 -24.47 36.23
C TYR E 157 -16.30 -24.84 36.37
N ALA E 158 -16.74 -25.78 35.55
CA ALA E 158 -18.06 -26.40 35.68
C ALA E 158 -17.90 -27.91 35.69
N THR E 159 -18.65 -28.58 36.56
CA THR E 159 -18.55 -30.02 36.70
C THR E 159 -19.53 -30.72 35.75
N GLY E 160 -19.10 -31.87 35.23
CA GLY E 160 -19.89 -32.63 34.29
C GLY E 160 -20.91 -33.53 34.98
N THR E 161 -21.60 -34.32 34.14
CA THR E 161 -22.72 -35.15 34.59
C THR E 161 -22.29 -36.17 35.63
N HIS E 162 -21.11 -36.75 35.46
CA HIS E 162 -20.67 -37.86 36.30
C HIS E 162 -19.57 -37.46 37.25
N ALA E 163 -19.26 -36.17 37.32
CA ALA E 163 -18.29 -35.67 38.28
C ALA E 163 -18.85 -35.82 39.68
N GLN E 164 -18.06 -36.40 40.56
CA GLN E 164 -18.46 -36.53 41.96
C GLN E 164 -18.28 -35.19 42.68
N VAL E 165 -18.91 -35.07 43.85
CA VAL E 165 -18.80 -33.83 44.62
C VAL E 165 -17.34 -33.57 44.99
N GLU E 166 -16.63 -34.63 45.40
CA GLU E 166 -15.21 -34.47 45.73
C GLU E 166 -14.40 -34.03 44.52
N ASP E 167 -14.84 -34.35 43.31
CA ASP E 167 -14.09 -33.95 42.11
C ASP E 167 -14.09 -32.44 41.94
N GLY E 168 -15.22 -31.79 42.20
CA GLY E 168 -15.26 -30.34 42.13
C GLY E 168 -14.45 -29.68 43.22
N ARG E 169 -14.47 -30.27 44.42
CA ARG E 169 -13.70 -29.70 45.52
C ARG E 169 -12.20 -29.92 45.32
N LEU E 170 -11.82 -31.07 44.76
CA LEU E 170 -10.42 -31.30 44.40
C LEU E 170 -9.94 -30.29 43.37
N MET E 171 -10.76 -30.03 42.35
CA MET E 171 -10.40 -29.05 41.32
CA MET E 171 -10.36 -29.07 41.34
C MET E 171 -10.25 -27.66 41.92
N GLU E 172 -11.24 -27.25 42.73
CA GLU E 172 -11.17 -25.93 43.33
C GLU E 172 -9.93 -25.81 44.22
N GLN E 173 -9.61 -26.86 44.97
CA GLN E 173 -8.42 -26.80 45.83
C GLN E 173 -7.16 -26.63 45.00
N LEU E 174 -7.02 -27.44 43.94
CA LEU E 174 -5.85 -27.36 43.08
C LEU E 174 -5.73 -25.99 42.41
N LEU E 175 -6.80 -25.51 41.79
CA LEU E 175 -6.68 -24.29 41.00
C LEU E 175 -6.65 -23.05 41.88
N SER E 176 -7.22 -23.13 43.08
CA SER E 176 -7.12 -22.02 44.05
C SER E 176 -5.69 -21.75 44.45
N SER E 177 -4.80 -22.74 44.33
CA SER E 177 -3.43 -22.54 44.75
C SER E 177 -2.66 -21.65 43.79
N VAL E 178 -3.18 -21.41 42.58
CA VAL E 178 -2.50 -20.60 41.58
C VAL E 178 -3.33 -19.40 41.14
N GLY E 179 -4.36 -19.05 41.89
CA GLY E 179 -5.10 -17.83 41.59
C GLY E 179 -6.52 -17.90 42.12
N PHE E 180 -7.36 -17.01 41.60
CA PHE E 180 -8.77 -17.07 41.92
C PHE E 180 -9.42 -18.26 41.22
N CYS E 181 -10.32 -18.94 41.92
CA CYS E 181 -11.05 -20.06 41.35
C CYS E 181 -12.46 -20.12 41.93
N THR E 182 -13.46 -20.24 41.06
CA THR E 182 -14.80 -20.47 41.55
C THR E 182 -15.55 -21.34 40.54
N GLU E 183 -16.52 -22.09 41.05
CA GLU E 183 -17.41 -22.87 40.20
C GLU E 183 -18.44 -21.94 39.56
N VAL E 184 -18.76 -22.20 38.29
CA VAL E 184 -19.81 -21.49 37.58
C VAL E 184 -20.68 -22.50 36.85
N GLU E 185 -21.88 -22.04 36.44
CA GLU E 185 -22.65 -22.79 35.46
C GLU E 185 -21.92 -22.76 34.13
N GLU E 186 -21.98 -23.87 33.38
CA GLU E 186 -21.16 -23.98 32.18
C GLU E 186 -21.51 -22.92 31.15
N ASP E 187 -22.76 -22.46 31.12
CA ASP E 187 -23.10 -21.49 30.08
C ASP E 187 -22.50 -20.10 30.32
N LEU E 188 -21.81 -19.88 31.44
CA LEU E 188 -21.05 -18.66 31.65
C LEU E 188 -19.62 -18.73 31.10
N ILE E 189 -19.13 -19.92 30.74
CA ILE E 189 -17.70 -20.07 30.53
C ILE E 189 -17.21 -19.35 29.27
N ASP E 190 -18.04 -19.28 28.23
CA ASP E 190 -17.60 -18.56 27.02
C ASP E 190 -17.43 -17.06 27.31
N ALA E 191 -18.33 -16.47 28.10
CA ALA E 191 -18.15 -15.08 28.52
C ALA E 191 -16.92 -14.89 29.38
N VAL E 192 -16.67 -15.81 30.31
CA VAL E 192 -15.45 -15.74 31.11
C VAL E 192 -14.23 -15.78 30.20
N THR E 193 -14.28 -16.60 29.15
CA THR E 193 -13.19 -16.63 28.18
C THR E 193 -12.93 -15.25 27.60
N GLY E 194 -14.00 -14.53 27.23
CA GLY E 194 -13.81 -13.20 26.69
C GLY E 194 -13.25 -12.21 27.69
N LEU E 195 -13.43 -12.46 28.99
CA LEU E 195 -13.04 -11.50 30.02
C LEU E 195 -11.68 -11.87 30.61
N SER E 196 -11.62 -12.94 31.42
CA SER E 196 -10.33 -13.27 32.03
C SER E 196 -9.50 -14.25 31.22
N GLY E 197 -10.11 -15.01 30.28
CA GLY E 197 -9.30 -15.88 29.44
C GLY E 197 -8.42 -15.09 28.48
N SER E 198 -9.03 -14.14 27.76
CA SER E 198 -8.33 -13.22 26.86
C SER E 198 -7.80 -11.99 27.56
N GLY E 199 -8.27 -11.71 28.78
CA GLY E 199 -7.92 -10.52 29.52
C GLY E 199 -6.44 -10.16 29.59
N PRO E 200 -5.57 -11.13 29.92
CA PRO E 200 -4.15 -10.78 29.99
C PRO E 200 -3.63 -10.17 28.71
N ALA E 201 -4.12 -10.61 27.56
CA ALA E 201 -3.65 -10.05 26.29
C ALA E 201 -4.04 -8.58 26.16
N TYR E 202 -5.26 -8.21 26.60
CA TYR E 202 -5.66 -6.81 26.62
C TYR E 202 -4.72 -6.02 27.49
N ALA E 203 -4.35 -6.60 28.64
CA ALA E 203 -3.46 -5.92 29.57
C ALA E 203 -2.05 -5.78 29.00
N PHE E 204 -1.57 -6.80 28.30
CA PHE E 204 -0.24 -6.67 27.69
C PHE E 204 -0.24 -5.60 26.62
N THR E 205 -1.33 -5.52 25.84
CA THR E 205 -1.45 -4.47 24.84
C THR E 205 -1.44 -3.10 25.51
N ALA E 206 -2.23 -2.97 26.57
CA ALA E 206 -2.30 -1.70 27.29
C ALA E 206 -0.95 -1.33 27.89
N LEU E 207 -0.23 -2.32 28.44
CA LEU E 207 1.04 -2.00 29.08
C LEU E 207 2.08 -1.55 28.06
N ASP E 208 2.08 -2.19 26.88
CA ASP E 208 2.96 -1.73 25.79
C ASP E 208 2.65 -0.27 25.42
N ALA E 209 1.36 0.05 25.27
CA ALA E 209 0.96 1.40 24.87
C ALA E 209 1.28 2.41 25.96
N LEU E 210 0.98 2.08 27.21
CA LEU E 210 1.30 2.99 28.31
C LEU E 210 2.80 3.25 28.36
N ALA E 211 3.60 2.22 28.11
CA ALA E 211 5.05 2.41 28.06
C ALA E 211 5.43 3.33 26.90
N ASP E 212 4.84 3.11 25.72
CA ASP E 212 5.08 4.04 24.61
C ASP E 212 4.76 5.47 25.04
N GLY E 213 3.69 5.64 25.82
CA GLY E 213 3.33 6.98 26.24
C GLY E 213 4.35 7.58 27.20
N GLY E 214 4.83 6.78 28.16
CA GLY E 214 5.88 7.26 29.03
C GLY E 214 7.13 7.61 28.26
N VAL E 215 7.50 6.77 27.29
CA VAL E 215 8.65 7.06 26.45
C VAL E 215 8.44 8.34 25.65
N LYS E 216 7.23 8.54 25.10
CA LYS E 216 6.99 9.79 24.36
C LYS E 216 7.22 11.01 25.24
N MET E 217 6.85 10.92 26.51
CA MET E 217 6.97 12.04 27.43
C MET E 217 8.34 12.13 28.10
N GLY E 218 9.29 11.27 27.72
CA GLY E 218 10.68 11.42 28.14
C GLY E 218 11.23 10.30 29.02
N LEU E 219 10.44 9.30 29.39
CA LEU E 219 10.90 8.23 30.29
C LEU E 219 11.73 7.21 29.50
N PRO E 220 12.82 6.70 30.09
CA PRO E 220 13.45 5.49 29.52
C PRO E 220 12.46 4.34 29.48
N ARG E 221 12.63 3.48 28.46
CA ARG E 221 11.66 2.41 28.23
C ARG E 221 11.59 1.45 29.41
N ARG E 222 12.74 1.05 29.96
CA ARG E 222 12.73 0.09 31.06
C ARG E 222 11.92 0.63 32.23
N LEU E 223 12.13 1.90 32.57
CA LEU E 223 11.38 2.52 33.66
C LEU E 223 9.89 2.64 33.33
N ALA E 224 9.56 3.04 32.09
CA ALA E 224 8.15 3.18 31.72
C ALA E 224 7.40 1.85 31.82
N VAL E 225 8.02 0.75 31.39
CA VAL E 225 7.36 -0.55 31.47
C VAL E 225 7.12 -0.92 32.92
N ARG E 226 8.14 -0.75 33.76
CA ARG E 226 8.03 -1.10 35.18
C ARG E 226 6.94 -0.27 35.86
N LEU E 227 6.93 1.03 35.62
CA LEU E 227 5.94 1.90 36.26
C LEU E 227 4.53 1.60 35.78
N GLY E 228 4.35 1.41 34.48
CA GLY E 228 3.02 1.12 33.97
C GLY E 228 2.49 -0.19 34.51
N ALA E 229 3.35 -1.23 34.54
CA ALA E 229 2.95 -2.53 35.07
C ALA E 229 2.63 -2.44 36.56
N GLN E 230 3.48 -1.74 37.31
CA GLN E 230 3.23 -1.57 38.74
C GLN E 230 1.93 -0.81 38.98
N ALA E 231 1.68 0.23 38.19
CA ALA E 231 0.43 0.99 38.30
C ALA E 231 -0.77 0.08 38.08
N LEU E 232 -0.74 -0.77 37.05
CA LEU E 232 -1.86 -1.67 36.80
C LEU E 232 -2.00 -2.71 37.91
N LEU E 233 -0.90 -3.32 38.34
CA LEU E 233 -1.00 -4.29 39.43
C LEU E 233 -1.62 -3.66 40.66
N GLY E 234 -1.08 -2.51 41.08
CA GLY E 234 -1.55 -1.91 42.32
C GLY E 234 -3.02 -1.52 42.24
N ALA E 235 -3.44 -0.97 41.11
CA ALA E 235 -4.84 -0.59 40.94
C ALA E 235 -5.76 -1.82 41.01
N ALA E 236 -5.39 -2.89 40.30
CA ALA E 236 -6.19 -4.12 40.36
C ALA E 236 -6.24 -4.66 41.78
N LYS E 237 -5.10 -4.67 42.48
CA LYS E 237 -5.10 -5.12 43.87
C LYS E 237 -6.00 -4.25 44.72
N MET E 238 -5.94 -2.92 44.52
CA MET E 238 -6.81 -2.01 45.26
C MET E 238 -8.27 -2.37 45.10
N LEU E 239 -8.70 -2.56 43.85
CA LEU E 239 -10.11 -2.91 43.59
C LEU E 239 -10.46 -4.23 44.26
N LEU E 240 -9.60 -5.24 44.13
CA LEU E 240 -9.87 -6.53 44.74
C LEU E 240 -9.99 -6.43 46.26
N HIS E 241 -9.22 -5.54 46.89
CA HIS E 241 -9.27 -5.40 48.34
C HIS E 241 -10.29 -4.38 48.82
N SER E 242 -10.99 -3.73 47.92
CA SER E 242 -11.96 -2.70 48.26
C SER E 242 -13.37 -3.24 48.12
N GLU E 243 -14.28 -2.75 48.95
CA GLU E 243 -15.69 -3.01 48.70
C GLU E 243 -16.29 -1.99 47.73
N GLN E 244 -15.50 -1.03 47.28
CA GLN E 244 -16.01 0.13 46.55
C GLN E 244 -16.07 -0.14 45.06
N HIS E 245 -16.99 0.58 44.41
CA HIS E 245 -17.15 0.54 42.97
C HIS E 245 -15.90 1.08 42.26
N PRO E 246 -15.55 0.54 41.10
CA PRO E 246 -14.37 1.08 40.37
C PRO E 246 -14.51 2.56 40.00
N GLY E 247 -15.72 3.06 39.76
CA GLY E 247 -15.88 4.48 39.52
C GLY E 247 -15.63 5.30 40.77
N GLN E 248 -16.03 4.77 41.94
CA GLN E 248 -15.73 5.45 43.19
C GLN E 248 -14.22 5.54 43.42
N LEU E 249 -13.50 4.47 43.12
CA LEU E 249 -12.05 4.52 43.25
C LEU E 249 -11.46 5.50 42.24
N LYS E 250 -12.02 5.54 41.04
CA LYS E 250 -11.60 6.53 40.05
C LYS E 250 -11.86 7.94 40.55
N ASP E 251 -13.05 8.19 41.12
CA ASP E 251 -13.37 9.48 41.74
C ASP E 251 -12.35 9.84 42.80
N ASN E 252 -11.99 8.87 43.65
CA ASN E 252 -11.05 9.12 44.73
C ASN E 252 -9.71 9.64 44.22
N VAL E 253 -9.31 9.25 43.02
CA VAL E 253 -7.99 9.61 42.52
C VAL E 253 -8.03 10.70 41.45
N SER E 254 -9.20 11.26 41.16
CA SER E 254 -9.33 12.28 40.11
C SER E 254 -9.51 13.64 40.78
N SER E 255 -8.39 14.31 41.04
CA SER E 255 -8.40 15.60 41.70
C SER E 255 -9.03 16.67 40.81
N PRO E 256 -9.84 17.57 41.36
CA PRO E 256 -10.50 18.58 40.52
C PRO E 256 -9.52 19.43 39.72
N GLY E 257 -9.78 19.53 38.40
CA GLY E 257 -8.97 20.29 37.49
C GLY E 257 -7.60 19.72 37.18
N GLY E 258 -7.26 18.55 37.73
CA GLY E 258 -5.91 18.05 37.72
C GLY E 258 -5.54 17.23 36.49
N ALA E 259 -4.36 16.62 36.57
CA ALA E 259 -3.80 15.87 35.44
C ALA E 259 -4.61 14.61 35.16
N THR E 260 -5.00 13.88 36.20
CA THR E 260 -5.66 12.61 35.99
C THR E 260 -7.01 12.80 35.29
N ILE E 261 -7.80 13.79 35.71
CA ILE E 261 -9.11 13.99 35.10
C ILE E 261 -8.97 14.50 33.66
N HIS E 262 -7.92 15.27 33.37
CA HIS E 262 -7.65 15.62 31.97
C HIS E 262 -7.36 14.36 31.13
N ALA E 263 -6.57 13.43 31.68
CA ALA E 263 -6.25 12.21 30.93
C ALA E 263 -7.47 11.30 30.77
N LEU E 264 -8.31 11.22 31.81
CA LEU E 264 -9.53 10.44 31.70
C LEU E 264 -10.41 10.95 30.58
N HIS E 265 -10.49 12.27 30.42
CA HIS E 265 -11.29 12.83 29.35
C HIS E 265 -10.81 12.35 27.99
N VAL E 266 -9.49 12.34 27.76
CA VAL E 266 -9.07 11.94 26.41
C VAL E 266 -9.35 10.45 26.17
N LEU E 267 -9.31 9.62 27.22
CA LEU E 267 -9.74 8.23 27.07
C LEU E 267 -11.22 8.14 26.70
N GLU E 268 -12.06 8.89 27.42
CA GLU E 268 -13.49 8.93 27.09
C GLU E 268 -13.73 9.40 25.67
N SER E 269 -12.96 10.39 25.20
CA SER E 269 -13.22 10.93 23.86
C SER E 269 -12.92 9.90 22.77
N GLY E 270 -12.06 8.93 23.05
CA GLY E 270 -11.84 7.86 22.09
C GLY E 270 -12.71 6.64 22.28
N GLY E 271 -13.71 6.71 23.16
CA GLY E 271 -14.52 5.54 23.42
C GLY E 271 -13.76 4.41 24.06
N PHE E 272 -12.78 4.72 24.93
CA PHE E 272 -11.94 3.70 25.57
C PHE E 272 -12.77 2.57 26.17
N ARG E 273 -13.81 2.94 26.93
CA ARG E 273 -14.64 1.92 27.58
C ARG E 273 -15.27 1.00 26.55
N SER E 274 -15.80 1.57 25.46
CA SER E 274 -16.48 0.75 24.49
C SER E 274 -15.53 -0.23 23.81
N LEU E 275 -14.25 0.13 23.70
CA LEU E 275 -13.31 -0.78 23.06
C LEU E 275 -13.12 -2.03 23.89
N LEU E 276 -13.03 -1.89 25.22
CA LEU E 276 -12.89 -3.07 26.07
C LEU E 276 -14.17 -3.89 26.09
N ILE E 277 -15.33 -3.23 26.08
CA ILE E 277 -16.59 -3.98 25.92
C ILE E 277 -16.57 -4.75 24.59
N ASN E 278 -16.18 -4.07 23.51
CA ASN E 278 -16.04 -4.73 22.21
C ASN E 278 -15.16 -5.96 22.31
N ALA E 279 -14.06 -5.86 23.04
CA ALA E 279 -13.10 -6.96 23.11
C ALA E 279 -13.69 -8.17 23.82
N VAL E 280 -14.27 -7.97 25.00
CA VAL E 280 -14.92 -9.09 25.69
C VAL E 280 -15.95 -9.75 24.79
N GLU E 281 -16.79 -8.93 24.14
CA GLU E 281 -17.82 -9.45 23.26
C GLU E 281 -17.21 -10.25 22.11
N ALA E 282 -16.19 -9.71 21.47
CA ALA E 282 -15.61 -10.37 20.31
C ALA E 282 -14.95 -11.70 20.69
N SER E 283 -14.24 -11.73 21.81
CA SER E 283 -13.63 -12.98 22.25
C SER E 283 -14.70 -14.01 22.63
N CYS E 284 -15.71 -13.59 23.39
CA CYS E 284 -16.83 -14.49 23.71
C CYS E 284 -17.51 -15.01 22.44
N ILE E 285 -17.81 -14.13 21.50
CA ILE E 285 -18.53 -14.56 20.31
C ILE E 285 -17.68 -15.53 19.48
N ARG E 286 -16.38 -15.25 19.38
CA ARG E 286 -15.49 -16.16 18.65
C ARG E 286 -15.43 -17.51 19.34
N THR E 287 -15.40 -17.51 20.66
CA THR E 287 -15.39 -18.77 21.42
C THR E 287 -16.64 -19.61 21.10
N ARG E 288 -17.81 -18.96 21.13
CA ARG E 288 -19.04 -19.67 20.81
C ARG E 288 -19.04 -20.14 19.36
N GLU E 289 -18.58 -19.27 18.45
CA GLU E 289 -18.59 -19.55 17.02
C GLU E 289 -17.72 -20.75 16.68
N LEU E 290 -16.55 -20.85 17.32
CA LEU E 290 -15.68 -21.99 17.07
C LEU E 290 -16.36 -23.28 17.48
N GLN E 291 -17.08 -23.28 18.61
CA GLN E 291 -17.73 -24.50 19.05
C GLN E 291 -18.88 -24.88 18.12
N SER E 292 -19.61 -23.88 17.62
CA SER E 292 -20.69 -24.17 16.66
C SER E 292 -20.13 -24.84 15.40
N MET E 293 -18.93 -24.44 14.97
CA MET E 293 -18.29 -25.12 13.85
C MET E 293 -17.86 -26.53 14.23
N ALA E 294 -17.37 -26.71 15.46
CA ALA E 294 -17.03 -28.04 15.94
C ALA E 294 -18.23 -28.98 15.84
N ASP E 295 -19.38 -28.54 16.33
CA ASP E 295 -20.58 -29.39 16.36
C ASP E 295 -21.43 -29.23 15.10
#